data_9FG6
#
_entry.id   9FG6
#
_cell.length_a   1.00
_cell.length_b   1.00
_cell.length_c   1.00
_cell.angle_alpha   90.00
_cell.angle_beta   90.00
_cell.angle_gamma   90.00
#
_symmetry.space_group_name_H-M   'P 1'
#
loop_
_entity.id
_entity.type
_entity.pdbx_description
1 polymer 'Gamma-aminobutyric acid receptor subunit alpha-1'
2 polymer 'Gamma-aminobutyric acid receptor subunit beta-3'
3 branched alpha-D-mannopyranose-(1-3)-[alpha-D-mannopyranose-(1-6)]beta-D-mannopyranose-(1-4)-2-acetamido-2-deoxy-beta-D-glucopyranose-(1-4)-2-acetamido-2-deoxy-beta-D-glucopyranose
4 branched 2-acetamido-2-deoxy-beta-D-glucopyranose-(1-4)-2-acetamido-2-deoxy-beta-D-glucopyranose
5 non-polymer '[(2R)-2-octanoyloxy-3-[oxidanyl-[(1R,2R,3S,4R,5R,6S)-2,3,6-tris(oxidanyl)-4,5-diphosphonooxy-cyclohexyl]oxy-phosphoryl]oxy-propyl] octanoate'
6 non-polymer 'GAMMA-AMINO-BUTANOIC ACID'
7 non-polymer HISTAMINE
#
loop_
_entity_poly.entity_id
_entity_poly.type
_entity_poly.pdbx_seq_one_letter_code
_entity_poly.pdbx_strand_id
1 'polypeptide(L)'
;MKKSPGLSDYLWAWTLFLSTLTGRSYGDYKDDDDKQPSLQDELKDNTTVFTRILDRLLDGYDNRLRPGLGERVTEVKTDI
FVTSFGPVSDHDMEYTIDVFFRQSWKDERLKFKGPMTVLRLNNLMASKIWTPDTFFHNGKKSVAHNMTMPNKLLRITEDG
TLLYTMRLTVRAECPMHLEDFPMDAHACPLKFGSYAYTRAEVVYEWTREPARSVVVAEDGSRLNQYDLLGQTVDSGIVQS
STGEYVVMTTHFHLKRKIGYFVIQTYLPCIMTVILSQVSFWLNRESVPARTVFGVTTVLTMTTLSISARNSLPKVAYATA
MDWFIAVCYAFVFSALIEFATVNYFTKRGYAWDGKSVVPEKPKKVKDPLIKKNNTYAPTATSYTPNLARGDPGLATIAKS
ATIEPKEVKPETKPPEPKKTFNSVSKIDRLSRIAFPLLFGIFNLVYWATYLNREPQLKAPTPHQ
;
A,D
2 'polypeptide(L)'
;MCSGLLELLLPIWLSWTLGTRGSEPRSVNDPGNMSFVKETVDKLLKGYDIRLRPDFGGPPVCVGMNIDIASIDMVSEVNM
DYTLTMYFQQYWRDKRLAYSGIPLNLTLDNRVADQLWVPDTYFLNDKKSFVHGVTVKNRMIRLHPDGTVLYGLRITTTAA
CMMDLRRYPLDEQNCTLEIESYGYTTDDIEFYWRGGDKAVTGVERIELPQFSIVEHRLVSRNVVFATGAYPRLSLSFRLK
RNIGYFILQTYMPSILITILSWVSFWINYDASAARVALGITTVLTMTTINTHLRETLPKIPYVKAIDMYLMGCFVFVFLA
LLEYAFVNYIFFGRGPQRQKKLAEKTAKAKNDRSKSESNRVDAHGNILLTSLEVHNEMNEVSGGIGDTRNSAISFDNSGI
QYRKQSMPREGHGRFLGDRSLPHKKTHLRRRSSQLKIKIPDLTDVNAIDRWSRIVFPFTFSLFNLVYWLYYVN
;
B,C,E
#
# COMPACT_ATOMS: atom_id res chain seq x y z
N THR A 47 11.19 -40.18 31.51
CA THR A 47 10.66 -38.83 31.42
C THR A 47 10.43 -38.21 32.79
N THR A 48 9.93 -39.03 33.73
CA THR A 48 9.67 -38.53 35.08
C THR A 48 10.96 -38.07 35.75
N VAL A 49 12.04 -38.85 35.61
CA VAL A 49 13.32 -38.46 36.19
C VAL A 49 13.79 -37.16 35.57
N PHE A 50 13.67 -37.05 34.24
CA PHE A 50 14.04 -35.82 33.55
C PHE A 50 13.14 -34.65 33.96
N THR A 51 11.85 -34.91 34.15
CA THR A 51 10.92 -33.83 34.46
C THR A 51 11.27 -33.21 35.81
N ARG A 52 11.69 -34.01 36.77
CA ARG A 52 11.98 -33.47 38.09
C ARG A 52 13.14 -32.48 38.01
N ILE A 53 14.15 -32.78 37.17
CA ILE A 53 15.30 -31.89 37.05
C ILE A 53 14.86 -30.51 36.56
N LEU A 54 13.96 -30.47 35.58
CA LEU A 54 13.50 -29.19 35.02
C LEU A 54 12.80 -28.38 36.09
N ASP A 55 11.87 -29.01 36.81
CA ASP A 55 11.13 -28.31 37.86
C ASP A 55 12.07 -27.83 38.95
N ARG A 56 13.18 -28.56 39.18
CA ARG A 56 14.09 -28.14 40.23
C ARG A 56 14.93 -26.97 39.75
N LEU A 57 15.16 -26.86 38.44
CA LEU A 57 16.12 -25.87 37.95
C LEU A 57 15.66 -24.48 38.34
N LEU A 58 14.39 -24.17 38.07
CA LEU A 58 13.82 -22.84 38.27
C LEU A 58 13.31 -22.67 39.70
N ASP A 59 13.79 -23.47 40.63
CA ASP A 59 13.38 -23.39 42.02
C ASP A 59 14.12 -22.25 42.71
N GLY A 60 13.36 -21.22 43.10
CA GLY A 60 14.01 -20.09 43.73
C GLY A 60 14.71 -19.22 42.70
N TYR A 61 14.44 -19.46 41.42
CA TYR A 61 15.09 -18.76 40.33
C TYR A 61 14.33 -17.47 40.07
N ASP A 62 15.06 -16.36 40.05
CA ASP A 62 14.52 -15.04 39.76
C ASP A 62 14.99 -14.63 38.37
N ASN A 63 14.06 -14.61 37.42
CA ASN A 63 14.41 -14.26 36.05
C ASN A 63 14.54 -12.76 35.85
N ARG A 64 14.21 -11.96 36.85
CA ARG A 64 14.38 -10.52 36.79
C ARG A 64 15.81 -10.06 37.08
N LEU A 65 16.69 -10.97 37.49
CA LEU A 65 18.07 -10.65 37.83
C LEU A 65 19.02 -11.36 36.89
N ARG A 66 19.96 -10.62 36.33
CA ARG A 66 20.95 -11.19 35.43
C ARG A 66 21.91 -12.08 36.20
N PRO A 67 22.53 -13.06 35.51
CA PRO A 67 23.51 -13.92 36.19
C PRO A 67 24.66 -13.10 36.76
N GLY A 68 25.09 -13.47 37.96
CA GLY A 68 26.17 -12.78 38.62
C GLY A 68 25.85 -11.33 38.95
N LEU A 69 24.60 -11.02 39.28
CA LEU A 69 24.22 -9.66 39.61
C LEU A 69 25.00 -9.18 40.83
N GLY A 70 25.57 -7.99 40.74
CA GLY A 70 26.35 -7.45 41.84
C GLY A 70 27.58 -8.26 42.17
N GLU A 71 28.01 -9.14 41.29
CA GLU A 71 29.14 -10.03 41.51
C GLU A 71 30.17 -9.99 40.39
N ARG A 72 29.73 -9.81 39.15
CA ARG A 72 30.63 -9.80 37.99
C ARG A 72 29.83 -9.31 36.79
N VAL A 73 30.50 -9.25 35.64
CA VAL A 73 29.91 -8.80 34.39
C VAL A 73 29.42 -10.01 33.62
N THR A 74 28.18 -9.94 33.15
CA THR A 74 27.62 -11.02 32.33
C THR A 74 28.13 -10.91 30.90
N GLU A 75 28.90 -11.90 30.47
CA GLU A 75 29.50 -11.92 29.15
C GLU A 75 28.59 -12.71 28.20
N VAL A 76 28.23 -12.10 27.08
CA VAL A 76 27.35 -12.70 26.10
C VAL A 76 28.13 -12.89 24.81
N LYS A 77 28.28 -14.14 24.38
CA LYS A 77 28.93 -14.46 23.11
C LYS A 77 27.86 -14.63 22.04
N THR A 78 28.01 -13.90 20.93
CA THR A 78 26.98 -13.82 19.91
C THR A 78 27.57 -14.12 18.54
N ASP A 79 26.76 -14.71 17.68
CA ASP A 79 27.10 -14.89 16.28
C ASP A 79 25.81 -14.86 15.48
N ILE A 80 25.93 -14.54 14.19
CA ILE A 80 24.78 -14.39 13.32
C ILE A 80 24.97 -15.27 12.10
N PHE A 81 23.89 -15.93 11.67
CA PHE A 81 23.85 -16.67 10.41
C PHE A 81 22.74 -16.07 9.56
N VAL A 82 23.13 -15.28 8.56
CA VAL A 82 22.17 -14.61 7.70
C VAL A 82 21.61 -15.63 6.72
N THR A 83 20.33 -15.99 6.88
CA THR A 83 19.72 -16.94 5.97
C THR A 83 19.36 -16.27 4.64
N SER A 84 19.06 -14.98 4.65
CA SER A 84 18.74 -14.26 3.42
C SER A 84 18.88 -12.77 3.69
N PHE A 85 19.82 -12.13 2.99
CA PHE A 85 19.98 -10.68 3.05
C PHE A 85 18.92 -10.05 2.17
N GLY A 86 17.79 -9.66 2.78
CA GLY A 86 16.61 -9.26 2.04
C GLY A 86 16.78 -8.02 1.18
N PRO A 87 15.67 -7.53 0.64
CA PRO A 87 15.73 -6.39 -0.28
C PRO A 87 16.19 -5.11 0.41
N VAL A 88 16.80 -4.24 -0.38
CA VAL A 88 17.22 -2.92 0.07
C VAL A 88 16.32 -1.88 -0.58
N SER A 89 15.82 -0.93 0.21
CA SER A 89 14.90 0.09 -0.26
C SER A 89 15.60 1.45 -0.26
N ASP A 90 15.84 2.00 -1.44
CA ASP A 90 16.43 3.32 -1.57
C ASP A 90 15.47 4.42 -1.12
N HIS A 91 14.18 4.27 -1.42
CA HIS A 91 13.20 5.28 -1.04
C HIS A 91 13.09 5.42 0.47
N ASP A 92 13.07 4.31 1.19
CA ASP A 92 12.94 4.31 2.64
C ASP A 92 14.29 4.34 3.35
N MET A 93 15.40 4.18 2.63
CA MET A 93 16.74 4.13 3.22
C MET A 93 16.79 3.09 4.32
N GLU A 94 16.38 1.86 3.96
CA GLU A 94 16.32 0.75 4.89
C GLU A 94 16.58 -0.53 4.09
N TYR A 95 16.96 -1.59 4.82
CA TYR A 95 17.17 -2.88 4.20
C TYR A 95 16.59 -3.95 5.12
N THR A 96 16.20 -5.07 4.52
CA THR A 96 15.69 -6.21 5.25
C THR A 96 16.76 -7.28 5.36
N ILE A 97 16.75 -8.03 6.44
CA ILE A 97 17.74 -9.07 6.68
C ILE A 97 17.11 -10.16 7.55
N ASP A 98 17.19 -11.40 7.06
CA ASP A 98 16.72 -12.56 7.80
C ASP A 98 17.93 -13.26 8.40
N VAL A 99 17.90 -13.46 9.72
CA VAL A 99 19.06 -13.93 10.46
C VAL A 99 18.64 -15.01 11.44
N PHE A 100 19.61 -15.86 11.80
CA PHE A 100 19.53 -16.70 12.99
C PHE A 100 20.39 -16.00 14.04
N PHE A 101 19.75 -15.29 14.94
CA PHE A 101 20.45 -14.51 15.97
C PHE A 101 20.77 -15.43 17.13
N ARG A 102 22.04 -15.81 17.25
CA ARG A 102 22.49 -16.74 18.27
C ARG A 102 23.19 -15.98 19.39
N GLN A 103 22.73 -16.20 20.62
CA GLN A 103 23.30 -15.60 21.80
C GLN A 103 23.74 -16.71 22.75
N SER A 104 24.91 -16.53 23.36
CA SER A 104 25.40 -17.51 24.31
C SER A 104 25.94 -16.80 25.54
N TRP A 105 25.68 -17.37 26.71
CA TRP A 105 26.17 -16.84 27.97
C TRP A 105 26.15 -17.96 28.99
N LYS A 106 26.58 -17.65 30.20
CA LYS A 106 26.67 -18.64 31.27
C LYS A 106 25.81 -18.20 32.45
N ASP A 107 25.08 -19.15 33.01
CA ASP A 107 24.26 -18.92 34.20
C ASP A 107 24.48 -20.09 35.14
N GLU A 108 25.20 -19.85 36.24
CA GLU A 108 25.54 -20.93 37.14
C GLU A 108 24.29 -21.52 37.81
N ARG A 109 23.23 -20.73 37.91
CA ARG A 109 22.00 -21.21 38.53
C ARG A 109 21.34 -22.33 37.75
N LEU A 110 21.75 -22.56 36.50
CA LEU A 110 21.12 -23.55 35.63
C LEU A 110 22.02 -24.77 35.37
N LYS A 111 23.01 -24.99 36.22
CA LYS A 111 23.79 -26.21 36.14
C LYS A 111 22.90 -27.43 36.41
N PHE A 112 23.20 -28.53 35.75
CA PHE A 112 22.43 -29.75 35.95
C PHE A 112 23.33 -30.96 35.73
N LYS A 113 22.87 -32.10 36.26
CA LYS A 113 23.54 -33.38 36.10
C LYS A 113 22.52 -34.42 35.65
N GLY A 114 22.90 -35.23 34.67
CA GLY A 114 22.03 -36.25 34.14
C GLY A 114 22.65 -37.02 33.00
N PRO A 115 21.87 -37.95 32.41
CA PRO A 115 22.40 -38.73 31.28
C PRO A 115 22.84 -37.90 30.09
N MET A 116 22.14 -36.83 29.76
CA MET A 116 22.46 -36.04 28.57
C MET A 116 23.30 -34.83 28.96
N THR A 117 24.23 -34.46 28.08
CA THR A 117 25.08 -33.30 28.35
C THR A 117 24.56 -32.03 27.71
N VAL A 118 23.52 -32.12 26.87
CA VAL A 118 22.92 -30.97 26.21
C VAL A 118 21.41 -31.19 26.20
N LEU A 119 20.66 -30.14 26.51
CA LEU A 119 19.21 -30.21 26.50
C LEU A 119 18.67 -29.21 25.49
N ARG A 120 17.73 -29.63 24.65
CA ARG A 120 17.07 -28.67 23.77
C ARG A 120 15.76 -28.25 24.43
N LEU A 121 15.74 -27.03 24.96
CA LEU A 121 14.57 -26.49 25.62
C LEU A 121 13.48 -26.10 24.63
N ASN A 122 12.24 -26.15 25.13
CA ASN A 122 11.06 -25.70 24.40
C ASN A 122 11.00 -24.18 24.41
N ASN A 123 10.12 -23.65 23.55
CA ASN A 123 9.90 -22.21 23.45
C ASN A 123 9.37 -21.63 24.76
N LEU A 124 8.52 -22.39 25.46
CA LEU A 124 8.02 -22.00 26.77
C LEU A 124 9.13 -21.87 27.82
N MET A 125 10.09 -22.79 27.83
CA MET A 125 11.18 -22.67 28.80
C MET A 125 12.00 -21.39 28.62
N ALA A 126 12.30 -21.00 27.39
CA ALA A 126 13.11 -19.80 27.18
C ALA A 126 12.49 -18.56 27.83
N SER A 127 11.15 -18.50 27.87
CA SER A 127 10.51 -17.34 28.49
C SER A 127 10.45 -17.44 30.01
N LYS A 128 10.82 -18.59 30.59
CA LYS A 128 10.78 -18.69 32.04
C LYS A 128 12.09 -18.28 32.70
N ILE A 129 13.13 -18.05 31.90
CA ILE A 129 14.45 -17.77 32.43
C ILE A 129 14.94 -16.41 31.92
N TRP A 130 16.02 -15.92 32.51
CA TRP A 130 16.56 -14.62 32.14
C TRP A 130 17.36 -14.75 30.86
N THR A 131 17.07 -13.89 29.90
CA THR A 131 17.81 -13.79 28.65
C THR A 131 18.20 -12.34 28.41
N PRO A 132 19.27 -12.10 27.65
CA PRO A 132 19.68 -10.72 27.38
C PRO A 132 18.59 -9.95 26.66
N ASP A 133 18.48 -8.66 27.00
CA ASP A 133 17.53 -7.77 26.35
C ASP A 133 18.19 -7.07 25.17
N THR A 134 18.67 -7.89 24.23
CA THR A 134 19.29 -7.37 23.03
C THR A 134 18.27 -6.72 22.12
N PHE A 135 18.62 -5.57 21.56
CA PHE A 135 17.81 -4.88 20.59
C PHE A 135 18.75 -4.34 19.51
N PHE A 136 18.18 -3.90 18.41
CA PHE A 136 18.96 -3.35 17.30
C PHE A 136 18.88 -1.83 17.30
N HIS A 137 20.04 -1.18 17.38
CA HIS A 137 20.08 0.26 17.57
C HIS A 137 19.45 1.00 16.39
N ASN A 138 19.73 0.54 15.17
CA ASN A 138 19.19 1.16 13.97
C ASN A 138 18.02 0.39 13.39
N GLY A 139 17.39 -0.48 14.18
CA GLY A 139 16.23 -1.20 13.70
C GLY A 139 15.02 -0.30 13.56
N LYS A 140 14.19 -0.59 12.56
CA LYS A 140 12.97 0.17 12.31
C LYS A 140 11.71 -0.58 12.69
N LYS A 141 11.52 -1.79 12.16
CA LYS A 141 10.38 -2.62 12.53
C LYS A 141 10.75 -4.07 12.29
N SER A 142 11.19 -4.75 13.35
CA SER A 142 11.64 -6.12 13.25
C SER A 142 10.47 -7.08 13.49
N VAL A 143 10.65 -8.33 13.09
CA VAL A 143 9.62 -9.35 13.22
C VAL A 143 10.26 -10.59 13.83
N ALA A 144 9.66 -11.08 14.92
CA ALA A 144 9.96 -12.39 15.45
C ALA A 144 8.92 -13.38 14.96
N HIS A 145 9.36 -14.38 14.21
CA HIS A 145 8.46 -15.30 13.53
C HIS A 145 7.82 -16.27 14.53
N ASN A 146 6.51 -16.45 14.41
CA ASN A 146 5.74 -17.21 15.40
C ASN A 146 4.93 -18.32 14.72
N MET A 147 5.46 -18.85 13.61
CA MET A 147 4.81 -19.89 12.82
C MET A 147 5.75 -21.07 12.66
N THR A 148 5.25 -22.28 12.91
CA THR A 148 3.92 -22.50 13.48
C THR A 148 3.97 -22.22 14.98
N MET A 149 5.15 -22.44 15.54
CA MET A 149 5.52 -22.14 16.91
C MET A 149 6.54 -21.01 16.94
N PRO A 150 6.86 -20.48 18.12
CA PRO A 150 7.93 -19.47 18.20
C PRO A 150 9.25 -20.00 17.67
N ASN A 151 9.83 -19.24 16.74
CA ASN A 151 11.09 -19.56 16.06
C ASN A 151 12.27 -19.24 16.98
N LYS A 152 12.33 -19.97 18.09
CA LYS A 152 13.35 -19.81 19.11
C LYS A 152 13.87 -21.17 19.53
N LEU A 153 15.09 -21.18 20.05
CA LEU A 153 15.72 -22.37 20.58
C LEU A 153 16.71 -22.03 21.68
N LEU A 154 16.58 -22.75 22.79
CA LEU A 154 17.43 -22.57 23.97
C LEU A 154 18.03 -23.91 24.38
N ARG A 155 19.35 -23.99 24.39
CA ARG A 155 20.03 -25.20 24.82
C ARG A 155 20.83 -24.91 26.09
N ILE A 156 20.99 -25.93 26.93
CA ILE A 156 21.77 -25.82 28.16
C ILE A 156 22.74 -26.98 28.21
N THR A 157 24.03 -26.66 28.40
CA THR A 157 25.02 -27.69 28.65
C THR A 157 25.11 -27.94 30.16
N GLU A 158 25.64 -29.10 30.52
CA GLU A 158 25.74 -29.46 31.94
C GLU A 158 26.46 -28.39 32.74
N ASP A 159 27.46 -27.74 32.15
CA ASP A 159 28.24 -26.71 32.81
C ASP A 159 27.44 -25.44 33.07
N GLY A 160 26.23 -25.33 32.51
CA GLY A 160 25.45 -24.13 32.62
C GLY A 160 25.59 -23.15 31.47
N THR A 161 26.19 -23.57 30.36
CA THR A 161 26.31 -22.72 29.18
C THR A 161 25.00 -22.76 28.41
N LEU A 162 24.43 -21.60 28.12
CA LEU A 162 23.18 -21.49 27.40
C LEU A 162 23.43 -21.03 25.97
N LEU A 163 22.97 -21.83 25.01
CA LEU A 163 22.90 -21.42 23.61
C LEU A 163 21.46 -21.05 23.29
N TYR A 164 21.25 -19.84 22.80
CA TYR A 164 19.91 -19.28 22.62
C TYR A 164 19.84 -18.68 21.23
N THR A 165 18.96 -19.22 20.40
CA THR A 165 18.83 -18.79 19.01
C THR A 165 17.39 -18.37 18.72
N MET A 166 17.23 -17.45 17.78
CA MET A 166 15.92 -17.02 17.32
C MET A 166 16.02 -16.59 15.87
N ARG A 167 14.89 -16.66 15.17
CA ARG A 167 14.82 -16.30 13.77
C ARG A 167 14.07 -14.98 13.62
N LEU A 168 14.73 -13.98 13.07
CA LEU A 168 14.24 -12.62 13.04
C LEU A 168 14.31 -12.08 11.61
N THR A 169 13.34 -11.25 11.27
CA THR A 169 13.39 -10.41 10.08
C THR A 169 13.51 -8.99 10.58
N VAL A 170 14.65 -8.37 10.29
CA VAL A 170 15.00 -7.05 10.82
C VAL A 170 14.98 -6.04 9.70
N ARG A 171 14.20 -4.98 9.87
CA ARG A 171 14.34 -3.78 9.07
C ARG A 171 15.25 -2.81 9.82
N ALA A 172 16.28 -2.31 9.14
CA ALA A 172 17.29 -1.49 9.79
C ALA A 172 17.55 -0.23 8.98
N GLU A 173 18.01 0.80 9.67
CA GLU A 173 18.31 2.07 9.01
C GLU A 173 19.67 1.97 8.32
N CYS A 174 19.70 2.38 7.06
CA CYS A 174 20.94 2.44 6.29
C CYS A 174 21.02 3.81 5.64
N PRO A 175 21.61 4.80 6.33
CA PRO A 175 21.75 6.12 5.72
C PRO A 175 22.62 6.02 4.47
N MET A 176 22.10 6.54 3.36
CA MET A 176 22.75 6.45 2.06
C MET A 176 23.10 7.84 1.55
N HIS A 177 24.35 8.03 1.15
CA HIS A 177 24.79 9.22 0.46
C HIS A 177 24.76 8.89 -1.02
N LEU A 178 23.77 9.44 -1.73
CA LEU A 178 23.46 9.05 -3.10
C LEU A 178 24.05 10.02 -4.12
N GLU A 179 25.19 10.63 -3.82
CA GLU A 179 25.81 11.55 -4.78
C GLU A 179 26.24 10.83 -6.05
N ASP A 180 26.76 9.61 -5.92
CA ASP A 180 27.23 8.86 -7.08
C ASP A 180 26.17 7.94 -7.67
N PHE A 181 24.91 8.05 -7.23
CA PHE A 181 23.82 7.23 -7.73
C PHE A 181 23.68 7.37 -9.24
N PRO A 182 23.48 6.27 -9.98
CA PRO A 182 23.29 4.88 -9.53
C PRO A 182 24.60 4.09 -9.49
N MET A 183 25.74 4.76 -9.45
CA MET A 183 27.05 4.12 -9.43
C MET A 183 27.67 4.27 -8.05
N ASP A 184 26.84 4.10 -7.02
CA ASP A 184 27.20 4.33 -5.63
C ASP A 184 27.35 3.00 -4.91
N ALA A 185 28.13 3.03 -3.84
CA ALA A 185 28.26 1.90 -2.93
C ALA A 185 27.98 2.38 -1.52
N HIS A 186 27.52 1.46 -0.68
CA HIS A 186 27.11 1.79 0.67
C HIS A 186 27.57 0.70 1.62
N ALA A 187 27.70 1.08 2.89
CA ALA A 187 27.98 0.13 3.97
C ALA A 187 26.79 0.22 4.92
N CYS A 188 25.85 -0.69 4.77
CA CYS A 188 24.67 -0.70 5.62
C CYS A 188 25.01 -1.35 6.95
N PRO A 189 24.84 -0.65 8.07
CA PRO A 189 25.24 -1.21 9.36
C PRO A 189 24.13 -2.01 10.01
N LEU A 190 24.53 -2.80 11.01
CA LEU A 190 23.61 -3.56 11.84
C LEU A 190 24.21 -3.58 13.25
N LYS A 191 23.70 -2.72 14.12
CA LYS A 191 24.22 -2.55 15.47
C LYS A 191 23.22 -3.10 16.47
N PHE A 192 23.72 -3.77 17.50
CA PHE A 192 22.85 -4.26 18.56
C PHE A 192 23.58 -4.22 19.90
N GLY A 193 22.82 -4.40 20.96
CA GLY A 193 23.35 -4.34 22.31
C GLY A 193 22.21 -4.42 23.30
N SER A 194 22.58 -4.28 24.58
CA SER A 194 21.61 -4.35 25.65
C SER A 194 20.90 -3.01 25.80
N TYR A 195 19.57 -3.03 25.81
CA TYR A 195 18.82 -1.79 25.99
C TYR A 195 19.01 -1.23 27.40
N ALA A 196 19.01 -2.08 28.42
CA ALA A 196 18.92 -1.65 29.81
C ALA A 196 20.21 -1.79 30.59
N TYR A 197 21.11 -2.69 30.21
CA TYR A 197 22.28 -3.03 31.01
C TYR A 197 23.50 -2.34 30.44
N THR A 198 24.19 -1.58 31.28
CA THR A 198 25.42 -0.92 30.88
C THR A 198 26.58 -1.93 30.81
N ARG A 199 27.69 -1.48 30.23
CA ARG A 199 28.84 -2.36 30.03
C ARG A 199 29.40 -2.89 31.34
N ALA A 200 29.15 -2.20 32.45
CA ALA A 200 29.55 -2.70 33.75
C ALA A 200 28.75 -3.92 34.18
N GLU A 201 27.66 -4.22 33.48
CA GLU A 201 26.79 -5.34 33.81
C GLU A 201 26.76 -6.40 32.73
N VAL A 202 26.52 -6.02 31.47
CA VAL A 202 26.46 -6.97 30.37
C VAL A 202 27.41 -6.50 29.27
N VAL A 203 28.31 -7.38 28.86
CA VAL A 203 29.20 -7.15 27.72
C VAL A 203 28.94 -8.21 26.67
N TYR A 204 28.96 -7.81 25.40
CA TYR A 204 28.80 -8.74 24.30
C TYR A 204 30.14 -9.03 23.62
N GLU A 205 30.23 -10.21 23.01
CA GLU A 205 31.41 -10.63 22.26
C GLU A 205 30.98 -11.58 21.15
N TRP A 206 31.86 -11.77 20.18
CA TRP A 206 31.65 -12.71 19.10
C TRP A 206 32.10 -14.11 19.50
N THR A 207 31.32 -15.12 19.09
CA THR A 207 31.63 -16.49 19.47
C THR A 207 33.00 -16.92 18.98
N ARG A 208 33.32 -16.59 17.73
CA ARG A 208 34.64 -16.88 17.17
C ARG A 208 35.24 -15.61 16.60
N GLU A 209 36.31 -15.75 15.81
CA GLU A 209 36.94 -14.60 15.18
C GLU A 209 35.87 -13.71 14.53
N PRO A 210 35.97 -12.39 14.67
CA PRO A 210 34.90 -11.53 14.16
C PRO A 210 34.59 -11.71 12.69
N ALA A 211 35.60 -12.00 11.86
CA ALA A 211 35.32 -12.20 10.44
C ALA A 211 34.50 -13.47 10.20
N ARG A 212 34.66 -14.48 11.06
CA ARG A 212 33.97 -15.74 10.93
C ARG A 212 32.74 -15.84 11.84
N SER A 213 32.34 -14.74 12.46
CA SER A 213 31.20 -14.73 13.36
C SER A 213 29.91 -14.34 12.67
N VAL A 214 29.98 -13.58 11.59
CA VAL A 214 28.80 -13.27 10.78
C VAL A 214 28.93 -14.08 9.50
N VAL A 215 28.02 -15.04 9.34
CA VAL A 215 28.04 -15.98 8.23
C VAL A 215 26.80 -15.76 7.37
N VAL A 216 26.99 -15.65 6.07
CA VAL A 216 25.90 -15.47 5.12
C VAL A 216 25.71 -16.80 4.39
N ALA A 217 24.46 -17.23 4.27
CA ALA A 217 24.16 -18.43 3.51
C ALA A 217 24.51 -18.25 2.04
N GLU A 218 24.96 -19.34 1.40
CA GLU A 218 25.37 -19.28 0.01
C GLU A 218 24.21 -18.85 -0.89
N ASP A 219 23.00 -19.31 -0.56
CA ASP A 219 21.79 -18.90 -1.28
C ASP A 219 21.05 -17.80 -0.54
N GLY A 220 21.79 -16.95 0.18
CA GLY A 220 21.20 -15.93 1.02
C GLY A 220 20.92 -14.61 0.33
N SER A 221 21.66 -14.30 -0.72
CA SER A 221 21.53 -13.00 -1.37
C SER A 221 20.15 -12.87 -2.00
N ARG A 222 19.31 -12.02 -1.41
CA ARG A 222 17.97 -11.74 -1.93
C ARG A 222 17.94 -10.33 -2.50
N LEU A 223 19.01 -9.96 -3.19
CA LEU A 223 19.19 -8.59 -3.67
C LEU A 223 18.94 -8.58 -5.17
N ASN A 224 18.12 -7.64 -5.62
CA ASN A 224 17.91 -7.56 -7.06
C ASN A 224 18.86 -6.56 -7.71
N GLN A 225 19.16 -5.47 -7.01
CA GLN A 225 19.91 -4.35 -7.57
C GLN A 225 21.28 -4.16 -6.91
N TYR A 226 21.70 -5.05 -6.04
CA TYR A 226 22.95 -4.89 -5.33
C TYR A 226 23.72 -6.20 -5.32
N ASP A 227 25.02 -6.10 -5.12
CA ASP A 227 25.90 -7.23 -4.86
C ASP A 227 26.47 -7.11 -3.46
N LEU A 228 26.40 -8.19 -2.68
CA LEU A 228 26.96 -8.20 -1.34
C LEU A 228 28.44 -8.53 -1.46
N LEU A 229 29.28 -7.49 -1.50
CA LEU A 229 30.72 -7.69 -1.64
C LEU A 229 31.30 -8.42 -0.44
N GLY A 230 30.85 -8.06 0.76
CA GLY A 230 31.38 -8.65 1.97
C GLY A 230 30.91 -7.87 3.18
N GLN A 231 31.55 -8.14 4.31
CA GLN A 231 31.21 -7.41 5.52
C GLN A 231 32.45 -7.23 6.38
N THR A 232 32.38 -6.24 7.26
CA THR A 232 33.37 -6.02 8.30
C THR A 232 32.68 -6.05 9.65
N VAL A 233 33.31 -6.71 10.61
CA VAL A 233 32.73 -6.94 11.92
C VAL A 233 33.58 -6.24 12.98
N ASP A 234 32.94 -5.41 13.81
CA ASP A 234 33.63 -4.58 14.78
C ASP A 234 32.80 -4.51 16.05
N SER A 235 33.37 -3.89 17.08
CA SER A 235 32.67 -3.64 18.33
C SER A 235 33.27 -2.40 18.99
N GLY A 236 32.48 -1.76 19.84
CA GLY A 236 32.93 -0.57 20.50
C GLY A 236 32.09 -0.23 21.72
N ILE A 237 32.10 1.05 22.07
CA ILE A 237 31.35 1.59 23.20
C ILE A 237 30.56 2.80 22.76
N VAL A 238 29.34 2.93 23.25
CA VAL A 238 28.49 4.09 22.99
C VAL A 238 28.04 4.66 24.33
N GLN A 239 28.10 5.97 24.45
CA GLN A 239 27.65 6.67 25.66
C GLN A 239 26.31 7.35 25.39
N SER A 240 25.38 7.20 26.32
CA SER A 240 24.08 7.85 26.21
C SER A 240 23.69 8.50 27.52
N SER A 241 22.47 9.01 27.62
CA SER A 241 22.02 9.66 28.84
C SER A 241 21.90 8.71 30.01
N THR A 242 21.85 7.40 29.77
CA THR A 242 21.67 6.42 30.82
C THR A 242 22.94 5.67 31.18
N GLY A 243 24.05 5.94 30.49
CA GLY A 243 25.33 5.33 30.79
C GLY A 243 26.01 4.87 29.52
N GLU A 244 27.03 4.03 29.70
CA GLU A 244 27.81 3.50 28.59
C GLU A 244 27.40 2.06 28.32
N TYR A 245 27.26 1.72 27.04
CA TYR A 245 26.81 0.40 26.63
C TYR A 245 27.73 -0.15 25.56
N VAL A 246 27.89 -1.47 25.57
CA VAL A 246 28.64 -2.15 24.52
C VAL A 246 27.76 -2.29 23.29
N VAL A 247 28.31 -1.95 22.13
CA VAL A 247 27.59 -2.02 20.87
C VAL A 247 28.39 -2.91 19.92
N MET A 248 27.73 -3.94 19.42
CA MET A 248 28.30 -4.82 18.40
C MET A 248 27.78 -4.38 17.04
N THR A 249 28.69 -4.19 16.10
CA THR A 249 28.34 -3.59 14.82
C THR A 249 28.78 -4.51 13.69
N THR A 250 28.04 -4.44 12.59
CA THR A 250 28.37 -5.16 11.38
C THR A 250 27.98 -4.29 10.20
N HIS A 251 28.89 -4.11 9.25
CA HIS A 251 28.62 -3.33 8.05
C HIS A 251 28.62 -4.26 6.86
N PHE A 252 27.54 -4.21 6.08
CA PHE A 252 27.43 -4.97 4.84
C PHE A 252 27.72 -4.02 3.69
N HIS A 253 28.76 -4.34 2.92
CA HIS A 253 29.19 -3.47 1.82
C HIS A 253 28.43 -3.87 0.56
N LEU A 254 27.70 -2.92 0.01
CA LEU A 254 26.84 -3.15 -1.14
C LEU A 254 27.27 -2.25 -2.28
N LYS A 255 27.16 -2.77 -3.50
CA LYS A 255 27.45 -2.00 -4.70
C LYS A 255 26.26 -2.17 -5.62
N ARG A 256 25.77 -1.06 -6.18
CA ARG A 256 24.56 -1.09 -6.98
C ARG A 256 24.83 -1.59 -8.39
N LYS A 257 23.93 -2.45 -8.86
CA LYS A 257 23.95 -2.91 -10.25
C LYS A 257 23.43 -1.78 -11.13
N ILE A 258 24.15 -1.51 -12.22
CA ILE A 258 23.84 -0.38 -13.08
C ILE A 258 23.02 -0.79 -14.29
N GLY A 259 22.94 -2.08 -14.60
CA GLY A 259 22.30 -2.49 -15.84
C GLY A 259 20.87 -2.03 -15.98
N TYR A 260 20.12 -1.96 -14.86
CA TYR A 260 18.74 -1.48 -14.96
C TYR A 260 18.71 -0.04 -15.47
N PHE A 261 19.58 0.81 -14.94
CA PHE A 261 19.53 2.21 -15.28
C PHE A 261 20.11 2.50 -16.65
N VAL A 262 20.95 1.60 -17.17
CA VAL A 262 21.48 1.77 -18.51
C VAL A 262 20.38 1.55 -19.54
N ILE A 263 19.60 0.47 -19.36
CA ILE A 263 18.54 0.17 -20.32
C ILE A 263 17.30 1.01 -20.11
N GLN A 264 17.08 1.51 -18.90
CA GLN A 264 15.87 2.28 -18.59
C GLN A 264 16.08 3.77 -18.76
N THR A 265 17.22 4.28 -18.30
CA THR A 265 17.50 5.72 -18.28
C THR A 265 18.60 6.11 -19.25
N TYR A 266 19.78 5.49 -19.14
CA TYR A 266 20.93 5.98 -19.91
C TYR A 266 20.73 5.76 -21.40
N LEU A 267 20.32 4.56 -21.80
CA LEU A 267 20.16 4.29 -23.23
C LEU A 267 19.06 5.15 -23.85
N PRO A 268 17.84 5.21 -23.30
CA PRO A 268 16.86 6.15 -23.89
C PRO A 268 17.34 7.58 -23.93
N CYS A 269 18.04 8.04 -22.88
CA CYS A 269 18.55 9.41 -22.89
C CYS A 269 19.62 9.58 -23.96
N ILE A 270 20.51 8.59 -24.11
CA ILE A 270 21.53 8.66 -25.14
C ILE A 270 20.89 8.63 -26.53
N MET A 271 19.90 7.75 -26.71
CA MET A 271 19.24 7.65 -28.00
C MET A 271 18.44 8.91 -28.31
N THR A 272 17.85 9.53 -27.28
CA THR A 272 17.15 10.79 -27.48
C THR A 272 18.10 11.90 -27.90
N VAL A 273 19.29 11.94 -27.28
CA VAL A 273 20.29 12.95 -27.68
C VAL A 273 20.74 12.69 -29.10
N ILE A 274 21.02 11.43 -29.43
CA ILE A 274 21.38 11.08 -30.81
C ILE A 274 20.27 11.49 -31.76
N LEU A 275 19.02 11.26 -31.36
CA LEU A 275 17.89 11.58 -32.23
C LEU A 275 17.76 13.09 -32.44
N SER A 276 18.16 13.87 -31.43
CA SER A 276 18.11 15.32 -31.56
C SER A 276 19.15 15.80 -32.56
N GLN A 277 20.30 15.11 -32.60
CA GLN A 277 21.35 15.47 -33.55
C GLN A 277 21.04 14.99 -34.96
N VAL A 278 20.22 13.95 -35.12
CA VAL A 278 19.81 13.52 -36.45
C VAL A 278 19.08 14.62 -37.21
N SER A 279 18.57 15.62 -36.50
CA SER A 279 17.95 16.78 -37.15
C SER A 279 18.95 17.60 -37.94
N PHE A 280 20.22 17.60 -37.55
CA PHE A 280 21.25 18.37 -38.24
C PHE A 280 21.47 17.91 -39.67
N TRP A 281 21.05 16.68 -40.00
CA TRP A 281 21.26 16.12 -41.33
C TRP A 281 20.06 16.32 -42.24
N LEU A 282 19.00 16.93 -41.74
CA LEU A 282 17.84 17.30 -42.56
C LEU A 282 18.05 18.66 -43.19
N ASN A 283 17.42 18.87 -44.35
CA ASN A 283 17.57 20.14 -45.05
C ASN A 283 16.96 21.28 -44.24
N ARG A 284 17.58 22.45 -44.33
CA ARG A 284 17.16 23.58 -43.51
C ARG A 284 15.77 24.09 -43.88
N GLU A 285 15.29 23.78 -45.08
CA GLU A 285 14.00 24.29 -45.53
C GLU A 285 12.81 23.52 -44.96
N SER A 286 13.02 22.35 -44.36
CA SER A 286 11.94 21.59 -43.76
C SER A 286 11.72 22.06 -42.32
N VAL A 287 11.19 23.28 -42.21
CA VAL A 287 11.00 23.87 -40.88
C VAL A 287 9.99 23.11 -40.04
N PRO A 288 8.78 22.76 -40.54
CA PRO A 288 7.85 22.01 -39.67
C PRO A 288 8.40 20.66 -39.23
N ALA A 289 9.19 20.00 -40.08
CA ALA A 289 9.71 18.68 -39.75
C ALA A 289 10.81 18.78 -38.70
N ARG A 290 11.69 19.77 -38.83
CA ARG A 290 12.78 19.91 -37.88
C ARG A 290 12.32 20.59 -36.60
N THR A 291 11.22 21.33 -36.64
CA THR A 291 10.63 21.84 -35.41
C THR A 291 9.95 20.72 -34.63
N VAL A 292 9.18 19.87 -35.32
CA VAL A 292 8.56 18.73 -34.65
C VAL A 292 9.64 17.78 -34.12
N PHE A 293 10.68 17.53 -34.93
CA PHE A 293 11.78 16.68 -34.51
C PHE A 293 12.39 17.19 -33.21
N GLY A 294 12.73 18.48 -33.15
CA GLY A 294 13.42 19.03 -31.99
C GLY A 294 12.52 19.13 -30.77
N VAL A 295 11.28 19.57 -30.97
CA VAL A 295 10.37 19.79 -29.85
C VAL A 295 9.94 18.47 -29.22
N THR A 296 9.74 17.43 -30.04
CA THR A 296 9.32 16.15 -29.47
C THR A 296 10.46 15.43 -28.79
N THR A 297 11.70 15.68 -29.23
CA THR A 297 12.84 15.18 -28.47
C THR A 297 12.97 15.85 -27.12
N VAL A 298 12.60 17.14 -27.02
CA VAL A 298 12.56 17.83 -25.73
C VAL A 298 11.52 17.22 -24.79
N LEU A 299 10.33 16.88 -25.29
CA LEU A 299 9.30 16.28 -24.47
C LEU A 299 9.70 14.88 -24.01
N THR A 300 10.48 14.16 -24.82
CA THR A 300 10.97 12.87 -24.39
C THR A 300 11.97 12.99 -23.25
N MET A 301 12.87 13.98 -23.33
CA MET A 301 13.81 14.20 -22.24
C MET A 301 13.09 14.62 -20.95
N THR A 302 12.07 15.46 -21.07
CA THR A 302 11.30 15.86 -19.90
C THR A 302 10.63 14.67 -19.24
N THR A 303 10.05 13.78 -20.06
CA THR A 303 9.43 12.56 -19.55
C THR A 303 10.46 11.67 -18.86
N LEU A 304 11.61 11.47 -19.51
CA LEU A 304 12.66 10.66 -18.91
C LEU A 304 13.22 11.30 -17.64
N SER A 305 13.43 12.62 -17.65
CA SER A 305 14.06 13.26 -16.50
C SER A 305 13.17 13.19 -15.27
N ILE A 306 11.87 13.41 -15.43
CA ILE A 306 10.96 13.37 -14.29
C ILE A 306 10.87 11.97 -13.70
N SER A 307 10.73 10.96 -14.57
CA SER A 307 10.57 9.59 -14.10
C SER A 307 11.78 9.09 -13.33
N ALA A 308 12.98 9.47 -13.76
CA ALA A 308 14.20 9.00 -13.10
C ALA A 308 14.25 9.46 -11.64
N ARG A 309 13.86 10.71 -11.39
CA ARG A 309 13.86 11.25 -10.04
C ARG A 309 12.81 10.60 -9.14
N ASN A 310 11.62 10.33 -9.68
CA ASN A 310 10.54 9.75 -8.87
C ASN A 310 10.93 8.42 -8.22
N SER A 311 11.86 7.67 -8.79
CA SER A 311 12.30 6.46 -8.10
C SER A 311 13.24 6.82 -6.96
N LEU A 312 13.99 7.90 -7.09
CA LEU A 312 14.95 8.34 -6.08
C LEU A 312 14.22 8.85 -4.85
N PRO A 313 14.80 8.68 -3.67
CA PRO A 313 14.27 9.35 -2.48
C PRO A 313 14.44 10.86 -2.59
N LYS A 314 13.53 11.59 -1.94
CA LYS A 314 13.43 13.04 -2.08
C LYS A 314 14.60 13.73 -1.40
N VAL A 315 15.78 13.64 -2.02
CA VAL A 315 16.95 14.34 -1.54
C VAL A 315 17.15 15.63 -2.34
N ALA A 316 17.97 16.52 -1.80
CA ALA A 316 18.21 17.83 -2.41
C ALA A 316 19.65 18.08 -2.80
N TYR A 317 20.28 17.11 -3.44
CA TYR A 317 21.57 17.32 -4.07
C TYR A 317 21.62 16.56 -5.38
N ALA A 318 22.55 16.96 -6.23
CA ALA A 318 22.68 16.38 -7.57
C ALA A 318 23.41 15.06 -7.50
N THR A 319 22.76 13.99 -7.95
CA THR A 319 23.39 12.70 -8.05
C THR A 319 24.13 12.58 -9.37
N ALA A 320 24.76 11.41 -9.57
CA ALA A 320 25.45 11.17 -10.84
C ALA A 320 24.45 11.17 -11.98
N MET A 321 23.30 10.53 -11.79
CA MET A 321 22.30 10.46 -12.84
C MET A 321 21.68 11.81 -13.14
N ASP A 322 21.61 12.70 -12.15
CA ASP A 322 21.11 14.05 -12.37
C ASP A 322 21.96 14.85 -13.34
N TRP A 323 23.29 14.77 -13.22
CA TRP A 323 24.16 15.51 -14.12
C TRP A 323 24.07 14.97 -15.54
N PHE A 324 24.01 13.64 -15.69
CA PHE A 324 23.90 13.07 -17.03
C PHE A 324 22.59 13.50 -17.68
N ILE A 325 21.50 13.51 -16.92
CA ILE A 325 20.21 13.93 -17.46
C ILE A 325 20.22 15.43 -17.75
N ALA A 326 20.85 16.21 -16.88
CA ALA A 326 20.91 17.65 -17.09
C ALA A 326 21.71 17.98 -18.35
N VAL A 327 22.83 17.29 -18.57
CA VAL A 327 23.63 17.57 -19.76
C VAL A 327 22.89 17.12 -21.00
N CYS A 328 22.27 15.93 -20.95
CA CYS A 328 21.45 15.47 -22.06
C CYS A 328 20.33 16.47 -22.35
N TYR A 329 19.72 17.01 -21.29
CA TYR A 329 18.69 18.03 -21.47
C TYR A 329 19.24 19.26 -22.16
N ALA A 330 20.46 19.68 -21.78
CA ALA A 330 21.07 20.84 -22.43
C ALA A 330 21.35 20.57 -23.90
N PHE A 331 21.83 19.38 -24.23
CA PHE A 331 22.10 19.05 -25.63
C PHE A 331 20.83 19.09 -26.45
N VAL A 332 19.77 18.42 -25.98
CA VAL A 332 18.52 18.42 -26.71
C VAL A 332 17.92 19.82 -26.77
N PHE A 333 18.09 20.61 -25.70
CA PHE A 333 17.67 22.00 -25.72
C PHE A 333 18.46 22.82 -26.72
N SER A 334 19.78 22.61 -26.79
CA SER A 334 20.63 23.37 -27.69
C SER A 334 20.41 22.98 -29.14
N ALA A 335 19.91 21.77 -29.40
CA ALA A 335 19.66 21.36 -30.77
C ALA A 335 18.48 22.11 -31.37
N LEU A 336 17.46 22.41 -30.56
CA LEU A 336 16.34 23.19 -31.05
C LEU A 336 16.67 24.68 -31.12
N ILE A 337 17.52 25.17 -30.22
CA ILE A 337 18.02 26.53 -30.35
C ILE A 337 18.90 26.68 -31.57
N GLU A 338 19.66 25.64 -31.93
CA GLU A 338 20.50 25.71 -33.11
C GLU A 338 19.67 25.88 -34.38
N PHE A 339 18.54 25.18 -34.47
CA PHE A 339 17.70 25.33 -35.65
C PHE A 339 17.01 26.68 -35.66
N ALA A 340 16.70 27.23 -34.48
CA ALA A 340 16.16 28.58 -34.39
C ALA A 340 17.12 29.58 -35.02
N THR A 341 18.43 29.35 -34.85
CA THR A 341 19.42 30.22 -35.48
C THR A 341 19.52 29.93 -36.97
N VAL A 342 19.52 28.66 -37.36
CA VAL A 342 19.59 28.32 -38.77
C VAL A 342 18.40 28.90 -39.53
N ASN A 343 17.20 28.72 -38.98
CA ASN A 343 16.01 29.23 -39.65
C ASN A 343 16.03 30.76 -39.72
N TYR A 344 16.74 31.41 -38.80
CA TYR A 344 16.77 32.88 -38.81
C TYR A 344 17.61 33.42 -39.97
N PHE A 345 18.40 32.58 -40.63
CA PHE A 345 19.21 33.00 -41.75
C PHE A 345 18.83 32.31 -43.05
N THR A 346 17.77 31.52 -43.05
CA THR A 346 17.25 30.96 -44.29
C THR A 346 16.56 32.05 -45.10
N LYS A 347 16.91 32.13 -46.38
CA LYS A 347 16.38 33.18 -47.25
C LYS A 347 15.22 32.72 -48.12
N ARG A 348 15.25 31.47 -48.57
CA ARG A 348 14.25 30.95 -49.50
C ARG A 348 13.43 29.87 -48.80
N GLY A 349 12.11 29.92 -48.97
CA GLY A 349 11.23 28.95 -48.36
C GLY A 349 11.15 27.63 -49.10
N TYR A 350 11.76 27.54 -50.27
CA TYR A 350 11.76 26.34 -51.09
C TYR A 350 13.12 25.67 -51.05
N ALA A 351 13.12 24.34 -51.17
CA ALA A 351 14.35 23.57 -51.15
C ALA A 351 14.86 23.34 -52.57
N TRP A 352 16.08 22.81 -52.66
CA TRP A 352 16.67 22.47 -53.94
C TRP A 352 15.81 21.47 -54.69
N ASP A 353 15.56 21.76 -55.98
CA ASP A 353 14.57 21.00 -56.74
C ASP A 353 15.12 19.70 -57.33
N GLY A 354 16.41 19.44 -57.18
CA GLY A 354 17.01 18.21 -57.65
C GLY A 354 17.54 18.25 -59.07
N LYS A 355 17.32 19.32 -59.82
CA LYS A 355 17.71 19.39 -61.22
C LYS A 355 18.32 20.76 -61.53
N SER A 356 19.21 21.22 -60.67
CA SER A 356 19.88 22.49 -60.87
C SER A 356 21.26 22.51 -60.21
N LYS A 419 16.78 30.77 -61.07
CA LYS A 419 16.31 30.37 -59.76
C LYS A 419 17.47 29.90 -58.89
N THR A 420 17.67 30.57 -57.76
CA THR A 420 18.73 30.24 -56.83
C THR A 420 18.18 29.47 -55.65
N PHE A 421 19.07 28.74 -54.97
CA PHE A 421 18.69 27.90 -53.84
C PHE A 421 19.56 28.21 -52.65
N ASN A 422 19.04 27.93 -51.46
CA ASN A 422 19.81 28.10 -50.24
C ASN A 422 20.99 27.13 -50.22
N SER A 423 22.14 27.62 -49.74
CA SER A 423 23.28 26.75 -49.48
C SER A 423 23.08 26.00 -48.17
N VAL A 424 23.84 24.91 -48.02
CA VAL A 424 23.80 24.15 -46.78
C VAL A 424 24.45 25.00 -45.68
N SER A 425 23.75 25.14 -44.56
CA SER A 425 24.20 26.02 -43.50
C SER A 425 25.58 25.61 -42.98
N LYS A 426 26.42 26.62 -42.72
CA LYS A 426 27.70 26.34 -42.05
C LYS A 426 27.49 26.02 -40.59
N ILE A 427 26.39 26.50 -40.00
CA ILE A 427 26.03 26.10 -38.63
C ILE A 427 25.70 24.62 -38.59
N ASP A 428 24.94 24.13 -39.57
CA ASP A 428 24.62 22.71 -39.63
C ASP A 428 25.87 21.86 -39.86
N ARG A 429 26.73 22.29 -40.79
CA ARG A 429 27.90 21.48 -41.12
C ARG A 429 28.82 21.32 -39.91
N LEU A 430 29.02 22.40 -39.15
CA LEU A 430 29.84 22.30 -37.94
C LEU A 430 29.11 21.55 -36.84
N SER A 431 27.78 21.69 -36.75
CA SER A 431 27.04 21.01 -35.70
C SER A 431 27.04 19.49 -35.90
N ARG A 432 27.13 19.03 -37.15
CA ARG A 432 27.19 17.60 -37.41
C ARG A 432 28.44 16.96 -36.82
N ILE A 433 29.44 17.77 -36.47
CA ILE A 433 30.68 17.28 -35.89
C ILE A 433 30.81 17.70 -34.42
N ALA A 434 30.53 18.97 -34.13
CA ALA A 434 30.72 19.49 -32.77
C ALA A 434 29.81 18.79 -31.78
N PHE A 435 28.53 18.63 -32.13
CA PHE A 435 27.59 18.02 -31.19
C PHE A 435 27.93 16.56 -30.90
N PRO A 436 28.13 15.68 -31.90
CA PRO A 436 28.56 14.32 -31.57
C PRO A 436 29.89 14.27 -30.82
N LEU A 437 30.82 15.16 -31.14
CA LEU A 437 32.13 15.13 -30.49
C LEU A 437 32.04 15.57 -29.03
N LEU A 438 31.33 16.68 -28.78
CA LEU A 438 31.19 17.15 -27.40
C LEU A 438 30.45 16.14 -26.55
N PHE A 439 29.42 15.52 -27.09
CA PHE A 439 28.70 14.49 -26.33
C PHE A 439 29.57 13.27 -26.11
N GLY A 440 30.34 12.88 -27.14
CA GLY A 440 31.27 11.77 -26.95
C GLY A 440 32.32 12.06 -25.89
N ILE A 441 32.87 13.28 -25.91
CA ILE A 441 33.84 13.67 -24.89
C ILE A 441 33.20 13.66 -23.50
N PHE A 442 31.99 14.21 -23.40
CA PHE A 442 31.29 14.24 -22.12
C PHE A 442 31.06 12.84 -21.56
N ASN A 443 30.90 11.85 -22.43
CA ASN A 443 30.64 10.50 -21.95
C ASN A 443 31.92 9.86 -21.40
N LEU A 444 33.06 10.12 -22.04
CA LEU A 444 34.31 9.62 -21.50
C LEU A 444 34.61 10.25 -20.15
N VAL A 445 34.39 11.56 -20.01
CA VAL A 445 34.63 12.24 -18.74
C VAL A 445 33.67 11.72 -17.68
N TYR A 446 32.40 11.57 -18.03
CA TYR A 446 31.40 11.10 -17.06
C TYR A 446 31.68 9.67 -16.63
N TRP A 447 31.88 8.77 -17.59
CA TRP A 447 32.00 7.36 -17.26
C TRP A 447 33.32 7.03 -16.59
N ALA A 448 34.41 7.71 -16.98
CA ALA A 448 35.68 7.52 -16.29
C ALA A 448 35.64 8.05 -14.87
N THR A 449 34.95 9.18 -14.66
CA THR A 449 34.92 9.79 -13.33
C THR A 449 34.25 8.88 -12.31
N TYR A 450 33.14 8.25 -12.69
CA TYR A 450 32.32 7.52 -11.73
C TYR A 450 32.60 6.02 -11.69
N LEU A 451 33.07 5.44 -12.79
CA LEU A 451 33.40 4.01 -12.79
C LEU A 451 34.77 3.77 -12.18
N MET B 34 -20.42 -38.53 29.11
CA MET B 34 -19.28 -37.62 28.98
C MET B 34 -18.42 -37.65 30.24
N SER B 35 -18.96 -38.25 31.30
CA SER B 35 -18.23 -38.33 32.56
C SER B 35 -16.95 -39.13 32.40
N PHE B 36 -17.03 -40.30 31.77
CA PHE B 36 -15.87 -41.14 31.58
C PHE B 36 -14.84 -40.47 30.67
N VAL B 37 -15.30 -39.80 29.61
CA VAL B 37 -14.39 -39.12 28.70
C VAL B 37 -13.65 -37.99 29.42
N LYS B 38 -14.37 -37.25 30.27
CA LYS B 38 -13.75 -36.14 31.00
C LYS B 38 -12.63 -36.64 31.89
N GLU B 39 -12.84 -37.79 32.56
CA GLU B 39 -11.78 -38.37 33.38
C GLU B 39 -10.57 -38.75 32.54
N THR B 40 -10.79 -39.38 31.39
CA THR B 40 -9.69 -39.84 30.56
C THR B 40 -8.87 -38.65 30.06
N VAL B 41 -9.53 -37.59 29.60
CA VAL B 41 -8.81 -36.43 29.06
C VAL B 41 -7.99 -35.75 30.16
N ASP B 42 -8.60 -35.57 31.33
CA ASP B 42 -7.87 -34.96 32.45
C ASP B 42 -6.72 -35.86 32.90
N LYS B 43 -6.89 -37.17 32.79
CA LYS B 43 -5.81 -38.08 33.19
C LYS B 43 -4.58 -37.90 32.31
N LEU B 44 -4.78 -37.75 31.00
CA LEU B 44 -3.64 -37.63 30.10
C LEU B 44 -2.82 -36.39 30.40
N LEU B 45 -3.48 -35.26 30.64
CA LEU B 45 -2.78 -34.01 30.86
C LEU B 45 -2.31 -33.82 32.29
N LYS B 46 -2.61 -34.75 33.19
CA LYS B 46 -2.15 -34.65 34.57
C LYS B 46 -0.68 -35.04 34.60
N GLY B 47 0.18 -34.09 34.97
CA GLY B 47 1.61 -34.33 34.97
C GLY B 47 2.25 -34.22 33.61
N TYR B 48 1.47 -33.91 32.57
CA TYR B 48 2.01 -33.78 31.23
C TYR B 48 3.01 -32.64 31.16
N ASP B 49 4.16 -32.92 30.55
CA ASP B 49 5.24 -31.95 30.42
C ASP B 49 5.36 -31.57 28.95
N ILE B 50 4.80 -30.40 28.60
CA ILE B 50 4.81 -29.97 27.21
C ILE B 50 6.24 -29.73 26.74
N ARG B 51 7.13 -29.37 27.67
CA ARG B 51 8.49 -28.99 27.38
C ARG B 51 9.32 -30.13 26.80
N LEU B 52 8.90 -31.38 27.00
CA LEU B 52 9.63 -32.56 26.54
C LEU B 52 8.93 -33.23 25.37
N ARG B 53 9.72 -33.60 24.36
CA ARG B 53 9.18 -34.24 23.17
C ARG B 53 8.82 -35.68 23.49
N PRO B 54 8.01 -36.32 22.65
CA PRO B 54 7.79 -37.76 22.82
C PRO B 54 9.10 -38.54 22.72
N ASP B 55 9.24 -39.54 23.57
CA ASP B 55 10.47 -40.34 23.67
C ASP B 55 11.68 -39.44 23.85
N PHE B 56 11.53 -38.40 24.67
CA PHE B 56 12.63 -37.48 24.94
C PHE B 56 13.83 -38.25 25.46
N GLY B 57 15.01 -37.96 24.90
CA GLY B 57 16.20 -38.70 25.26
C GLY B 57 16.22 -40.12 24.73
N GLY B 58 15.40 -40.41 23.72
CA GLY B 58 15.32 -41.72 23.14
C GLY B 58 15.40 -41.64 21.63
N PRO B 59 14.83 -42.63 20.94
CA PRO B 59 14.85 -42.59 19.48
C PRO B 59 14.12 -41.36 18.98
N PRO B 60 14.53 -40.81 17.84
CA PRO B 60 13.86 -39.61 17.31
C PRO B 60 12.40 -39.86 17.02
N VAL B 61 11.57 -38.86 17.33
CA VAL B 61 10.14 -38.92 17.04
C VAL B 61 9.94 -38.68 15.55
N CYS B 62 9.16 -39.55 14.91
CA CYS B 62 8.90 -39.43 13.48
C CYS B 62 7.60 -38.68 13.27
N VAL B 63 7.67 -37.55 12.56
CA VAL B 63 6.53 -36.68 12.32
C VAL B 63 6.17 -36.77 10.86
N GLY B 64 5.02 -37.37 10.56
CA GLY B 64 4.53 -37.45 9.20
C GLY B 64 3.69 -36.22 8.87
N MET B 65 3.83 -35.73 7.65
CA MET B 65 3.18 -34.50 7.23
C MET B 65 2.49 -34.72 5.89
N ASN B 66 1.33 -34.09 5.73
CA ASN B 66 0.68 -33.96 4.42
C ASN B 66 0.03 -32.59 4.36
N ILE B 67 -0.13 -32.09 3.13
CA ILE B 67 -0.65 -30.76 2.90
C ILE B 67 -1.81 -30.83 1.91
N ASP B 68 -2.88 -30.10 2.20
CA ASP B 68 -4.01 -29.96 1.30
C ASP B 68 -4.11 -28.50 0.91
N ILE B 69 -3.72 -28.19 -0.33
CA ILE B 69 -3.62 -26.80 -0.76
C ILE B 69 -5.00 -26.28 -1.08
N ALA B 70 -5.37 -25.15 -0.49
CA ALA B 70 -6.65 -24.53 -0.76
C ALA B 70 -6.59 -23.56 -1.92
N SER B 71 -5.50 -22.80 -2.04
CA SER B 71 -5.33 -21.85 -3.13
C SER B 71 -3.92 -21.26 -3.05
N ILE B 72 -3.42 -20.85 -4.21
CA ILE B 72 -2.21 -20.04 -4.31
C ILE B 72 -2.67 -18.65 -4.73
N ASP B 73 -2.84 -17.75 -3.76
CA ASP B 73 -3.55 -16.51 -4.03
C ASP B 73 -2.79 -15.61 -4.99
N MET B 74 -1.52 -15.34 -4.70
CA MET B 74 -0.77 -14.36 -5.46
C MET B 74 0.65 -14.86 -5.72
N VAL B 75 1.21 -14.43 -6.84
CA VAL B 75 2.62 -14.66 -7.16
C VAL B 75 3.17 -13.35 -7.72
N SER B 76 3.94 -12.63 -6.92
CA SER B 76 4.41 -11.30 -7.26
C SER B 76 5.89 -11.31 -7.59
N GLU B 77 6.24 -10.87 -8.80
CA GLU B 77 7.63 -10.76 -9.19
C GLU B 77 8.32 -9.61 -8.47
N VAL B 78 7.57 -8.53 -8.18
CA VAL B 78 8.15 -7.34 -7.57
C VAL B 78 8.66 -7.67 -6.17
N ASN B 79 7.81 -8.29 -5.35
CA ASN B 79 8.18 -8.67 -3.99
C ASN B 79 8.96 -9.98 -3.94
N MET B 80 9.02 -10.73 -5.04
CA MET B 80 9.69 -12.02 -5.12
C MET B 80 9.18 -12.95 -4.02
N ASP B 81 7.89 -13.24 -4.10
CA ASP B 81 7.23 -14.12 -3.15
C ASP B 81 5.89 -14.55 -3.72
N TYR B 82 5.32 -15.59 -3.11
CA TYR B 82 4.00 -16.07 -3.48
C TYR B 82 3.22 -16.32 -2.20
N THR B 83 1.89 -16.29 -2.31
CA THR B 83 1.00 -16.52 -1.19
C THR B 83 0.32 -17.87 -1.35
N LEU B 84 0.33 -18.67 -0.29
CA LEU B 84 -0.17 -20.04 -0.32
C LEU B 84 -1.07 -20.26 0.88
N THR B 85 -2.30 -20.68 0.63
CA THR B 85 -3.21 -21.13 1.68
C THR B 85 -3.30 -22.64 1.62
N MET B 86 -3.26 -23.29 2.78
CA MET B 86 -3.17 -24.74 2.81
C MET B 86 -3.70 -25.27 4.14
N TYR B 87 -3.96 -26.57 4.16
CA TYR B 87 -4.25 -27.31 5.38
C TYR B 87 -3.02 -28.15 5.70
N PHE B 88 -2.38 -27.86 6.82
CA PHE B 88 -1.08 -28.42 7.17
C PHE B 88 -1.27 -29.40 8.32
N GLN B 89 -1.16 -30.68 8.02
CA GLN B 89 -1.34 -31.74 9.01
C GLN B 89 0.01 -32.28 9.45
N GLN B 90 0.09 -32.64 10.72
CA GLN B 90 1.27 -33.30 11.29
C GLN B 90 0.83 -34.49 12.12
N TYR B 91 1.52 -35.61 11.95
CA TYR B 91 1.19 -36.85 12.65
C TYR B 91 2.41 -37.31 13.42
N TRP B 92 2.22 -37.62 14.70
CA TRP B 92 3.27 -38.23 15.51
C TRP B 92 2.62 -39.03 16.63
N ARG B 93 3.40 -39.94 17.20
CA ARG B 93 2.91 -40.80 18.27
C ARG B 93 3.45 -40.30 19.60
N ASP B 94 2.56 -40.13 20.57
CA ASP B 94 2.94 -39.71 21.92
C ASP B 94 2.31 -40.68 22.91
N LYS B 95 3.15 -41.56 23.49
CA LYS B 95 2.63 -42.55 24.42
C LYS B 95 2.05 -41.91 25.68
N ARG B 96 2.47 -40.69 26.00
CA ARG B 96 1.87 -39.96 27.10
C ARG B 96 0.40 -39.65 26.85
N LEU B 97 -0.05 -39.73 25.60
CA LEU B 97 -1.42 -39.43 25.24
C LEU B 97 -2.21 -40.66 24.81
N ALA B 98 -1.71 -41.85 25.09
CA ALA B 98 -2.45 -43.06 24.80
C ALA B 98 -3.59 -43.23 25.79
N TYR B 99 -4.75 -43.65 25.30
CA TYR B 99 -5.91 -43.88 26.14
C TYR B 99 -6.65 -45.12 25.66
N SER B 100 -7.29 -45.81 26.61
CA SER B 100 -7.96 -47.07 26.35
C SER B 100 -9.35 -47.05 26.96
N GLY B 101 -10.22 -47.92 26.45
CA GLY B 101 -11.59 -48.01 26.89
C GLY B 101 -12.59 -47.20 26.11
N ILE B 102 -12.13 -46.27 25.27
CA ILE B 102 -13.00 -45.47 24.43
C ILE B 102 -12.77 -45.90 22.98
N PRO B 103 -13.73 -46.57 22.32
CA PRO B 103 -13.58 -46.94 20.91
C PRO B 103 -13.89 -45.80 19.94
N LEU B 104 -13.35 -44.62 20.23
CA LEU B 104 -13.60 -43.42 19.44
C LEU B 104 -12.31 -42.61 19.34
N ASN B 105 -12.16 -41.90 18.23
CA ASN B 105 -11.09 -40.94 18.09
C ASN B 105 -11.57 -39.60 18.61
N LEU B 106 -10.90 -39.08 19.63
CA LEU B 106 -11.38 -37.92 20.38
C LEU B 106 -10.92 -36.65 19.69
N THR B 107 -11.82 -36.00 18.97
CA THR B 107 -11.56 -34.64 18.51
C THR B 107 -11.85 -33.67 19.66
N LEU B 108 -10.87 -32.84 19.99
CA LEU B 108 -10.97 -31.93 21.11
C LEU B 108 -10.89 -30.49 20.64
N ASP B 109 -11.57 -29.61 21.38
CA ASP B 109 -11.54 -28.17 21.13
C ASP B 109 -10.11 -27.72 20.85
N ASN B 110 -9.94 -26.89 19.83
CA ASN B 110 -8.62 -26.55 19.34
C ASN B 110 -7.74 -25.90 20.39
N ARG B 111 -8.33 -25.32 21.43
CA ARG B 111 -7.54 -24.67 22.48
C ARG B 111 -6.72 -25.66 23.29
N VAL B 112 -7.03 -26.96 23.24
CA VAL B 112 -6.24 -27.94 23.95
C VAL B 112 -4.83 -28.07 23.37
N ALA B 113 -4.62 -27.64 22.12
CA ALA B 113 -3.30 -27.72 21.51
C ALA B 113 -2.26 -26.96 22.33
N ASP B 114 -2.66 -25.87 22.99
CA ASP B 114 -1.70 -25.13 23.81
C ASP B 114 -1.24 -25.95 25.02
N GLN B 115 -1.97 -27.01 25.37
CA GLN B 115 -1.63 -27.85 26.50
C GLN B 115 -0.82 -29.08 26.10
N LEU B 116 -0.58 -29.28 24.81
CA LEU B 116 0.10 -30.45 24.30
C LEU B 116 1.45 -30.06 23.71
N TRP B 117 2.30 -31.06 23.50
CA TRP B 117 3.55 -30.86 22.79
C TRP B 117 3.30 -30.99 21.29
N VAL B 118 3.71 -29.98 20.54
CA VAL B 118 3.61 -30.01 19.08
C VAL B 118 5.00 -29.76 18.53
N PRO B 119 5.28 -30.20 17.31
CA PRO B 119 6.61 -29.95 16.73
C PRO B 119 6.86 -28.46 16.56
N ASP B 120 8.13 -28.08 16.68
CA ASP B 120 8.56 -26.71 16.47
C ASP B 120 8.84 -26.42 15.00
N THR B 121 7.87 -26.76 14.18
CA THR B 121 7.99 -26.65 12.73
C THR B 121 7.85 -25.20 12.29
N TYR B 122 8.63 -24.83 11.27
CA TYR B 122 8.54 -23.50 10.70
C TYR B 122 8.92 -23.59 9.24
N PHE B 123 8.59 -22.54 8.50
CA PHE B 123 8.88 -22.45 7.07
C PHE B 123 10.08 -21.55 6.89
N LEU B 124 11.17 -22.10 6.35
CA LEU B 124 12.44 -21.40 6.39
C LEU B 124 12.42 -20.16 5.49
N ASN B 125 11.65 -20.19 4.41
CA ASN B 125 11.63 -19.09 3.46
C ASN B 125 10.34 -18.29 3.51
N ASP B 126 9.56 -18.39 4.59
CA ASP B 126 8.32 -17.62 4.69
C ASP B 126 8.60 -16.21 5.17
N LYS B 127 7.97 -15.24 4.51
CA LYS B 127 8.12 -13.84 4.89
C LYS B 127 7.07 -13.40 5.89
N LYS B 128 5.80 -13.59 5.56
CA LYS B 128 4.69 -13.23 6.45
C LYS B 128 3.69 -14.38 6.41
N SER B 129 3.25 -14.83 7.58
CA SER B 129 2.27 -15.90 7.65
C SER B 129 1.43 -15.75 8.91
N PHE B 130 0.26 -16.38 8.89
CA PHE B 130 -0.64 -16.36 10.04
C PHE B 130 -1.54 -17.57 9.98
N VAL B 131 -2.11 -17.91 11.12
CA VAL B 131 -3.18 -18.90 11.22
C VAL B 131 -4.51 -18.16 11.22
N HIS B 132 -5.45 -18.61 10.40
CA HIS B 132 -6.77 -18.00 10.36
C HIS B 132 -7.44 -18.16 11.72
N GLY B 133 -8.25 -17.17 12.09
CA GLY B 133 -8.80 -17.14 13.44
C GLY B 133 -10.25 -16.76 13.55
N VAL B 134 -11.01 -16.93 12.46
CA VAL B 134 -12.45 -16.72 12.45
C VAL B 134 -13.12 -18.02 12.03
N THR B 135 -14.13 -18.45 12.79
CA THR B 135 -14.62 -17.77 13.99
C THR B 135 -13.69 -18.01 15.18
N VAL B 136 -13.12 -19.20 15.23
CA VAL B 136 -12.12 -19.54 16.24
C VAL B 136 -10.82 -19.83 15.50
N LYS B 137 -9.77 -20.17 16.23
CA LYS B 137 -8.51 -20.54 15.59
C LYS B 137 -8.71 -21.76 14.72
N ASN B 138 -8.32 -21.65 13.44
CA ASN B 138 -8.45 -22.75 12.48
C ASN B 138 -7.38 -23.78 12.77
N ARG B 139 -7.63 -24.58 13.81
CA ARG B 139 -6.68 -25.54 14.34
C ARG B 139 -7.45 -26.78 14.77
N MET B 140 -6.79 -27.94 14.70
CA MET B 140 -7.44 -29.20 14.99
C MET B 140 -6.48 -30.08 15.77
N ILE B 141 -6.99 -30.70 16.83
CA ILE B 141 -6.32 -31.79 17.53
C ILE B 141 -7.26 -32.98 17.57
N ARG B 142 -6.75 -34.14 17.16
CA ARG B 142 -7.53 -35.37 17.19
C ARG B 142 -6.65 -36.46 17.75
N LEU B 143 -7.04 -37.01 18.90
CA LEU B 143 -6.32 -38.10 19.52
C LEU B 143 -6.84 -39.45 19.03
N HIS B 144 -5.97 -40.46 19.11
CA HIS B 144 -6.30 -41.82 18.72
C HIS B 144 -5.93 -42.75 19.87
N PRO B 145 -6.60 -43.91 19.97
CA PRO B 145 -6.34 -44.79 21.13
C PRO B 145 -4.88 -45.18 21.30
N ASP B 146 -4.16 -45.43 20.21
CA ASP B 146 -2.78 -45.86 20.30
C ASP B 146 -1.83 -44.75 20.71
N GLY B 147 -2.29 -43.50 20.74
CA GLY B 147 -1.46 -42.35 21.04
C GLY B 147 -1.14 -41.49 19.85
N THR B 148 -1.51 -41.90 18.64
CA THR B 148 -1.28 -41.08 17.46
C THR B 148 -2.00 -39.73 17.62
N VAL B 149 -1.29 -38.66 17.30
CA VAL B 149 -1.83 -37.31 17.36
C VAL B 149 -1.93 -36.75 15.94
N LEU B 150 -3.11 -36.26 15.58
CA LEU B 150 -3.32 -35.53 14.36
C LEU B 150 -3.46 -34.05 14.69
N TYR B 151 -2.55 -33.24 14.16
CA TYR B 151 -2.51 -31.81 14.46
C TYR B 151 -2.53 -31.06 13.14
N GLY B 152 -3.63 -30.36 12.86
CA GLY B 152 -3.83 -29.70 11.59
C GLY B 152 -4.05 -28.22 11.77
N LEU B 153 -3.48 -27.42 10.86
CA LEU B 153 -3.63 -25.98 10.87
C LEU B 153 -4.03 -25.50 9.49
N ARG B 154 -4.76 -24.40 9.45
CA ARG B 154 -5.03 -23.69 8.20
C ARG B 154 -4.16 -22.45 8.18
N ILE B 155 -3.17 -22.44 7.29
CA ILE B 155 -2.12 -21.43 7.28
C ILE B 155 -2.16 -20.71 5.95
N THR B 156 -2.05 -19.39 5.99
CA THR B 156 -1.79 -18.59 4.80
C THR B 156 -0.41 -18.00 4.98
N THR B 157 0.52 -18.41 4.11
CA THR B 157 1.91 -18.02 4.24
C THR B 157 2.39 -17.38 2.95
N THR B 158 3.03 -16.22 3.07
CA THR B 158 3.74 -15.61 1.95
C THR B 158 5.18 -16.10 1.99
N ALA B 159 5.57 -16.89 0.99
CA ALA B 159 6.87 -17.54 0.99
C ALA B 159 7.76 -16.90 -0.05
N ALA B 160 9.03 -16.73 0.29
CA ALA B 160 10.00 -16.13 -0.62
C ALA B 160 10.34 -17.10 -1.73
N CYS B 161 10.30 -16.62 -2.97
CA CYS B 161 10.63 -17.42 -4.15
C CYS B 161 11.51 -16.58 -5.05
N MET B 162 12.81 -16.88 -5.04
CA MET B 162 13.74 -16.21 -5.95
C MET B 162 13.42 -16.65 -7.38
N MET B 163 13.32 -15.68 -8.28
CA MET B 163 12.90 -15.94 -9.65
C MET B 163 13.96 -15.46 -10.62
N ASP B 164 14.21 -16.28 -11.64
CA ASP B 164 15.12 -15.97 -12.73
C ASP B 164 14.24 -15.54 -13.89
N LEU B 165 14.15 -14.23 -14.11
CA LEU B 165 13.22 -13.62 -15.05
C LEU B 165 13.88 -13.23 -16.36
N ARG B 166 15.02 -13.85 -16.71
CA ARG B 166 15.65 -13.53 -17.98
C ARG B 166 14.74 -13.88 -19.15
N ARG B 167 14.01 -14.98 -19.06
CA ARG B 167 13.13 -15.38 -20.14
C ARG B 167 11.71 -14.84 -19.97
N TYR B 168 11.50 -13.93 -19.03
CA TYR B 168 10.18 -13.32 -18.84
C TYR B 168 9.72 -12.64 -20.12
N PRO B 169 8.45 -12.80 -20.52
CA PRO B 169 7.36 -13.50 -19.85
C PRO B 169 7.26 -14.97 -20.26
N LEU B 170 8.27 -15.48 -20.96
CA LEU B 170 8.32 -16.86 -21.44
C LEU B 170 9.12 -17.74 -20.49
N ASP B 171 9.06 -17.43 -19.20
CA ASP B 171 9.89 -18.02 -18.17
C ASP B 171 9.13 -19.12 -17.44
N GLU B 172 9.89 -20.06 -16.89
CA GLU B 172 9.35 -21.10 -16.02
C GLU B 172 10.03 -20.97 -14.68
N GLN B 173 9.23 -20.92 -13.62
CA GLN B 173 9.71 -20.68 -12.27
C GLN B 173 9.57 -21.93 -11.42
N ASN B 174 10.40 -22.00 -10.39
CA ASN B 174 10.43 -23.13 -9.46
C ASN B 174 10.39 -22.53 -8.05
N CYS B 175 9.17 -22.43 -7.51
CA CYS B 175 8.97 -21.94 -6.16
C CYS B 175 8.84 -23.11 -5.20
N THR B 176 9.32 -22.91 -3.98
CA THR B 176 9.41 -23.99 -3.01
C THR B 176 8.84 -23.56 -1.68
N LEU B 177 8.67 -24.53 -0.80
CA LEU B 177 8.32 -24.31 0.60
C LEU B 177 9.17 -25.24 1.43
N GLU B 178 10.03 -24.68 2.27
CA GLU B 178 10.97 -25.46 3.04
C GLU B 178 10.45 -25.63 4.45
N ILE B 179 10.33 -26.87 4.89
CA ILE B 179 9.75 -27.21 6.19
C ILE B 179 10.85 -27.83 7.04
N GLU B 180 11.09 -27.23 8.20
CA GLU B 180 12.21 -27.61 9.05
C GLU B 180 11.80 -27.51 10.51
N SER B 181 12.54 -28.20 11.36
CA SER B 181 12.33 -28.09 12.79
C SER B 181 13.29 -27.02 13.28
N TYR B 182 12.78 -26.01 13.98
CA TYR B 182 13.65 -24.91 14.39
C TYR B 182 14.70 -25.38 15.39
N GLY B 183 14.31 -26.18 16.37
CA GLY B 183 15.20 -26.48 17.47
C GLY B 183 15.79 -27.87 17.46
N TYR B 184 15.01 -28.87 17.08
CA TYR B 184 15.47 -30.22 17.30
C TYR B 184 16.36 -30.64 16.14
N THR B 185 17.15 -31.69 16.37
CA THR B 185 17.97 -32.28 15.33
C THR B 185 17.43 -33.67 14.98
N THR B 186 18.05 -34.28 13.97
CA THR B 186 17.60 -35.60 13.54
C THR B 186 17.79 -36.64 14.63
N ASP B 187 18.61 -36.35 15.64
CA ASP B 187 18.68 -37.21 16.81
C ASP B 187 17.40 -37.15 17.62
N ASP B 188 16.61 -36.10 17.44
CA ASP B 188 15.37 -35.88 18.18
C ASP B 188 14.11 -36.02 17.34
N ILE B 189 14.07 -35.45 16.14
CA ILE B 189 12.85 -35.44 15.34
C ILE B 189 13.19 -35.73 13.89
N GLU B 190 12.39 -36.55 13.24
CA GLU B 190 12.56 -36.90 11.83
C GLU B 190 11.27 -36.64 11.07
N PHE B 191 11.39 -36.06 9.88
CA PHE B 191 10.25 -35.74 9.04
C PHE B 191 10.12 -36.75 7.90
N TYR B 192 8.87 -36.98 7.48
CA TYR B 192 8.62 -37.75 6.27
C TYR B 192 7.26 -37.34 5.71
N TRP B 193 7.09 -37.57 4.41
CA TRP B 193 5.82 -37.29 3.73
C TRP B 193 4.86 -38.47 3.92
N ARG B 194 3.75 -38.22 4.62
CA ARG B 194 2.78 -39.27 4.92
C ARG B 194 1.98 -39.60 3.65
N GLY B 195 2.14 -40.81 3.15
CA GLY B 195 1.54 -41.20 1.89
C GLY B 195 2.42 -41.07 0.68
N GLY B 196 3.73 -40.86 0.86
CA GLY B 196 4.63 -40.75 -0.28
C GLY B 196 4.25 -39.58 -1.17
N ASP B 197 4.16 -39.85 -2.47
CA ASP B 197 3.84 -38.79 -3.43
C ASP B 197 2.37 -38.37 -3.37
N LYS B 198 1.55 -39.09 -2.63
CA LYS B 198 0.17 -38.71 -2.39
C LYS B 198 0.01 -37.81 -1.17
N ALA B 199 1.12 -37.41 -0.54
CA ALA B 199 1.02 -36.60 0.68
C ALA B 199 0.38 -35.24 0.40
N VAL B 200 0.75 -34.59 -0.69
CA VAL B 200 0.22 -33.28 -1.03
C VAL B 200 -0.92 -33.48 -2.01
N THR B 201 -2.06 -32.85 -1.73
CA THR B 201 -3.24 -32.95 -2.58
C THR B 201 -3.79 -31.57 -2.87
N GLY B 202 -4.66 -31.51 -3.86
CA GLY B 202 -5.31 -30.28 -4.26
C GLY B 202 -4.54 -29.49 -5.29
N VAL B 203 -3.37 -29.96 -5.71
CA VAL B 203 -2.58 -29.24 -6.69
C VAL B 203 -3.31 -29.20 -8.03
N GLU B 204 -3.88 -30.34 -8.45
CA GLU B 204 -4.53 -30.43 -9.75
C GLU B 204 -5.71 -29.47 -9.88
N ARG B 205 -6.30 -29.04 -8.77
CA ARG B 205 -7.45 -28.15 -8.78
C ARG B 205 -7.06 -26.68 -8.69
N ILE B 206 -5.77 -26.37 -8.63
CA ILE B 206 -5.32 -24.99 -8.50
C ILE B 206 -5.43 -24.31 -9.86
N GLU B 207 -6.06 -23.15 -9.88
CA GLU B 207 -6.15 -22.33 -11.09
C GLU B 207 -5.52 -20.97 -10.80
N LEU B 208 -4.56 -20.57 -11.64
CA LEU B 208 -3.90 -19.31 -11.53
C LEU B 208 -4.14 -18.48 -12.78
N PRO B 209 -4.53 -17.21 -12.66
CA PRO B 209 -4.77 -16.40 -13.86
C PRO B 209 -3.55 -16.22 -14.73
N GLN B 210 -2.35 -16.36 -14.17
CA GLN B 210 -1.12 -16.03 -14.87
C GLN B 210 -0.19 -17.21 -15.09
N PHE B 211 -0.29 -18.26 -14.28
CA PHE B 211 0.59 -19.41 -14.39
C PHE B 211 -0.24 -20.68 -14.59
N SER B 212 0.47 -21.80 -14.72
CA SER B 212 -0.14 -23.13 -14.70
C SER B 212 0.80 -24.08 -13.98
N ILE B 213 0.27 -24.90 -13.09
CA ILE B 213 1.12 -25.84 -12.36
C ILE B 213 1.53 -26.96 -13.31
N VAL B 214 2.82 -27.06 -13.59
CA VAL B 214 3.31 -28.10 -14.49
C VAL B 214 3.65 -29.38 -13.74
N GLU B 215 4.27 -29.25 -12.56
CA GLU B 215 4.71 -30.42 -11.80
C GLU B 215 4.89 -30.01 -10.34
N HIS B 216 4.94 -31.01 -9.47
CA HIS B 216 5.35 -30.78 -8.10
C HIS B 216 6.13 -32.00 -7.61
N ARG B 217 7.10 -31.74 -6.72
CA ARG B 217 7.99 -32.76 -6.20
C ARG B 217 8.10 -32.65 -4.68
N LEU B 218 8.31 -33.79 -4.04
CA LEU B 218 8.55 -33.87 -2.61
C LEU B 218 9.98 -34.35 -2.38
N VAL B 219 10.73 -33.60 -1.56
CA VAL B 219 12.12 -33.90 -1.27
C VAL B 219 12.31 -33.99 0.24
N SER B 220 13.02 -35.03 0.68
CA SER B 220 13.42 -35.19 2.07
C SER B 220 14.94 -35.16 2.15
N ARG B 221 15.47 -34.34 3.06
CA ARG B 221 16.91 -34.12 3.19
C ARG B 221 17.18 -33.59 4.60
N ASN B 222 18.46 -33.62 4.99
CA ASN B 222 18.87 -33.15 6.30
C ASN B 222 19.84 -31.98 6.15
N VAL B 223 19.30 -30.77 6.24
CA VAL B 223 20.12 -29.55 6.20
C VAL B 223 21.11 -29.53 7.37
N VAL B 224 22.30 -28.99 7.11
CA VAL B 224 23.38 -28.93 8.10
C VAL B 224 23.73 -27.47 8.35
N PHE B 225 23.78 -27.08 9.63
CA PHE B 225 24.26 -25.77 10.04
C PHE B 225 25.36 -25.94 11.09
N ALA B 226 25.77 -24.82 11.68
CA ALA B 226 26.72 -24.87 12.78
C ALA B 226 26.16 -25.61 13.98
N THR B 227 24.88 -25.38 14.29
CA THR B 227 24.26 -26.03 15.44
C THR B 227 24.21 -27.55 15.25
N GLY B 228 23.87 -28.01 14.06
CA GLY B 228 23.84 -29.42 13.78
C GLY B 228 22.93 -29.72 12.60
N ALA B 229 22.65 -31.01 12.43
CA ALA B 229 21.80 -31.45 11.33
C ALA B 229 20.32 -31.30 11.69
N TYR B 230 19.54 -30.77 10.75
CA TYR B 230 18.12 -30.55 10.94
C TYR B 230 17.30 -31.26 9.86
N PRO B 231 16.18 -31.86 10.23
CA PRO B 231 15.32 -32.50 9.24
C PRO B 231 14.72 -31.46 8.31
N ARG B 232 14.52 -31.85 7.06
CA ARG B 232 14.00 -30.94 6.06
C ARG B 232 13.10 -31.67 5.07
N LEU B 233 11.96 -31.06 4.78
CA LEU B 233 11.07 -31.47 3.72
C LEU B 233 10.82 -30.27 2.83
N SER B 234 10.83 -30.49 1.52
CA SER B 234 10.65 -29.43 0.55
C SER B 234 9.52 -29.81 -0.38
N LEU B 235 8.58 -28.89 -0.54
CA LEU B 235 7.53 -29.01 -1.54
C LEU B 235 7.76 -27.90 -2.54
N SER B 236 7.88 -28.28 -3.81
CA SER B 236 8.24 -27.35 -4.87
C SER B 236 7.28 -27.53 -6.03
N PHE B 237 6.94 -26.41 -6.66
CA PHE B 237 6.10 -26.39 -7.84
C PHE B 237 6.87 -25.76 -8.98
N ARG B 238 6.63 -26.25 -10.19
CA ARG B 238 7.20 -25.64 -11.39
C ARG B 238 6.08 -24.91 -12.09
N LEU B 239 6.25 -23.59 -12.22
CA LEU B 239 5.25 -22.71 -12.80
C LEU B 239 5.71 -22.27 -14.17
N LYS B 240 4.83 -22.43 -15.17
CA LYS B 240 5.12 -22.00 -16.52
C LYS B 240 4.13 -20.89 -16.82
N ARG B 241 4.66 -19.69 -17.02
CA ARG B 241 3.80 -18.52 -17.18
C ARG B 241 2.97 -18.60 -18.44
N ASN B 242 1.73 -18.13 -18.33
CA ASN B 242 0.83 -18.03 -19.46
C ASN B 242 1.19 -16.80 -20.30
N ILE B 243 1.02 -16.92 -21.62
CA ILE B 243 1.51 -15.88 -22.53
C ILE B 243 0.38 -15.06 -23.12
N GLY B 244 -0.88 -15.46 -22.93
CA GLY B 244 -1.97 -14.79 -23.63
C GLY B 244 -2.06 -13.31 -23.27
N TYR B 245 -1.87 -13.00 -21.98
CA TYR B 245 -1.96 -11.62 -21.53
C TYR B 245 -0.86 -10.77 -22.14
N PHE B 246 0.36 -11.32 -22.22
CA PHE B 246 1.50 -10.56 -22.70
C PHE B 246 1.44 -10.35 -24.20
N ILE B 247 0.85 -11.29 -24.94
CA ILE B 247 0.68 -11.13 -26.38
C ILE B 247 -0.15 -9.89 -26.67
N LEU B 248 -1.29 -9.76 -26.00
CA LEU B 248 -2.20 -8.65 -26.29
C LEU B 248 -1.70 -7.35 -25.69
N GLN B 249 -0.95 -7.41 -24.58
CA GLN B 249 -0.55 -6.22 -23.85
C GLN B 249 0.84 -5.71 -24.19
N THR B 250 1.77 -6.60 -24.55
CA THR B 250 3.15 -6.21 -24.79
C THR B 250 3.58 -6.45 -26.24
N TYR B 251 3.45 -7.68 -26.73
CA TYR B 251 3.97 -8.02 -28.05
C TYR B 251 3.15 -7.41 -29.18
N MET B 252 1.83 -7.51 -29.11
CA MET B 252 1.00 -7.00 -30.20
C MET B 252 1.12 -5.50 -30.39
N PRO B 253 0.99 -4.64 -29.37
CA PRO B 253 1.18 -3.20 -29.61
C PRO B 253 2.55 -2.88 -30.20
N SER B 254 3.60 -3.56 -29.75
CA SER B 254 4.94 -3.30 -30.27
C SER B 254 5.04 -3.70 -31.74
N ILE B 255 4.44 -4.83 -32.11
CA ILE B 255 4.47 -5.28 -33.50
C ILE B 255 3.77 -4.29 -34.41
N LEU B 256 2.57 -3.83 -34.01
CA LEU B 256 1.79 -2.95 -34.86
C LEU B 256 2.49 -1.61 -35.07
N ILE B 257 3.14 -1.09 -34.03
CA ILE B 257 3.87 0.16 -34.14
C ILE B 257 5.05 -0.03 -35.09
N THR B 258 5.72 -1.17 -34.99
CA THR B 258 6.84 -1.44 -35.89
C THR B 258 6.37 -1.51 -37.33
N ILE B 259 5.24 -2.18 -37.58
CA ILE B 259 4.70 -2.26 -38.93
C ILE B 259 4.29 -0.87 -39.42
N LEU B 260 3.76 -0.05 -38.50
CA LEU B 260 3.36 1.32 -38.85
C LEU B 260 4.56 2.16 -39.26
N SER B 261 5.71 1.94 -38.61
CA SER B 261 6.90 2.71 -38.97
C SER B 261 7.32 2.44 -40.41
N TRP B 262 7.01 1.26 -40.94
CA TRP B 262 7.33 0.94 -42.31
C TRP B 262 6.48 1.72 -43.31
N VAL B 263 5.38 2.32 -42.85
CA VAL B 263 4.53 3.10 -43.75
C VAL B 263 5.33 4.26 -44.34
N SER B 264 6.33 4.76 -43.60
CA SER B 264 7.15 5.85 -44.09
C SER B 264 7.86 5.49 -45.39
N PHE B 265 8.21 4.22 -45.56
CA PHE B 265 8.91 3.79 -46.77
C PHE B 265 8.04 3.93 -48.01
N TRP B 266 6.73 4.08 -47.85
CA TRP B 266 5.81 4.20 -48.98
C TRP B 266 5.38 5.64 -49.23
N ILE B 267 5.94 6.61 -48.49
CA ILE B 267 5.62 8.01 -48.69
C ILE B 267 6.77 8.66 -49.44
N ASN B 268 6.45 9.69 -50.21
CA ASN B 268 7.47 10.36 -51.03
C ASN B 268 8.57 10.95 -50.15
N TYR B 269 9.81 10.88 -50.65
CA TYR B 269 10.93 11.42 -49.89
C TYR B 269 10.78 12.92 -49.61
N ASP B 270 10.08 13.64 -50.50
CA ASP B 270 9.93 15.08 -50.33
C ASP B 270 8.94 15.44 -49.24
N ALA B 271 8.09 14.50 -48.82
CA ALA B 271 7.12 14.73 -47.75
C ALA B 271 7.82 14.59 -46.40
N SER B 272 8.70 15.55 -46.11
CA SER B 272 9.50 15.49 -44.90
C SER B 272 8.64 15.64 -43.65
N ALA B 273 7.62 16.50 -43.70
CA ALA B 273 6.80 16.73 -42.52
C ALA B 273 5.98 15.49 -42.18
N ALA B 274 5.52 14.75 -43.19
CA ALA B 274 4.72 13.56 -42.93
C ALA B 274 5.58 12.40 -42.45
N ARG B 275 6.75 12.20 -43.07
CA ARG B 275 7.57 11.04 -42.73
C ARG B 275 8.28 11.22 -41.39
N VAL B 276 8.70 12.45 -41.08
CA VAL B 276 9.33 12.69 -39.78
C VAL B 276 8.32 12.60 -38.65
N ALA B 277 7.14 13.19 -38.84
CA ALA B 277 6.10 13.09 -37.81
C ALA B 277 5.69 11.65 -37.58
N LEU B 278 5.53 10.88 -38.66
CA LEU B 278 5.27 9.45 -38.51
C LEU B 278 6.42 8.77 -37.78
N GLY B 279 7.65 9.07 -38.20
CA GLY B 279 8.81 8.40 -37.64
C GLY B 279 9.05 8.72 -36.17
N ILE B 280 8.94 10.01 -35.81
CA ILE B 280 9.27 10.41 -34.44
C ILE B 280 8.14 10.05 -33.49
N THR B 281 6.89 10.07 -33.97
CA THR B 281 5.78 9.68 -33.10
C THR B 281 5.81 8.19 -32.78
N THR B 282 6.26 7.36 -33.73
CA THR B 282 6.43 5.95 -33.43
C THR B 282 7.53 5.73 -32.40
N VAL B 283 8.61 6.51 -32.49
CA VAL B 283 9.65 6.46 -31.46
C VAL B 283 9.06 6.88 -30.12
N LEU B 284 8.26 7.95 -30.11
CA LEU B 284 7.60 8.39 -28.89
C LEU B 284 6.64 7.32 -28.39
N THR B 285 5.87 6.73 -29.30
CA THR B 285 4.93 5.68 -28.90
C THR B 285 5.66 4.50 -28.28
N MET B 286 6.80 4.11 -28.86
CA MET B 286 7.53 2.95 -28.37
C MET B 286 8.03 3.20 -26.95
N THR B 287 8.51 4.42 -26.68
CA THR B 287 8.94 4.77 -25.33
C THR B 287 7.76 4.83 -24.37
N THR B 288 6.59 5.24 -24.87
CA THR B 288 5.39 5.26 -24.05
C THR B 288 5.05 3.85 -23.55
N ILE B 289 5.18 2.85 -24.43
CA ILE B 289 4.93 1.46 -24.02
C ILE B 289 5.92 1.06 -22.94
N ASN B 290 7.20 1.36 -23.15
CA ASN B 290 8.25 0.90 -22.25
C ASN B 290 8.16 1.60 -20.89
N THR B 291 7.85 2.90 -20.90
CA THR B 291 7.78 3.68 -19.66
C THR B 291 6.54 3.31 -18.86
N HIS B 292 5.42 3.03 -19.53
CA HIS B 292 4.22 2.61 -18.81
C HIS B 292 4.34 1.18 -18.31
N LEU B 293 5.09 0.34 -18.99
CA LEU B 293 5.40 -1.00 -18.49
C LEU B 293 6.65 -1.01 -17.62
N ARG B 294 7.32 0.14 -17.52
CA ARG B 294 8.43 0.32 -16.58
C ARG B 294 7.97 0.32 -15.13
N GLU B 295 6.78 0.87 -14.86
CA GLU B 295 6.27 0.88 -13.49
C GLU B 295 5.59 -0.42 -13.08
N THR B 296 5.02 -1.18 -14.00
CA THR B 296 4.45 -2.45 -13.56
C THR B 296 5.55 -3.50 -13.32
N LEU B 297 6.57 -3.50 -14.17
CA LEU B 297 7.67 -4.45 -14.05
C LEU B 297 8.57 -4.09 -12.87
N PRO B 298 9.35 -5.06 -12.37
CA PRO B 298 10.13 -4.82 -11.13
C PRO B 298 11.41 -4.04 -11.39
N LYS B 299 12.25 -3.87 -10.38
CA LYS B 299 13.63 -3.40 -10.57
C LYS B 299 14.65 -4.54 -10.56
N ILE B 300 14.57 -5.39 -11.58
CA ILE B 300 15.55 -6.47 -11.76
C ILE B 300 16.54 -6.10 -12.87
N PRO B 301 17.73 -5.63 -12.51
CA PRO B 301 18.72 -5.03 -13.44
C PRO B 301 19.53 -6.04 -14.24
N TYR B 302 18.86 -6.70 -15.17
CA TYR B 302 19.52 -7.39 -16.26
C TYR B 302 18.53 -7.67 -17.38
N VAL B 303 19.09 -8.06 -18.52
CA VAL B 303 18.38 -8.14 -19.80
C VAL B 303 17.43 -9.32 -19.79
N LYS B 304 16.14 -9.05 -19.94
CA LYS B 304 15.15 -10.12 -19.96
C LYS B 304 14.59 -10.27 -21.37
N ALA B 305 13.78 -11.32 -21.56
CA ALA B 305 13.21 -11.58 -22.88
C ALA B 305 12.31 -10.45 -23.32
N ILE B 306 11.56 -9.87 -22.39
CA ILE B 306 10.67 -8.76 -22.74
C ILE B 306 11.49 -7.56 -23.19
N ASP B 307 12.63 -7.32 -22.52
CA ASP B 307 13.52 -6.23 -22.91
C ASP B 307 14.04 -6.40 -24.32
N MET B 308 14.46 -7.61 -24.69
CA MET B 308 15.01 -7.82 -26.03
C MET B 308 14.00 -7.54 -27.11
N TYR B 309 12.75 -7.96 -26.93
CA TYR B 309 11.77 -7.73 -27.98
C TYR B 309 11.46 -6.25 -28.11
N LEU B 310 11.28 -5.56 -26.97
CA LEU B 310 11.04 -4.13 -27.02
C LEU B 310 12.24 -3.38 -27.57
N MET B 311 13.46 -3.78 -27.17
CA MET B 311 14.65 -3.13 -27.70
C MET B 311 14.79 -3.39 -29.19
N GLY B 312 14.51 -4.61 -29.63
CA GLY B 312 14.59 -4.90 -31.05
C GLY B 312 13.62 -4.07 -31.86
N CYS B 313 12.37 -3.97 -31.38
CA CYS B 313 11.39 -3.15 -32.07
C CYS B 313 11.79 -1.68 -32.04
N PHE B 314 12.37 -1.23 -30.93
CA PHE B 314 12.82 0.16 -30.84
C PHE B 314 13.92 0.44 -31.85
N VAL B 315 14.81 -0.53 -32.07
CA VAL B 315 15.87 -0.32 -33.06
C VAL B 315 15.28 -0.24 -34.46
N PHE B 316 14.27 -1.07 -34.75
CA PHE B 316 13.69 -1.07 -36.09
C PHE B 316 12.99 0.25 -36.40
N VAL B 317 12.23 0.78 -35.45
CA VAL B 317 11.58 2.07 -35.67
C VAL B 317 12.61 3.20 -35.65
N PHE B 318 13.64 3.09 -34.80
CA PHE B 318 14.74 4.05 -34.85
C PHE B 318 15.43 4.05 -36.20
N LEU B 319 15.66 2.86 -36.77
CA LEU B 319 16.31 2.79 -38.07
C LEU B 319 15.41 3.27 -39.18
N ALA B 320 14.09 3.05 -39.06
CA ALA B 320 13.18 3.53 -40.10
C ALA B 320 13.19 5.05 -40.15
N LEU B 321 13.19 5.70 -38.99
CA LEU B 321 13.32 7.15 -38.95
C LEU B 321 14.70 7.59 -39.43
N LEU B 322 15.73 6.88 -38.99
CA LEU B 322 17.09 7.19 -39.43
C LEU B 322 17.30 6.87 -40.89
N GLU B 323 16.52 5.93 -41.44
CA GLU B 323 16.61 5.64 -42.87
C GLU B 323 16.22 6.85 -43.70
N TYR B 324 15.18 7.58 -43.28
CA TYR B 324 14.77 8.75 -44.04
C TYR B 324 15.81 9.86 -43.94
N ALA B 325 16.45 10.00 -42.77
CA ALA B 325 17.56 10.94 -42.64
C ALA B 325 18.63 10.69 -43.68
N PHE B 326 18.97 9.42 -43.90
CA PHE B 326 19.93 9.08 -44.95
C PHE B 326 19.37 9.42 -46.33
N VAL B 327 18.07 9.18 -46.53
CA VAL B 327 17.43 9.53 -47.80
C VAL B 327 17.45 11.03 -48.02
N ASN B 328 17.10 11.80 -46.98
CA ASN B 328 17.08 13.25 -47.11
C ASN B 328 18.47 13.80 -47.41
N TYR B 329 19.49 13.30 -46.70
CA TYR B 329 20.83 13.86 -46.86
C TYR B 329 21.40 13.58 -48.25
N ILE B 330 21.21 12.37 -48.77
CA ILE B 330 21.78 12.04 -50.07
C ILE B 330 21.17 12.90 -51.16
N PHE B 331 19.85 13.10 -51.12
CA PHE B 331 19.18 13.93 -52.11
C PHE B 331 19.51 15.41 -51.94
N PHE B 332 19.17 15.98 -50.79
CA PHE B 332 19.34 17.43 -50.61
C PHE B 332 20.79 17.81 -50.35
N GLY B 333 21.53 17.00 -49.60
CA GLY B 333 22.90 17.37 -49.27
C GLY B 333 23.89 17.15 -50.40
N ARG B 334 24.05 15.89 -50.81
CA ARG B 334 25.04 15.54 -51.82
C ARG B 334 24.41 15.48 -53.20
N ASP B 444 18.95 6.61 -57.66
CA ASP B 444 19.72 6.52 -56.43
C ASP B 444 18.81 6.62 -55.20
N VAL B 445 18.12 7.75 -55.08
CA VAL B 445 17.28 8.00 -53.91
C VAL B 445 16.15 6.98 -53.83
N ASN B 446 15.51 6.69 -54.97
CA ASN B 446 14.39 5.75 -54.97
C ASN B 446 14.83 4.33 -54.69
N ALA B 447 16.10 3.99 -54.96
CA ALA B 447 16.59 2.66 -54.67
C ALA B 447 16.56 2.37 -53.17
N ILE B 448 16.96 3.35 -52.36
CA ILE B 448 17.01 3.16 -50.90
C ILE B 448 15.62 2.89 -50.35
N ASP B 449 14.62 3.63 -50.84
CA ASP B 449 13.25 3.41 -50.39
C ASP B 449 12.70 2.09 -50.91
N ARG B 450 12.90 1.81 -52.19
CA ARG B 450 12.42 0.54 -52.75
C ARG B 450 13.01 -0.66 -52.03
N TRP B 451 14.33 -0.62 -51.75
CA TRP B 451 14.94 -1.71 -51.03
C TRP B 451 14.50 -1.76 -49.56
N SER B 452 14.17 -0.60 -48.99
CA SER B 452 13.74 -0.59 -47.59
C SER B 452 12.36 -1.22 -47.44
N ARG B 453 11.52 -1.16 -48.47
CA ARG B 453 10.19 -1.75 -48.40
C ARG B 453 10.21 -3.27 -48.31
N ILE B 454 11.36 -3.90 -48.53
CA ILE B 454 11.50 -5.35 -48.47
C ILE B 454 12.39 -5.76 -47.30
N VAL B 455 13.54 -5.11 -47.14
CA VAL B 455 14.52 -5.54 -46.14
C VAL B 455 13.95 -5.39 -44.74
N PHE B 456 13.31 -4.26 -44.46
CA PHE B 456 12.76 -4.05 -43.12
C PHE B 456 11.68 -5.07 -42.77
N PRO B 457 10.65 -5.30 -43.60
CA PRO B 457 9.71 -6.40 -43.27
C PRO B 457 10.40 -7.75 -43.18
N PHE B 458 11.39 -7.99 -44.03
CA PHE B 458 12.06 -9.29 -44.04
C PHE B 458 12.92 -9.47 -42.79
N THR B 459 13.73 -8.45 -42.45
CA THR B 459 14.63 -8.58 -41.31
C THR B 459 13.86 -8.65 -40.00
N PHE B 460 12.72 -7.97 -39.91
CA PHE B 460 11.90 -8.09 -38.71
C PHE B 460 11.33 -9.50 -38.59
N SER B 461 10.91 -10.09 -39.71
CA SER B 461 10.50 -11.49 -39.68
C SER B 461 11.64 -12.40 -39.25
N LEU B 462 12.84 -12.14 -39.78
CA LEU B 462 14.01 -12.94 -39.39
C LEU B 462 14.31 -12.77 -37.91
N PHE B 463 14.21 -11.52 -37.42
CA PHE B 463 14.40 -11.27 -35.99
C PHE B 463 13.37 -12.01 -35.16
N ASN B 464 12.11 -12.00 -35.61
CA ASN B 464 11.06 -12.69 -34.87
C ASN B 464 11.29 -14.19 -34.86
N LEU B 465 11.69 -14.75 -36.00
CA LEU B 465 11.95 -16.19 -36.06
C LEU B 465 13.02 -16.60 -35.06
N VAL B 466 14.13 -15.86 -35.01
CA VAL B 466 15.20 -16.19 -34.08
C VAL B 466 14.72 -16.03 -32.64
N TYR B 467 14.00 -14.94 -32.35
CA TYR B 467 13.53 -14.68 -30.99
C TYR B 467 12.61 -15.79 -30.49
N TRP B 468 11.59 -16.14 -31.29
CA TRP B 468 10.61 -17.11 -30.84
C TRP B 468 11.19 -18.52 -30.79
N LEU B 469 12.03 -18.89 -31.75
CA LEU B 469 12.68 -20.20 -31.70
C LEU B 469 13.57 -20.31 -30.46
N TYR B 470 14.35 -19.26 -30.18
CA TYR B 470 15.25 -19.31 -29.02
C TYR B 470 14.46 -19.41 -27.72
N TYR B 471 13.37 -18.66 -27.60
CA TYR B 471 12.60 -18.62 -26.37
C TYR B 471 11.39 -19.54 -26.35
N VAL B 472 11.16 -20.31 -27.41
CA VAL B 472 10.06 -21.28 -27.44
C VAL B 472 10.53 -22.54 -28.16
N MET C 34 -2.58 5.43 52.18
CA MET C 34 -2.86 4.72 50.95
C MET C 34 -3.44 3.33 51.23
N SER C 35 -3.08 2.78 52.40
CA SER C 35 -3.56 1.45 52.77
C SER C 35 -5.08 1.45 52.93
N PHE C 36 -5.63 2.52 53.50
CA PHE C 36 -7.08 2.61 53.69
C PHE C 36 -7.81 2.56 52.34
N VAL C 37 -7.33 3.33 51.37
CA VAL C 37 -7.95 3.30 50.04
C VAL C 37 -7.70 1.97 49.35
N LYS C 38 -6.51 1.38 49.55
CA LYS C 38 -6.22 0.08 48.97
C LYS C 38 -7.20 -0.99 49.46
N GLU C 39 -7.47 -1.01 50.76
CA GLU C 39 -8.45 -1.95 51.30
C GLU C 39 -9.87 -1.58 50.87
N THR C 40 -10.16 -0.30 50.71
CA THR C 40 -11.48 0.11 50.21
C THR C 40 -11.73 -0.44 48.81
N VAL C 41 -10.74 -0.37 47.92
CA VAL C 41 -10.91 -0.86 46.57
C VAL C 41 -11.02 -2.38 46.56
N ASP C 42 -10.13 -3.06 47.27
CA ASP C 42 -10.19 -4.52 47.37
C ASP C 42 -11.54 -4.99 47.89
N LYS C 43 -12.18 -4.20 48.76
CA LYS C 43 -13.51 -4.54 49.24
C LYS C 43 -14.52 -4.55 48.10
N LEU C 44 -14.44 -3.56 47.20
CA LEU C 44 -15.38 -3.47 46.09
C LEU C 44 -15.28 -4.69 45.18
N LEU C 45 -14.07 -5.02 44.73
CA LEU C 45 -13.92 -6.11 43.76
C LEU C 45 -14.20 -7.46 44.38
N LYS C 46 -13.86 -7.66 45.66
CA LYS C 46 -14.13 -8.93 46.30
C LYS C 46 -15.62 -9.24 46.22
N GLY C 47 -15.96 -10.35 45.58
CA GLY C 47 -17.34 -10.70 45.33
C GLY C 47 -17.96 -10.04 44.12
N TYR C 48 -17.23 -9.18 43.42
CA TYR C 48 -17.75 -8.52 42.22
C TYR C 48 -17.90 -9.54 41.10
N ASP C 49 -18.93 -9.37 40.28
CA ASP C 49 -19.20 -10.27 39.16
C ASP C 49 -19.26 -9.41 37.90
N ILE C 50 -18.16 -9.42 37.13
CA ILE C 50 -18.06 -8.65 35.90
C ILE C 50 -19.02 -9.16 34.83
N ARG C 51 -19.53 -10.37 34.99
CA ARG C 51 -20.39 -11.00 34.01
C ARG C 51 -21.83 -10.51 34.06
N LEU C 52 -22.18 -9.73 35.08
CA LEU C 52 -23.54 -9.22 35.26
C LEU C 52 -23.57 -7.71 35.15
N ARG C 53 -24.52 -7.19 34.37
CA ARG C 53 -24.65 -5.75 34.24
C ARG C 53 -25.21 -5.19 35.55
N PRO C 54 -24.98 -3.90 35.82
CA PRO C 54 -25.62 -3.30 37.00
C PRO C 54 -27.13 -3.43 36.94
N ASP C 55 -27.73 -3.67 38.11
CA ASP C 55 -29.17 -3.89 38.22
C ASP C 55 -29.63 -5.00 37.29
N PHE C 56 -28.87 -6.09 37.25
CA PHE C 56 -29.19 -7.19 36.35
C PHE C 56 -30.59 -7.73 36.67
N GLY C 57 -31.42 -7.86 35.65
CA GLY C 57 -32.79 -8.29 35.82
C GLY C 57 -33.73 -7.22 36.32
N GLY C 58 -33.22 -6.04 36.68
CA GLY C 58 -34.03 -4.95 37.13
C GLY C 58 -34.24 -3.95 36.02
N PRO C 59 -34.42 -2.68 36.36
CA PRO C 59 -34.58 -1.68 35.32
C PRO C 59 -33.31 -1.57 34.49
N PRO C 60 -33.42 -1.16 33.22
CA PRO C 60 -32.22 -1.04 32.39
C PRO C 60 -31.23 -0.03 32.96
N VAL C 61 -29.95 -0.34 32.78
CA VAL C 61 -28.88 0.56 33.22
C VAL C 61 -28.73 1.67 32.20
N CYS C 62 -28.84 2.92 32.65
CA CYS C 62 -28.71 4.07 31.76
C CYS C 62 -27.25 4.44 31.64
N VAL C 63 -26.75 4.45 30.41
CA VAL C 63 -25.36 4.78 30.11
C VAL C 63 -25.32 6.09 29.33
N GLY C 64 -24.74 7.12 29.93
CA GLY C 64 -24.54 8.38 29.25
C GLY C 64 -23.22 8.40 28.50
N MET C 65 -23.22 9.08 27.35
CA MET C 65 -22.06 9.12 26.47
C MET C 65 -21.79 10.54 26.00
N ASN C 66 -20.52 10.89 25.97
CA ASN C 66 -20.06 12.13 25.37
C ASN C 66 -18.75 11.87 24.65
N ILE C 67 -18.53 12.60 23.56
CA ILE C 67 -17.36 12.39 22.70
C ILE C 67 -16.61 13.71 22.55
N ASP C 68 -15.30 13.67 22.72
CA ASP C 68 -14.43 14.80 22.43
C ASP C 68 -13.59 14.46 21.20
N ILE C 69 -13.92 15.07 20.06
CA ILE C 69 -13.27 14.74 18.81
C ILE C 69 -11.89 15.38 18.77
N ALA C 70 -10.87 14.57 18.50
CA ALA C 70 -9.51 15.06 18.36
C ALA C 70 -9.21 15.53 16.94
N SER C 71 -9.54 14.70 15.95
CA SER C 71 -9.26 15.02 14.56
C SER C 71 -10.00 14.04 13.68
N ILE C 72 -10.23 14.45 12.43
CA ILE C 72 -10.62 13.53 11.36
C ILE C 72 -9.46 13.44 10.39
N ASP C 73 -8.60 12.42 10.57
CA ASP C 73 -7.35 12.37 9.83
C ASP C 73 -7.57 12.26 8.33
N MET C 74 -8.48 11.39 7.90
CA MET C 74 -8.67 11.12 6.49
C MET C 74 -10.14 10.98 6.15
N VAL C 75 -10.48 11.26 4.90
CA VAL C 75 -11.79 10.97 4.33
C VAL C 75 -11.52 10.50 2.90
N SER C 76 -11.66 9.20 2.65
CA SER C 76 -11.28 8.61 1.37
C SER C 76 -12.52 8.19 0.60
N GLU C 77 -12.62 8.66 -0.64
CA GLU C 77 -13.72 8.24 -1.52
C GLU C 77 -13.50 6.85 -2.09
N VAL C 78 -12.24 6.47 -2.32
CA VAL C 78 -11.94 5.16 -2.90
C VAL C 78 -12.42 4.04 -1.99
N ASN C 79 -12.06 4.10 -0.71
CA ASN C 79 -12.50 3.13 0.28
C ASN C 79 -13.86 3.45 0.87
N MET C 80 -14.36 4.68 0.67
CA MET C 80 -15.63 5.14 1.24
C MET C 80 -15.65 4.96 2.75
N ASP C 81 -14.76 5.69 3.41
CA ASP C 81 -14.68 5.71 4.86
C ASP C 81 -13.86 6.90 5.29
N TYR C 82 -13.93 7.20 6.59
CA TYR C 82 -13.17 8.30 7.17
C TYR C 82 -12.53 7.81 8.45
N THR C 83 -11.40 8.42 8.80
CA THR C 83 -10.69 8.09 10.03
C THR C 83 -10.93 9.15 11.07
N LEU C 84 -11.32 8.73 12.26
CA LEU C 84 -11.73 9.63 13.33
C LEU C 84 -10.93 9.30 14.57
N THR C 85 -10.37 10.33 15.22
CA THR C 85 -9.75 10.20 16.52
C THR C 85 -10.59 10.97 17.53
N MET C 86 -10.87 10.34 18.66
CA MET C 86 -11.75 10.93 19.64
C MET C 86 -11.44 10.38 21.02
N TYR C 87 -11.95 11.07 22.04
CA TYR C 87 -12.01 10.56 23.40
C TYR C 87 -13.46 10.12 23.61
N PHE C 88 -13.67 8.82 23.75
CA PHE C 88 -15.01 8.26 23.86
C PHE C 88 -15.29 7.94 25.32
N GLN C 89 -16.28 8.60 25.90
CA GLN C 89 -16.57 8.49 27.31
C GLN C 89 -17.94 7.86 27.52
N GLN C 90 -18.01 6.95 28.48
CA GLN C 90 -19.23 6.29 28.88
C GLN C 90 -19.45 6.53 30.36
N TYR C 91 -20.70 6.79 30.74
CA TYR C 91 -21.02 7.24 32.09
C TYR C 91 -22.26 6.50 32.54
N TRP C 92 -22.15 5.72 33.60
CA TRP C 92 -23.26 4.96 34.14
C TRP C 92 -23.09 4.82 35.63
N ARG C 93 -24.07 4.17 36.27
CA ARG C 93 -24.09 4.00 37.72
C ARG C 93 -24.08 2.51 38.03
N ASP C 94 -23.15 2.09 38.89
CA ASP C 94 -23.05 0.71 39.34
C ASP C 94 -23.05 0.70 40.85
N LYS C 95 -24.14 0.19 41.46
CA LYS C 95 -24.24 0.19 42.91
C LYS C 95 -23.18 -0.70 43.56
N ARG C 96 -22.74 -1.73 42.85
CA ARG C 96 -21.73 -2.64 43.40
C ARG C 96 -20.39 -1.95 43.63
N LEU C 97 -20.18 -0.77 43.05
CA LEU C 97 -18.92 -0.04 43.17
C LEU C 97 -19.05 1.17 44.09
N ALA C 98 -20.11 1.24 44.87
CA ALA C 98 -20.29 2.34 45.81
C ALA C 98 -19.33 2.20 46.98
N TYR C 99 -18.65 3.29 47.32
CA TYR C 99 -17.71 3.31 48.43
C TYR C 99 -17.99 4.50 49.33
N SER C 100 -17.79 4.31 50.63
CA SER C 100 -18.10 5.33 51.62
C SER C 100 -16.87 5.57 52.50
N GLY C 101 -16.81 6.76 53.08
CA GLY C 101 -15.72 7.18 53.93
C GLY C 101 -14.65 8.00 53.22
N ILE C 102 -14.58 7.92 51.90
CA ILE C 102 -13.60 8.67 51.11
C ILE C 102 -14.34 9.77 50.36
N PRO C 103 -14.18 11.04 50.73
CA PRO C 103 -14.86 12.14 50.05
C PRO C 103 -14.13 12.62 48.80
N LEU C 104 -13.71 11.68 47.96
CA LEU C 104 -12.94 11.98 46.76
C LEU C 104 -13.33 11.01 45.65
N ASN C 105 -13.14 11.45 44.41
CA ASN C 105 -13.41 10.62 43.24
C ASN C 105 -12.14 9.87 42.86
N LEU C 106 -12.15 8.56 43.06
CA LEU C 106 -10.94 7.75 42.88
C LEU C 106 -10.58 7.70 41.39
N THR C 107 -9.46 8.32 41.03
CA THR C 107 -8.87 8.13 39.70
C THR C 107 -7.87 6.99 39.80
N LEU C 108 -8.16 5.88 39.11
CA LEU C 108 -7.39 4.67 39.23
C LEU C 108 -6.57 4.41 37.97
N ASP C 109 -5.65 3.46 38.07
CA ASP C 109 -4.86 3.05 36.92
C ASP C 109 -5.78 2.43 35.86
N ASN C 110 -5.42 2.63 34.60
CA ASN C 110 -6.26 2.16 33.51
C ASN C 110 -6.45 0.65 33.51
N ARG C 111 -5.53 -0.09 34.13
CA ARG C 111 -5.63 -1.55 34.16
C ARG C 111 -6.79 -2.04 35.01
N VAL C 112 -7.35 -1.21 35.89
CA VAL C 112 -8.49 -1.63 36.69
C VAL C 112 -9.74 -1.79 35.83
N ALA C 113 -9.75 -1.20 34.62
CA ALA C 113 -10.92 -1.32 33.75
C ALA C 113 -11.18 -2.76 33.32
N ASP C 114 -10.17 -3.62 33.34
CA ASP C 114 -10.33 -5.01 32.93
C ASP C 114 -10.96 -5.87 34.01
N GLN C 115 -11.21 -5.32 35.19
CA GLN C 115 -11.77 -6.07 36.31
C GLN C 115 -13.18 -5.60 36.67
N LEU C 116 -13.73 -4.66 35.93
CA LEU C 116 -15.07 -4.14 36.16
C LEU C 116 -15.98 -4.53 35.00
N TRP C 117 -17.27 -4.33 35.19
CA TRP C 117 -18.20 -4.42 34.07
C TRP C 117 -18.19 -3.12 33.30
N VAL C 118 -18.14 -3.23 31.96
CA VAL C 118 -18.22 -2.07 31.08
C VAL C 118 -19.23 -2.41 30.00
N PRO C 119 -19.87 -1.43 29.37
CA PRO C 119 -20.84 -1.75 28.32
C PRO C 119 -20.17 -2.39 27.12
N ASP C 120 -20.94 -3.22 26.42
CA ASP C 120 -20.48 -3.86 25.19
C ASP C 120 -20.79 -3.00 23.98
N THR C 121 -20.32 -1.75 24.07
CA THR C 121 -20.55 -0.79 23.01
C THR C 121 -19.62 -1.06 21.84
N TYR C 122 -20.16 -0.93 20.64
CA TYR C 122 -19.39 -1.07 19.41
C TYR C 122 -19.91 -0.07 18.39
N PHE C 123 -19.12 0.15 17.34
CA PHE C 123 -19.48 1.08 16.30
C PHE C 123 -19.93 0.28 15.09
N LEU C 124 -21.19 0.47 14.69
CA LEU C 124 -21.80 -0.41 13.71
C LEU C 124 -21.11 -0.33 12.36
N ASN C 125 -20.80 0.87 11.89
CA ASN C 125 -20.21 1.03 10.58
C ASN C 125 -18.69 1.13 10.62
N ASP C 126 -18.06 0.55 11.64
CA ASP C 126 -16.63 0.67 11.83
C ASP C 126 -15.89 -0.46 11.12
N LYS C 127 -15.03 -0.10 10.17
CA LYS C 127 -14.26 -1.07 9.40
C LYS C 127 -13.03 -1.56 10.17
N LYS C 128 -12.27 -0.64 10.76
CA LYS C 128 -11.12 -1.01 11.58
C LYS C 128 -10.91 0.10 12.61
N SER C 129 -10.53 -0.29 13.82
CA SER C 129 -10.31 0.66 14.89
C SER C 129 -9.40 0.06 15.94
N PHE C 130 -8.83 0.91 16.78
CA PHE C 130 -7.97 0.48 17.86
C PHE C 130 -7.94 1.54 18.95
N VAL C 131 -7.52 1.12 20.14
CA VAL C 131 -7.22 2.02 21.24
C VAL C 131 -5.71 2.24 21.26
N HIS C 132 -5.29 3.49 21.33
CA HIS C 132 -3.86 3.78 21.36
C HIS C 132 -3.22 3.15 22.60
N GLY C 133 -1.99 2.70 22.45
CA GLY C 133 -1.37 1.89 23.49
C GLY C 133 -0.01 2.35 23.96
N VAL C 134 0.38 3.58 23.63
CA VAL C 134 1.67 4.14 24.00
C VAL C 134 1.42 5.43 24.78
N THR C 135 2.10 5.58 25.92
CA THR C 135 3.00 4.58 26.49
C THR C 135 2.23 3.44 27.15
N VAL C 136 1.07 3.79 27.71
CA VAL C 136 0.15 2.81 28.27
C VAL C 136 -1.12 2.81 27.45
N LYS C 137 -2.04 1.90 27.74
CA LYS C 137 -3.31 1.87 27.04
C LYS C 137 -4.11 3.15 27.33
N ASN C 138 -4.53 3.82 26.26
CA ASN C 138 -5.16 5.13 26.39
C ASN C 138 -6.58 4.95 26.92
N ARG C 139 -6.68 4.66 28.22
CA ARG C 139 -7.94 4.30 28.85
C ARG C 139 -7.99 4.94 30.24
N MET C 140 -9.20 5.28 30.68
CA MET C 140 -9.38 6.01 31.92
C MET C 140 -10.57 5.43 32.68
N ILE C 141 -10.41 5.26 33.99
CA ILE C 141 -11.48 4.89 34.90
C ILE C 141 -11.49 5.86 36.07
N ARG C 142 -12.67 6.40 36.36
CA ARG C 142 -12.86 7.32 37.47
C ARG C 142 -14.13 6.92 38.22
N LEU C 143 -14.00 6.60 39.48
CA LEU C 143 -15.12 6.22 40.33
C LEU C 143 -15.61 7.40 41.15
N HIS C 144 -16.86 7.32 41.57
CA HIS C 144 -17.49 8.33 42.40
C HIS C 144 -18.17 7.67 43.57
N PRO C 145 -18.36 8.40 44.69
CA PRO C 145 -18.88 7.76 45.91
C PRO C 145 -20.22 7.07 45.72
N ASP C 146 -21.11 7.62 44.91
CA ASP C 146 -22.44 7.06 44.73
C ASP C 146 -22.46 5.88 43.75
N GLY C 147 -21.30 5.31 43.42
CA GLY C 147 -21.24 4.19 42.52
C GLY C 147 -21.22 4.55 41.05
N THR C 148 -21.10 5.83 40.73
CA THR C 148 -21.07 6.27 39.34
C THR C 148 -19.69 6.03 38.74
N VAL C 149 -19.65 5.44 37.55
CA VAL C 149 -18.42 5.12 36.86
C VAL C 149 -18.29 6.01 35.63
N LEU C 150 -17.13 6.65 35.48
CA LEU C 150 -16.79 7.37 34.27
C LEU C 150 -15.66 6.63 33.57
N TYR C 151 -15.87 6.33 32.29
CA TYR C 151 -14.99 5.42 31.55
C TYR C 151 -14.67 6.08 30.21
N GLY C 152 -13.41 6.48 30.04
CA GLY C 152 -12.98 7.17 28.84
C GLY C 152 -11.95 6.36 28.06
N LEU C 153 -12.06 6.41 26.74
CA LEU C 153 -11.13 5.73 25.84
C LEU C 153 -10.73 6.67 24.72
N ARG C 154 -9.44 6.64 24.37
CA ARG C 154 -8.95 7.35 23.22
C ARG C 154 -8.87 6.40 22.04
N ILE C 155 -9.75 6.62 21.06
CA ILE C 155 -10.00 5.67 19.99
C ILE C 155 -9.71 6.32 18.66
N THR C 156 -8.99 5.63 17.79
CA THR C 156 -8.92 5.97 16.38
C THR C 156 -9.70 4.91 15.62
N THR C 157 -10.71 5.34 14.87
CA THR C 157 -11.58 4.41 14.17
C THR C 157 -11.76 4.84 12.73
N THR C 158 -11.75 3.85 11.82
CA THR C 158 -12.08 4.10 10.44
C THR C 158 -13.52 3.62 10.21
N ALA C 159 -14.43 4.55 9.98
CA ALA C 159 -15.84 4.24 9.89
C ALA C 159 -16.31 4.36 8.45
N ALA C 160 -17.11 3.39 8.02
CA ALA C 160 -17.63 3.36 6.67
C ALA C 160 -18.63 4.49 6.44
N CYS C 161 -18.51 5.15 5.30
CA CYS C 161 -19.39 6.27 4.93
C CYS C 161 -19.74 6.12 3.46
N MET C 162 -20.94 5.60 3.19
CA MET C 162 -21.42 5.49 1.82
C MET C 162 -21.66 6.90 1.29
N MET C 163 -21.03 7.24 0.18
CA MET C 163 -21.06 8.59 -0.35
C MET C 163 -21.79 8.65 -1.68
N ASP C 164 -22.56 9.72 -1.86
CA ASP C 164 -23.27 10.01 -3.11
C ASP C 164 -22.43 11.07 -3.82
N LEU C 165 -21.66 10.63 -4.82
CA LEU C 165 -20.68 11.46 -5.50
C LEU C 165 -21.19 11.98 -6.83
N ARG C 166 -22.52 12.02 -7.03
CA ARG C 166 -23.05 12.55 -8.28
C ARG C 166 -22.68 14.01 -8.48
N ARG C 167 -22.71 14.80 -7.42
CA ARG C 167 -22.35 16.21 -7.53
C ARG C 167 -20.86 16.45 -7.29
N TYR C 168 -20.07 15.40 -7.14
CA TYR C 168 -18.62 15.53 -6.97
C TYR C 168 -18.01 16.31 -8.13
N PRO C 169 -17.11 17.27 -7.86
CA PRO C 169 -16.53 17.63 -6.56
C PRO C 169 -17.33 18.70 -5.81
N LEU C 170 -18.50 19.07 -6.33
CA LEU C 170 -19.37 20.06 -5.68
C LEU C 170 -20.39 19.39 -4.78
N ASP C 171 -20.03 18.26 -4.20
CA ASP C 171 -20.93 17.41 -3.44
C ASP C 171 -20.86 17.73 -1.95
N GLU C 172 -21.91 17.32 -1.24
CA GLU C 172 -22.00 17.48 0.20
C GLU C 172 -22.33 16.12 0.78
N GLN C 173 -21.49 15.66 1.70
CA GLN C 173 -21.55 14.31 2.23
C GLN C 173 -22.05 14.33 3.67
N ASN C 174 -22.65 13.22 4.08
CA ASN C 174 -23.21 13.07 5.42
C ASN C 174 -22.66 11.75 5.94
N CYS C 175 -21.62 11.84 6.76
CA CYS C 175 -20.94 10.68 7.31
C CYS C 175 -21.31 10.56 8.79
N THR C 176 -21.70 9.37 9.19
CA THR C 176 -22.24 9.15 10.52
C THR C 176 -21.36 8.18 11.30
N LEU C 177 -21.59 8.13 12.60
CA LEU C 177 -21.04 7.12 13.47
C LEU C 177 -22.20 6.54 14.26
N GLU C 178 -22.40 5.23 14.16
CA GLU C 178 -23.51 4.57 14.82
C GLU C 178 -22.99 3.86 16.06
N ILE C 179 -23.59 4.17 17.21
CA ILE C 179 -23.16 3.59 18.48
C ILE C 179 -24.31 2.74 19.01
N GLU C 180 -23.99 1.49 19.34
CA GLU C 180 -25.01 0.54 19.73
C GLU C 180 -24.44 -0.41 20.77
N SER C 181 -25.32 -1.07 21.50
CA SER C 181 -24.91 -2.15 22.38
C SER C 181 -24.95 -3.44 21.56
N TYR C 182 -23.99 -4.32 21.79
CA TYR C 182 -23.95 -5.53 20.98
C TYR C 182 -24.93 -6.58 21.48
N GLY C 183 -24.85 -6.93 22.75
CA GLY C 183 -25.65 -8.04 23.23
C GLY C 183 -26.57 -7.77 24.39
N TYR C 184 -27.07 -6.54 24.46
CA TYR C 184 -28.04 -6.15 25.46
C TYR C 184 -29.17 -5.44 24.73
N THR C 185 -30.38 -5.59 25.23
CA THR C 185 -31.53 -4.89 24.68
C THR C 185 -31.95 -3.75 25.58
N THR C 186 -32.96 -3.00 25.12
CA THR C 186 -33.43 -1.85 25.88
C THR C 186 -34.09 -2.26 27.18
N ASP C 187 -34.35 -3.55 27.37
CA ASP C 187 -34.79 -4.07 28.66
C ASP C 187 -33.66 -4.17 29.65
N ASP C 188 -32.42 -4.01 29.19
CA ASP C 188 -31.23 -4.13 30.01
C ASP C 188 -30.35 -2.89 30.02
N ILE C 189 -30.24 -2.19 28.90
CA ILE C 189 -29.34 -1.05 28.80
C ILE C 189 -30.00 0.04 27.97
N GLU C 190 -29.80 1.29 28.38
CA GLU C 190 -30.29 2.46 27.65
C GLU C 190 -29.15 3.42 27.40
N PHE C 191 -29.15 4.05 26.23
CA PHE C 191 -28.15 5.04 25.86
C PHE C 191 -28.77 6.42 25.81
N TYR C 192 -27.98 7.43 26.17
CA TYR C 192 -28.36 8.82 25.97
C TYR C 192 -27.11 9.68 25.85
N TRP C 193 -27.28 10.83 25.21
CA TRP C 193 -26.22 11.82 25.08
C TRP C 193 -26.12 12.63 26.37
N ARG C 194 -25.06 12.39 27.14
CA ARG C 194 -24.86 13.03 28.44
C ARG C 194 -24.51 14.49 28.23
N GLY C 195 -25.47 15.37 28.45
CA GLY C 195 -25.30 16.78 28.22
C GLY C 195 -26.11 17.40 27.10
N GLY C 196 -27.14 16.71 26.60
CA GLY C 196 -27.95 17.27 25.53
C GLY C 196 -27.13 17.49 24.26
N ASP C 197 -27.36 18.64 23.63
CA ASP C 197 -26.65 18.97 22.40
C ASP C 197 -25.19 19.32 22.65
N LYS C 198 -24.79 19.48 23.91
CA LYS C 198 -23.39 19.71 24.25
C LYS C 198 -22.63 18.42 24.53
N ALA C 199 -23.28 17.26 24.35
CA ALA C 199 -22.61 15.99 24.61
C ALA C 199 -21.44 15.75 23.66
N VAL C 200 -21.38 16.48 22.54
CA VAL C 200 -20.29 16.34 21.60
C VAL C 200 -19.60 17.69 21.50
N THR C 201 -18.29 17.71 21.74
CA THR C 201 -17.49 18.91 21.65
C THR C 201 -16.29 18.66 20.74
N GLY C 202 -15.54 19.72 20.48
CA GLY C 202 -14.36 19.63 19.65
C GLY C 202 -14.60 19.68 18.16
N VAL C 203 -15.83 19.95 17.72
CA VAL C 203 -16.09 19.99 16.28
C VAL C 203 -15.33 21.15 15.64
N GLU C 204 -15.20 22.26 16.36
CA GLU C 204 -14.40 23.38 15.84
C GLU C 204 -12.92 23.04 15.76
N ARG C 205 -12.46 21.99 16.42
CA ARG C 205 -11.08 21.56 16.32
C ARG C 205 -10.78 20.85 15.00
N ILE C 206 -11.81 20.32 14.35
CA ILE C 206 -11.61 19.53 13.14
C ILE C 206 -11.06 20.42 12.04
N GLU C 207 -9.93 20.01 11.45
CA GLU C 207 -9.27 20.75 10.38
C GLU C 207 -9.02 19.78 9.24
N LEU C 208 -10.02 19.64 8.37
CA LEU C 208 -9.88 18.83 7.17
C LEU C 208 -9.42 19.72 6.03
N PRO C 209 -8.30 19.42 5.38
CA PRO C 209 -7.87 20.28 4.26
C PRO C 209 -8.87 20.33 3.12
N GLN C 210 -9.59 19.23 2.87
CA GLN C 210 -10.45 19.13 1.70
C GLN C 210 -11.92 19.45 2.01
N PHE C 211 -12.34 19.36 3.27
CA PHE C 211 -13.71 19.60 3.66
C PHE C 211 -13.79 20.72 4.69
N SER C 212 -15.03 21.11 5.00
CA SER C 212 -15.32 21.97 6.14
C SER C 212 -16.56 21.42 6.83
N ILE C 213 -16.50 21.33 8.16
CA ILE C 213 -17.64 20.77 8.90
C ILE C 213 -18.76 21.79 8.89
N VAL C 214 -19.87 21.46 8.25
CA VAL C 214 -20.99 22.40 8.15
C VAL C 214 -21.92 22.28 9.35
N GLU C 215 -22.13 21.08 9.87
CA GLU C 215 -23.11 20.84 10.91
C GLU C 215 -22.85 19.46 11.51
N HIS C 216 -23.40 19.25 12.71
CA HIS C 216 -23.40 17.92 13.32
C HIS C 216 -24.68 17.77 14.13
N ARG C 217 -25.12 16.52 14.27
CA ARG C 217 -26.38 16.21 14.93
C ARG C 217 -26.20 15.02 15.85
N LEU C 218 -27.08 14.95 16.86
CA LEU C 218 -27.17 13.79 17.74
C LEU C 218 -28.56 13.19 17.60
N VAL C 219 -28.61 11.87 17.40
CA VAL C 219 -29.85 11.13 17.21
C VAL C 219 -29.88 9.97 18.20
N SER C 220 -31.02 9.80 18.88
CA SER C 220 -31.24 8.65 19.75
C SER C 220 -32.45 7.88 19.25
N ARG C 221 -32.27 6.58 19.03
CA ARG C 221 -33.28 5.73 18.43
C ARG C 221 -33.05 4.30 18.88
N ASN C 222 -34.06 3.46 18.69
CA ASN C 222 -33.96 2.03 18.98
C ASN C 222 -33.94 1.25 17.67
N VAL C 223 -32.95 0.38 17.52
CA VAL C 223 -32.78 -0.47 16.34
C VAL C 223 -33.31 -1.86 16.65
N VAL C 224 -34.30 -2.30 15.89
CA VAL C 224 -34.97 -3.57 16.10
C VAL C 224 -34.44 -4.58 15.10
N PHE C 225 -33.80 -5.64 15.60
CA PHE C 225 -33.38 -6.78 14.81
C PHE C 225 -34.22 -8.00 15.15
N ALA C 226 -33.88 -9.14 14.53
CA ALA C 226 -34.52 -10.39 14.87
C ALA C 226 -34.23 -10.84 16.30
N THR C 227 -33.12 -10.39 16.87
CA THR C 227 -32.71 -10.78 18.22
C THR C 227 -33.31 -9.90 19.30
N GLY C 228 -33.93 -8.78 18.94
CA GLY C 228 -34.54 -7.87 19.88
C GLY C 228 -34.31 -6.43 19.45
N ALA C 229 -34.60 -5.51 20.37
CA ALA C 229 -34.42 -4.08 20.14
C ALA C 229 -33.19 -3.62 20.89
N TYR C 230 -32.34 -2.85 20.21
CA TYR C 230 -31.08 -2.40 20.75
C TYR C 230 -30.98 -0.88 20.79
N PRO C 231 -30.56 -0.30 21.89
CA PRO C 231 -30.44 1.17 21.96
C PRO C 231 -29.40 1.62 20.94
N ARG C 232 -29.65 2.79 20.36
CA ARG C 232 -28.76 3.33 19.33
C ARG C 232 -28.59 4.82 19.51
N LEU C 233 -27.34 5.26 19.44
CA LEU C 233 -26.99 6.67 19.37
C LEU C 233 -26.21 6.88 18.08
N SER C 234 -26.47 8.00 17.42
CA SER C 234 -25.82 8.32 16.16
C SER C 234 -25.25 9.72 16.22
N LEU C 235 -23.99 9.85 15.86
CA LEU C 235 -23.35 11.14 15.64
C LEU C 235 -23.03 11.25 14.16
N SER C 236 -23.49 12.34 13.54
CA SER C 236 -23.35 12.52 12.11
C SER C 236 -22.82 13.92 11.84
N PHE C 237 -21.94 14.02 10.85
CA PHE C 237 -21.41 15.27 10.37
C PHE C 237 -21.82 15.45 8.92
N ARG C 238 -22.04 16.69 8.52
CA ARG C 238 -22.25 17.02 7.12
C ARG C 238 -21.01 17.76 6.63
N LEU C 239 -20.45 17.27 5.53
CA LEU C 239 -19.20 17.78 4.99
C LEU C 239 -19.48 18.44 3.64
N LYS C 240 -18.92 19.63 3.45
CA LYS C 240 -18.99 20.31 2.16
C LYS C 240 -17.57 20.34 1.59
N ARG C 241 -17.41 19.81 0.39
CA ARG C 241 -16.09 19.71 -0.21
C ARG C 241 -15.61 21.07 -0.69
N ASN C 242 -14.33 21.35 -0.45
CA ASN C 242 -13.72 22.57 -0.94
C ASN C 242 -13.45 22.43 -2.43
N ILE C 243 -13.88 23.42 -3.21
CA ILE C 243 -13.85 23.33 -4.66
C ILE C 243 -12.61 23.99 -5.26
N GLY C 244 -11.89 24.81 -4.49
CA GLY C 244 -10.80 25.58 -5.06
C GLY C 244 -9.75 24.73 -5.74
N TYR C 245 -9.40 23.59 -5.13
CA TYR C 245 -8.38 22.74 -5.75
C TYR C 245 -8.81 22.25 -7.11
N PHE C 246 -10.07 21.86 -7.26
CA PHE C 246 -10.52 21.34 -8.54
C PHE C 246 -10.69 22.43 -9.58
N ILE C 247 -10.86 23.69 -9.14
CA ILE C 247 -10.90 24.79 -10.10
C ILE C 247 -9.54 24.97 -10.74
N LEU C 248 -8.48 25.03 -9.92
CA LEU C 248 -7.14 25.21 -10.46
C LEU C 248 -6.63 23.96 -11.14
N GLN C 249 -6.96 22.79 -10.60
CA GLN C 249 -6.31 21.55 -11.03
C GLN C 249 -7.04 20.89 -12.21
N THR C 250 -8.37 20.97 -12.21
CA THR C 250 -9.21 20.27 -13.17
C THR C 250 -9.94 21.25 -14.08
N TYR C 251 -10.72 22.18 -13.52
CA TYR C 251 -11.60 22.99 -14.34
C TYR C 251 -10.81 24.00 -15.17
N MET C 252 -9.85 24.69 -14.56
CA MET C 252 -9.12 25.72 -15.29
C MET C 252 -8.32 25.15 -16.45
N PRO C 253 -7.54 24.06 -16.29
CA PRO C 253 -6.86 23.50 -17.46
C PRO C 253 -7.82 23.12 -18.56
N SER C 254 -8.98 22.56 -18.21
CA SER C 254 -9.96 22.18 -19.23
C SER C 254 -10.52 23.40 -19.93
N ILE C 255 -10.71 24.50 -19.20
CA ILE C 255 -11.21 25.72 -19.81
C ILE C 255 -10.18 26.30 -20.77
N LEU C 256 -8.90 26.29 -20.37
CA LEU C 256 -7.86 26.85 -21.20
C LEU C 256 -7.60 26.00 -22.44
N ILE C 257 -7.72 24.67 -22.32
CA ILE C 257 -7.58 23.82 -23.49
C ILE C 257 -8.75 24.03 -24.43
N THR C 258 -9.96 24.17 -23.88
CA THR C 258 -11.12 24.40 -24.72
C THR C 258 -11.00 25.75 -25.45
N ILE C 259 -10.52 26.77 -24.75
CA ILE C 259 -10.29 28.06 -25.41
C ILE C 259 -9.22 27.90 -26.48
N LEU C 260 -8.17 27.14 -26.18
CA LEU C 260 -7.08 26.95 -27.14
C LEU C 260 -7.58 26.31 -28.42
N SER C 261 -8.57 25.42 -28.32
CA SER C 261 -9.13 24.79 -29.51
C SER C 261 -9.82 25.80 -30.43
N TRP C 262 -10.22 26.96 -29.91
CA TRP C 262 -10.83 27.97 -30.74
C TRP C 262 -9.81 28.78 -31.54
N VAL C 263 -8.53 28.69 -31.19
CA VAL C 263 -7.50 29.34 -31.99
C VAL C 263 -7.51 28.82 -33.43
N SER C 264 -8.04 27.61 -33.63
CA SER C 264 -8.14 27.06 -34.97
C SER C 264 -9.02 27.92 -35.86
N PHE C 265 -10.09 28.48 -35.30
CA PHE C 265 -11.04 29.25 -36.09
C PHE C 265 -10.42 30.50 -36.70
N TRP C 266 -9.30 30.96 -36.17
CA TRP C 266 -8.64 32.18 -36.64
C TRP C 266 -7.45 31.89 -37.54
N ILE C 267 -7.24 30.62 -37.91
CA ILE C 267 -6.16 30.25 -38.81
C ILE C 267 -6.75 30.00 -40.20
N ASN C 268 -5.89 30.09 -41.21
CA ASN C 268 -6.33 29.92 -42.59
C ASN C 268 -6.93 28.54 -42.82
N TYR C 269 -7.94 28.49 -43.71
CA TYR C 269 -8.56 27.22 -44.04
C TYR C 269 -7.61 26.27 -44.76
N ASP C 270 -6.54 26.79 -45.36
CA ASP C 270 -5.59 25.97 -46.10
C ASP C 270 -4.41 25.52 -45.26
N ALA C 271 -4.32 25.97 -44.00
CA ALA C 271 -3.29 25.50 -43.09
C ALA C 271 -3.71 24.18 -42.42
N SER C 272 -3.84 23.16 -43.26
CA SER C 272 -4.39 21.88 -42.80
C SER C 272 -3.51 21.27 -41.71
N ALA C 273 -2.20 21.28 -41.91
CA ALA C 273 -1.31 20.68 -40.92
C ALA C 273 -1.39 21.40 -39.58
N ALA C 274 -1.41 22.74 -39.61
CA ALA C 274 -1.50 23.51 -38.38
C ALA C 274 -2.83 23.29 -37.67
N ARG C 275 -3.94 23.32 -38.41
CA ARG C 275 -5.25 23.25 -37.78
C ARG C 275 -5.61 21.84 -37.33
N VAL C 276 -5.17 20.82 -38.07
CA VAL C 276 -5.39 19.45 -37.62
C VAL C 276 -4.52 19.12 -36.42
N ALA C 277 -3.25 19.53 -36.45
CA ALA C 277 -2.36 19.27 -35.32
C ALA C 277 -2.89 19.92 -34.05
N LEU C 278 -3.37 21.16 -34.16
CA LEU C 278 -3.96 21.84 -33.00
C LEU C 278 -5.18 21.07 -32.50
N GLY C 279 -6.12 20.77 -33.40
CA GLY C 279 -7.36 20.11 -32.99
C GLY C 279 -7.13 18.72 -32.41
N ILE C 280 -6.28 17.93 -33.05
CA ILE C 280 -6.07 16.56 -32.60
C ILE C 280 -5.27 16.53 -31.29
N THR C 281 -4.37 17.50 -31.10
CA THR C 281 -3.58 17.52 -29.87
C THR C 281 -4.42 18.00 -28.69
N THR C 282 -5.40 18.88 -28.93
CA THR C 282 -6.33 19.22 -27.86
C THR C 282 -7.15 18.01 -27.44
N VAL C 283 -7.56 17.18 -28.41
CA VAL C 283 -8.28 15.95 -28.08
C VAL C 283 -7.39 15.04 -27.24
N LEU C 284 -6.13 14.89 -27.66
CA LEU C 284 -5.19 14.08 -26.89
C LEU C 284 -4.96 14.68 -25.51
N THR C 285 -4.84 16.01 -25.44
CA THR C 285 -4.66 16.68 -24.16
C THR C 285 -5.87 16.46 -23.26
N MET C 286 -7.07 16.53 -23.83
CA MET C 286 -8.28 16.34 -23.04
C MET C 286 -8.35 14.91 -22.51
N THR C 287 -7.98 13.93 -23.33
CA THR C 287 -7.92 12.55 -22.87
C THR C 287 -6.90 12.38 -21.76
N THR C 288 -5.75 13.06 -21.88
CA THR C 288 -4.72 13.00 -20.84
C THR C 288 -5.29 13.48 -19.51
N ILE C 289 -6.02 14.59 -19.52
CA ILE C 289 -6.66 15.07 -18.30
C ILE C 289 -7.63 14.02 -17.79
N ASN C 290 -8.42 13.44 -18.70
CA ASN C 290 -9.47 12.49 -18.32
C ASN C 290 -8.86 11.18 -17.82
N THR C 291 -7.84 10.67 -18.52
CA THR C 291 -7.27 9.37 -18.18
C THR C 291 -6.50 9.41 -16.88
N HIS C 292 -5.75 10.49 -16.62
CA HIS C 292 -4.98 10.53 -15.39
C HIS C 292 -5.87 10.81 -14.19
N LEU C 293 -6.98 11.52 -14.42
CA LEU C 293 -8.02 11.69 -13.40
C LEU C 293 -8.66 10.36 -13.03
N ARG C 294 -8.67 9.40 -13.97
CA ARG C 294 -9.22 8.06 -13.74
C ARG C 294 -8.47 7.30 -12.65
N GLU C 295 -7.21 7.60 -12.40
CA GLU C 295 -6.51 6.81 -11.39
C GLU C 295 -6.77 7.32 -9.97
N THR C 296 -6.85 8.63 -9.78
CA THR C 296 -7.07 9.10 -8.41
C THR C 296 -8.52 8.89 -7.97
N LEU C 297 -9.46 9.09 -8.90
CA LEU C 297 -10.88 8.92 -8.61
C LEU C 297 -11.27 7.44 -8.53
N PRO C 298 -12.40 7.13 -7.89
CA PRO C 298 -12.74 5.73 -7.63
C PRO C 298 -13.38 5.10 -8.87
N LYS C 299 -13.70 3.80 -8.74
CA LYS C 299 -14.58 3.09 -9.68
C LYS C 299 -16.06 3.24 -9.35
N ILE C 300 -16.56 4.48 -9.45
CA ILE C 300 -17.98 4.76 -9.30
C ILE C 300 -18.62 4.79 -10.68
N PRO C 301 -19.44 3.80 -11.04
CA PRO C 301 -19.95 3.66 -12.42
C PRO C 301 -21.24 4.43 -12.65
N TYR C 302 -21.17 5.76 -12.52
CA TYR C 302 -22.22 6.62 -13.05
C TYR C 302 -21.74 8.07 -13.14
N VAL C 303 -22.51 8.84 -13.90
CA VAL C 303 -22.15 10.20 -14.30
C VAL C 303 -22.13 11.11 -13.09
N LYS C 304 -21.05 11.87 -12.95
CA LYS C 304 -20.91 12.79 -11.82
C LYS C 304 -20.77 14.21 -12.34
N ALA C 305 -20.66 15.17 -11.42
CA ALA C 305 -20.53 16.57 -11.84
C ALA C 305 -19.24 16.81 -12.59
N ILE C 306 -18.15 16.16 -12.17
CA ILE C 306 -16.88 16.37 -12.85
C ILE C 306 -16.93 15.76 -14.25
N ASP C 307 -17.60 14.61 -14.39
CA ASP C 307 -17.73 13.97 -15.69
C ASP C 307 -18.49 14.85 -16.67
N MET C 308 -19.55 15.52 -16.22
CA MET C 308 -20.32 16.36 -17.13
C MET C 308 -19.53 17.56 -17.63
N TYR C 309 -18.63 18.09 -16.81
CA TYR C 309 -17.85 19.23 -17.29
C TYR C 309 -16.78 18.77 -18.28
N LEU C 310 -16.08 17.67 -17.96
CA LEU C 310 -15.05 17.15 -18.85
C LEU C 310 -15.65 16.65 -20.15
N MET C 311 -16.80 15.97 -20.08
CA MET C 311 -17.46 15.52 -21.30
C MET C 311 -17.99 16.70 -22.10
N GLY C 312 -18.45 17.75 -21.42
CA GLY C 312 -18.85 18.95 -22.14
C GLY C 312 -17.69 19.59 -22.87
N CYS C 313 -16.55 19.71 -22.18
CA CYS C 313 -15.37 20.30 -22.80
C CYS C 313 -14.79 19.38 -23.87
N PHE C 314 -14.89 18.06 -23.68
CA PHE C 314 -14.43 17.13 -24.71
C PHE C 314 -15.27 17.24 -25.97
N VAL C 315 -16.57 17.42 -25.83
CA VAL C 315 -17.42 17.55 -27.01
C VAL C 315 -17.11 18.85 -27.75
N PHE C 316 -16.83 19.93 -27.01
CA PHE C 316 -16.55 21.20 -27.67
C PHE C 316 -15.27 21.13 -28.48
N VAL C 317 -14.21 20.55 -27.93
CA VAL C 317 -12.97 20.44 -28.70
C VAL C 317 -13.10 19.42 -29.81
N PHE C 318 -13.89 18.36 -29.60
CA PHE C 318 -14.18 17.41 -30.67
C PHE C 318 -14.92 18.10 -31.82
N LEU C 319 -15.87 18.96 -31.51
CA LEU C 319 -16.62 19.65 -32.56
C LEU C 319 -15.75 20.66 -33.28
N ALA C 320 -14.79 21.27 -32.59
CA ALA C 320 -13.91 22.23 -33.25
C ALA C 320 -13.06 21.52 -34.28
N LEU C 321 -12.60 20.31 -33.96
CA LEU C 321 -11.86 19.51 -34.94
C LEU C 321 -12.77 19.09 -36.08
N LEU C 322 -14.03 18.76 -35.79
CA LEU C 322 -14.99 18.48 -36.83
C LEU C 322 -15.30 19.73 -37.65
N GLU C 323 -15.23 20.91 -37.03
CA GLU C 323 -15.56 22.14 -37.75
C GLU C 323 -14.62 22.35 -38.92
N TYR C 324 -13.32 22.09 -38.72
CA TYR C 324 -12.37 22.27 -39.82
C TYR C 324 -12.54 21.19 -40.87
N ALA C 325 -12.86 19.96 -40.44
CA ALA C 325 -13.13 18.89 -41.39
C ALA C 325 -14.27 19.25 -42.32
N PHE C 326 -15.33 19.85 -41.78
CA PHE C 326 -16.41 20.32 -42.64
C PHE C 326 -15.95 21.47 -43.53
N VAL C 327 -15.12 22.36 -43.00
CA VAL C 327 -14.57 23.45 -43.81
C VAL C 327 -13.66 22.88 -44.90
N ASN C 328 -12.79 21.94 -44.53
CA ASN C 328 -11.89 21.34 -45.52
C ASN C 328 -12.67 20.59 -46.60
N TYR C 329 -13.71 19.87 -46.19
CA TYR C 329 -14.48 19.09 -47.15
C TYR C 329 -15.32 19.99 -48.05
N ILE C 330 -16.00 20.99 -47.47
CA ILE C 330 -16.88 21.84 -48.25
C ILE C 330 -16.10 22.67 -49.27
N PHE C 331 -14.78 22.77 -49.11
CA PHE C 331 -13.95 23.48 -50.08
C PHE C 331 -13.39 22.55 -51.14
N PHE C 332 -12.59 21.56 -50.74
CA PHE C 332 -11.98 20.67 -51.72
C PHE C 332 -12.96 19.63 -52.25
N GLY C 333 -13.90 19.16 -51.43
CA GLY C 333 -14.90 18.22 -51.87
C GLY C 333 -16.08 18.81 -52.61
N ARG C 334 -16.18 20.14 -52.66
CA ARG C 334 -17.30 20.81 -53.32
C ARG C 334 -16.84 22.12 -53.94
N ASP C 444 -19.01 30.79 -48.07
CA ASP C 444 -19.26 29.48 -47.46
C ASP C 444 -18.13 29.09 -46.52
N VAL C 445 -16.94 28.91 -47.08
CA VAL C 445 -15.78 28.49 -46.29
C VAL C 445 -15.47 29.52 -45.21
N ASN C 446 -15.41 30.80 -45.60
CA ASN C 446 -15.11 31.86 -44.63
C ASN C 446 -16.27 32.16 -43.70
N ALA C 447 -17.52 31.92 -44.15
CA ALA C 447 -18.66 32.14 -43.28
C ALA C 447 -18.63 31.21 -42.08
N ILE C 448 -18.30 29.94 -42.30
CA ILE C 448 -18.32 28.95 -41.22
C ILE C 448 -17.31 29.32 -40.14
N ASP C 449 -16.12 29.75 -40.54
CA ASP C 449 -15.14 30.21 -39.54
C ASP C 449 -15.63 31.45 -38.81
N ARG C 450 -16.22 32.40 -39.54
CA ARG C 450 -16.77 33.59 -38.89
C ARG C 450 -17.87 33.21 -37.90
N TRP C 451 -18.75 32.30 -38.31
CA TRP C 451 -19.86 31.88 -37.45
C TRP C 451 -19.37 31.09 -36.24
N SER C 452 -18.30 30.31 -36.40
CA SER C 452 -17.79 29.51 -35.30
C SER C 452 -17.05 30.36 -34.27
N ARG C 453 -16.45 31.47 -34.70
CA ARG C 453 -15.75 32.36 -33.78
C ARG C 453 -16.66 32.95 -32.71
N ILE C 454 -17.97 32.99 -32.93
CA ILE C 454 -18.92 33.56 -31.99
C ILE C 454 -19.71 32.48 -31.26
N VAL C 455 -20.23 31.50 -31.98
CA VAL C 455 -21.10 30.50 -31.37
C VAL C 455 -20.37 29.67 -30.34
N PHE C 456 -19.16 29.22 -30.68
CA PHE C 456 -18.41 28.37 -29.75
C PHE C 456 -18.10 29.06 -28.43
N PRO C 457 -17.50 30.26 -28.40
CA PRO C 457 -17.34 30.94 -27.09
C PRO C 457 -18.66 31.21 -26.40
N PHE C 458 -19.71 31.56 -27.15
CA PHE C 458 -20.99 31.86 -26.55
C PHE C 458 -21.65 30.61 -25.97
N THR C 459 -21.63 29.50 -26.72
CA THR C 459 -22.26 28.28 -26.23
C THR C 459 -21.51 27.69 -25.04
N PHE C 460 -20.18 27.83 -25.01
CA PHE C 460 -19.42 27.35 -23.86
C PHE C 460 -19.73 28.18 -22.62
N SER C 461 -19.90 29.49 -22.78
CA SER C 461 -20.30 30.33 -21.66
C SER C 461 -21.69 29.94 -21.15
N LEU C 462 -22.61 29.66 -22.08
CA LEU C 462 -23.94 29.20 -21.68
C LEU C 462 -23.86 27.85 -20.97
N PHE C 463 -23.02 26.95 -21.48
CA PHE C 463 -22.85 25.64 -20.83
C PHE C 463 -22.31 25.81 -19.42
N ASN C 464 -21.36 26.72 -19.23
CA ASN C 464 -20.84 26.98 -17.88
C ASN C 464 -21.92 27.56 -16.99
N LEU C 465 -22.72 28.49 -17.52
CA LEU C 465 -23.77 29.11 -16.72
C LEU C 465 -24.77 28.07 -16.23
N VAL C 466 -25.21 27.17 -17.12
CA VAL C 466 -26.14 26.13 -16.71
C VAL C 466 -25.48 25.17 -15.71
N TYR C 467 -24.19 24.90 -15.89
CA TYR C 467 -23.51 23.94 -15.02
C TYR C 467 -23.40 24.48 -13.60
N TRP C 468 -22.89 25.70 -13.44
CA TRP C 468 -22.59 26.21 -12.11
C TRP C 468 -23.86 26.57 -11.34
N LEU C 469 -24.89 27.07 -12.02
CA LEU C 469 -26.16 27.29 -11.34
C LEU C 469 -26.76 25.99 -10.83
N TYR C 470 -26.69 24.93 -11.64
CA TYR C 470 -27.29 23.65 -11.27
C TYR C 470 -26.48 22.93 -10.18
N TYR C 471 -25.27 23.39 -9.87
CA TYR C 471 -24.45 22.72 -8.87
C TYR C 471 -23.99 23.62 -7.73
N VAL C 472 -23.89 24.92 -7.93
CA VAL C 472 -23.53 25.82 -6.83
C VAL C 472 -24.78 26.34 -6.15
N THR D 47 -28.42 -9.68 43.45
CA THR D 47 -27.70 -10.29 42.33
C THR D 47 -26.92 -11.52 42.76
N THR D 48 -26.83 -11.73 44.08
CA THR D 48 -26.10 -12.88 44.60
C THR D 48 -26.74 -14.18 44.15
N VAL D 49 -28.07 -14.27 44.19
CA VAL D 49 -28.76 -15.50 43.79
C VAL D 49 -28.43 -15.82 42.34
N PHE D 50 -28.44 -14.79 41.48
CA PHE D 50 -28.08 -14.97 40.08
C PHE D 50 -26.63 -15.41 39.93
N THR D 51 -25.74 -14.83 40.74
CA THR D 51 -24.32 -15.14 40.63
C THR D 51 -24.08 -16.61 40.95
N ARG D 52 -24.75 -17.15 41.96
CA ARG D 52 -24.52 -18.55 42.32
C ARG D 52 -24.87 -19.47 41.17
N ILE D 53 -25.97 -19.20 40.48
CA ILE D 53 -26.40 -20.07 39.38
C ILE D 53 -25.31 -20.15 38.32
N LEU D 54 -24.67 -19.00 38.03
CA LEU D 54 -23.62 -18.97 37.01
C LEU D 54 -22.47 -19.88 37.39
N ASP D 55 -22.05 -19.82 38.65
CA ASP D 55 -20.94 -20.66 39.11
C ASP D 55 -21.32 -22.13 39.03
N ARG D 56 -22.56 -22.47 39.37
CA ARG D 56 -22.94 -23.87 39.38
C ARG D 56 -22.96 -24.42 37.95
N LEU D 57 -23.23 -23.55 36.97
CA LEU D 57 -23.37 -24.03 35.59
C LEU D 57 -22.05 -24.63 35.12
N LEU D 58 -20.96 -23.90 35.29
CA LEU D 58 -19.64 -24.30 34.81
C LEU D 58 -18.93 -25.20 35.84
N ASP D 59 -19.73 -25.80 36.72
CA ASP D 59 -19.21 -26.69 37.75
C ASP D 59 -18.95 -28.05 37.10
N GLY D 60 -17.69 -28.36 36.86
CA GLY D 60 -17.36 -29.62 36.22
C GLY D 60 -17.53 -29.55 34.72
N TYR D 61 -17.93 -28.39 34.21
CA TYR D 61 -18.11 -28.23 32.77
C TYR D 61 -16.78 -28.33 32.05
N ASP D 62 -16.73 -29.17 31.02
CA ASP D 62 -15.54 -29.36 30.20
C ASP D 62 -15.80 -28.75 28.84
N ASN D 63 -15.18 -27.60 28.56
CA ASN D 63 -15.42 -26.93 27.30
C ASN D 63 -14.62 -27.55 26.16
N ARG D 64 -13.76 -28.53 26.45
CA ARG D 64 -13.05 -29.28 25.44
C ARG D 64 -13.90 -30.35 24.78
N LEU D 65 -15.04 -30.71 25.37
CA LEU D 65 -15.91 -31.76 24.87
C LEU D 65 -17.20 -31.16 24.34
N ARG D 66 -17.57 -31.55 23.12
CA ARG D 66 -18.80 -31.07 22.53
C ARG D 66 -20.00 -31.69 23.25
N PRO D 67 -21.17 -31.04 23.17
CA PRO D 67 -22.38 -31.64 23.75
C PRO D 67 -22.68 -33.00 23.15
N GLY D 68 -23.08 -33.94 23.99
CA GLY D 68 -23.42 -35.27 23.51
C GLY D 68 -22.26 -36.04 22.93
N LEU D 69 -21.03 -35.73 23.33
CA LEU D 69 -19.86 -36.43 22.81
C LEU D 69 -19.99 -37.92 23.06
N GLY D 70 -19.80 -38.71 22.00
CA GLY D 70 -19.92 -40.15 22.10
C GLY D 70 -21.32 -40.66 22.33
N GLU D 71 -22.33 -39.78 22.27
CA GLU D 71 -23.71 -40.12 22.55
C GLU D 71 -24.65 -39.79 21.41
N ARG D 72 -24.46 -38.65 20.75
CA ARG D 72 -25.33 -38.22 19.65
C ARG D 72 -24.53 -37.23 18.79
N VAL D 73 -25.19 -36.64 17.81
CA VAL D 73 -24.57 -35.70 16.88
C VAL D 73 -25.07 -34.30 17.24
N THR D 74 -24.13 -33.39 17.49
CA THR D 74 -24.47 -32.01 17.78
C THR D 74 -25.05 -31.34 16.54
N GLU D 75 -26.23 -30.75 16.68
CA GLU D 75 -26.93 -30.09 15.59
C GLU D 75 -26.87 -28.59 15.83
N VAL D 76 -26.13 -27.89 15.00
CA VAL D 76 -25.97 -26.44 15.12
C VAL D 76 -26.84 -25.78 14.07
N LYS D 77 -27.72 -24.88 14.51
CA LYS D 77 -28.59 -24.14 13.63
C LYS D 77 -28.03 -22.75 13.41
N THR D 78 -27.82 -22.37 12.16
CA THR D 78 -27.13 -21.15 11.81
C THR D 78 -28.03 -20.27 10.94
N ASP D 79 -27.86 -18.96 11.10
CA ASP D 79 -28.44 -17.99 10.20
C ASP D 79 -27.51 -16.78 10.18
N ILE D 80 -27.58 -16.01 9.09
CA ILE D 80 -26.67 -14.90 8.87
C ILE D 80 -27.48 -13.66 8.56
N PHE D 81 -27.09 -12.53 9.16
CA PHE D 81 -27.63 -11.22 8.85
C PHE D 81 -26.49 -10.36 8.32
N VAL D 82 -26.58 -9.96 7.06
CA VAL D 82 -25.52 -9.22 6.40
C VAL D 82 -25.76 -7.73 6.66
N THR D 83 -24.95 -7.13 7.52
CA THR D 83 -25.08 -5.71 7.78
C THR D 83 -24.61 -4.89 6.58
N SER D 84 -23.54 -5.31 5.92
CA SER D 84 -23.04 -4.60 4.74
C SER D 84 -22.29 -5.60 3.88
N PHE D 85 -22.69 -5.71 2.61
CA PHE D 85 -21.97 -6.52 1.62
C PHE D 85 -20.86 -5.68 1.00
N GLY D 86 -19.64 -5.81 1.54
CA GLY D 86 -18.56 -4.90 1.26
C GLY D 86 -18.13 -4.86 -0.20
N PRO D 87 -17.03 -4.16 -0.47
CA PRO D 87 -16.54 -4.06 -1.84
C PRO D 87 -16.04 -5.39 -2.38
N VAL D 88 -16.14 -5.54 -3.70
CA VAL D 88 -15.64 -6.70 -4.42
C VAL D 88 -14.40 -6.29 -5.20
N SER D 89 -13.34 -7.08 -5.07
CA SER D 89 -12.05 -6.78 -5.70
C SER D 89 -11.81 -7.77 -6.84
N ASP D 90 -11.95 -7.29 -8.07
CA ASP D 90 -11.68 -8.12 -9.24
C ASP D 90 -10.21 -8.50 -9.36
N HIS D 91 -9.31 -7.60 -8.97
CA HIS D 91 -7.88 -7.87 -9.05
C HIS D 91 -7.46 -9.00 -8.13
N ASP D 92 -7.88 -8.98 -6.87
CA ASP D 92 -7.59 -10.03 -5.91
C ASP D 92 -8.55 -11.19 -5.99
N MET D 93 -9.64 -11.06 -6.75
CA MET D 93 -10.68 -12.08 -6.87
C MET D 93 -11.18 -12.49 -5.48
N GLU D 94 -11.71 -11.49 -4.77
CA GLU D 94 -12.24 -11.67 -3.43
C GLU D 94 -13.27 -10.57 -3.19
N TYR D 95 -14.03 -10.74 -2.11
CA TYR D 95 -15.00 -9.73 -1.71
C TYR D 95 -15.04 -9.66 -0.19
N THR D 96 -15.54 -8.54 0.32
CA THR D 96 -15.71 -8.33 1.74
C THR D 96 -17.18 -8.40 2.08
N ILE D 97 -17.49 -8.97 3.25
CA ILE D 97 -18.88 -9.08 3.72
C ILE D 97 -18.90 -8.92 5.22
N ASP D 98 -19.74 -8.00 5.70
CA ASP D 98 -19.92 -7.76 7.13
C ASP D 98 -21.22 -8.43 7.56
N VAL D 99 -21.13 -9.36 8.51
CA VAL D 99 -22.24 -10.23 8.87
C VAL D 99 -22.44 -10.24 10.38
N PHE D 100 -23.66 -10.58 10.78
CA PHE D 100 -23.95 -11.04 12.13
C PHE D 100 -24.12 -12.55 12.01
N PHE D 101 -23.11 -13.29 12.46
CA PHE D 101 -23.09 -14.74 12.32
C PHE D 101 -23.71 -15.37 13.56
N ARG D 102 -24.89 -15.95 13.40
CA ARG D 102 -25.65 -16.52 14.50
C ARG D 102 -25.58 -18.04 14.42
N GLN D 103 -25.24 -18.67 15.54
CA GLN D 103 -25.20 -20.11 15.67
C GLN D 103 -26.05 -20.51 16.86
N SER D 104 -26.81 -21.59 16.70
CA SER D 104 -27.70 -22.05 17.77
C SER D 104 -27.58 -23.55 17.90
N TRP D 105 -27.41 -24.01 19.14
CA TRP D 105 -27.31 -25.42 19.44
C TRP D 105 -27.79 -25.65 20.86
N LYS D 106 -27.86 -26.92 21.26
CA LYS D 106 -28.38 -27.29 22.57
C LYS D 106 -27.26 -27.94 23.37
N ASP D 107 -27.11 -27.49 24.62
CA ASP D 107 -26.14 -28.06 25.57
C ASP D 107 -26.89 -28.30 26.87
N GLU D 108 -27.26 -29.56 27.11
CA GLU D 108 -28.02 -29.90 28.31
C GLU D 108 -27.26 -29.60 29.59
N ARG D 109 -25.93 -29.52 29.51
CA ARG D 109 -25.11 -29.18 30.67
C ARG D 109 -25.36 -27.75 31.17
N LEU D 110 -26.02 -26.91 30.38
CA LEU D 110 -26.27 -25.52 30.74
C LEU D 110 -27.75 -25.23 30.99
N LYS D 111 -28.49 -26.21 31.50
CA LYS D 111 -29.83 -25.93 31.96
C LYS D 111 -29.79 -25.16 33.28
N PHE D 112 -30.85 -24.42 33.55
CA PHE D 112 -30.91 -23.67 34.80
C PHE D 112 -32.37 -23.39 35.17
N LYS D 113 -32.57 -22.99 36.42
CA LYS D 113 -33.85 -22.57 36.95
C LYS D 113 -33.68 -21.28 37.73
N GLY D 114 -34.59 -20.34 37.51
CA GLY D 114 -34.52 -19.04 38.16
C GLY D 114 -35.69 -18.14 37.79
N PRO D 115 -35.67 -16.91 38.29
CA PRO D 115 -36.78 -15.97 37.98
C PRO D 115 -36.95 -15.71 36.50
N MET D 116 -35.87 -15.66 35.73
CA MET D 116 -35.94 -15.38 34.30
C MET D 116 -35.96 -16.69 33.51
N THR D 117 -36.34 -16.58 32.24
CA THR D 117 -36.31 -17.75 31.37
C THR D 117 -35.26 -17.64 30.27
N VAL D 118 -34.68 -16.46 30.07
CA VAL D 118 -33.66 -16.22 29.06
C VAL D 118 -32.57 -15.41 29.73
N LEU D 119 -31.31 -15.78 29.49
CA LEU D 119 -30.19 -15.06 30.06
C LEU D 119 -29.27 -14.56 28.97
N ARG D 120 -28.80 -13.32 29.08
CA ARG D 120 -27.80 -12.82 28.16
C ARG D 120 -26.44 -12.88 28.87
N LEU D 121 -25.49 -13.57 28.24
CA LEU D 121 -24.16 -13.79 28.78
C LEU D 121 -23.15 -12.80 28.21
N ASN D 122 -22.30 -12.28 29.08
CA ASN D 122 -21.21 -11.40 28.68
C ASN D 122 -20.20 -12.16 27.82
N ASN D 123 -19.46 -11.39 27.02
CA ASN D 123 -18.43 -11.92 26.13
C ASN D 123 -17.42 -12.81 26.83
N LEU D 124 -17.12 -12.52 28.10
CA LEU D 124 -16.24 -13.38 28.88
C LEU D 124 -16.86 -14.75 29.13
N MET D 125 -18.17 -14.82 29.39
CA MET D 125 -18.81 -16.12 29.58
C MET D 125 -18.79 -16.96 28.31
N ALA D 126 -18.96 -16.35 27.14
CA ALA D 126 -18.99 -17.15 25.91
C ALA D 126 -17.68 -17.88 25.69
N SER D 127 -16.54 -17.25 25.99
CA SER D 127 -15.27 -17.93 25.82
C SER D 127 -15.03 -19.02 26.86
N LYS D 128 -15.86 -19.12 27.90
CA LYS D 128 -15.69 -20.13 28.94
C LYS D 128 -16.40 -21.44 28.64
N ILE D 129 -17.21 -21.49 27.60
CA ILE D 129 -18.00 -22.67 27.27
C ILE D 129 -17.60 -23.20 25.90
N TRP D 130 -18.23 -24.31 25.48
CA TRP D 130 -17.93 -24.91 24.20
C TRP D 130 -18.80 -24.26 23.14
N THR D 131 -18.17 -23.81 22.07
CA THR D 131 -18.86 -23.27 20.90
C THR D 131 -18.36 -23.97 19.65
N PRO D 132 -19.16 -24.02 18.60
CA PRO D 132 -18.72 -24.65 17.36
C PRO D 132 -17.47 -23.98 16.81
N ASP D 133 -16.56 -24.80 16.28
CA ASP D 133 -15.33 -24.29 15.66
C ASP D 133 -15.57 -24.03 14.17
N THR D 134 -16.54 -23.15 13.92
CA THR D 134 -16.93 -22.82 12.56
C THR D 134 -15.86 -21.95 11.91
N PHE D 135 -15.63 -22.19 10.63
CA PHE D 135 -14.68 -21.39 9.84
C PHE D 135 -15.20 -21.32 8.42
N PHE D 136 -14.68 -20.37 7.66
CA PHE D 136 -15.10 -20.15 6.29
C PHE D 136 -14.06 -20.75 5.34
N HIS D 137 -14.50 -21.70 4.52
CA HIS D 137 -13.58 -22.48 3.70
C HIS D 137 -12.84 -21.59 2.71
N ASN D 138 -13.55 -20.65 2.07
CA ASN D 138 -12.96 -19.76 1.09
C ASN D 138 -12.52 -18.43 1.67
N GLY D 139 -12.50 -18.29 2.99
CA GLY D 139 -12.02 -17.06 3.59
C GLY D 139 -10.54 -16.84 3.33
N LYS D 140 -10.17 -15.57 3.13
CA LYS D 140 -8.78 -15.16 2.94
C LYS D 140 -8.20 -14.49 4.17
N LYS D 141 -8.94 -13.55 4.75
CA LYS D 141 -8.53 -12.88 5.98
C LYS D 141 -9.77 -12.24 6.60
N SER D 142 -10.17 -12.74 7.75
CA SER D 142 -11.41 -12.33 8.39
C SER D 142 -11.09 -11.66 9.72
N VAL D 143 -11.94 -10.71 10.10
CA VAL D 143 -11.72 -9.92 11.31
C VAL D 143 -12.92 -10.09 12.21
N ALA D 144 -12.68 -10.50 13.45
CA ALA D 144 -13.72 -10.49 14.48
C ALA D 144 -13.52 -9.21 15.29
N HIS D 145 -14.44 -8.26 15.13
CA HIS D 145 -14.23 -6.93 15.68
C HIS D 145 -14.19 -6.99 17.20
N ASN D 146 -13.31 -6.18 17.80
CA ASN D 146 -13.09 -6.26 19.23
C ASN D 146 -13.10 -4.88 19.88
N MET D 147 -13.85 -3.95 19.30
CA MET D 147 -13.93 -2.55 19.74
C MET D 147 -15.38 -2.17 19.98
N THR D 148 -15.68 -1.62 21.16
CA THR D 148 -14.73 -1.44 22.25
C THR D 148 -14.48 -2.72 23.03
N MET D 149 -15.52 -3.54 23.11
CA MET D 149 -15.48 -4.87 23.68
C MET D 149 -15.61 -5.91 22.58
N PRO D 150 -15.42 -7.20 22.90
CA PRO D 150 -15.71 -8.24 21.91
C PRO D 150 -17.14 -8.17 21.41
N ASN D 151 -17.29 -8.18 20.09
CA ASN D 151 -18.58 -8.11 19.42
C ASN D 151 -19.15 -9.53 19.27
N LYS D 152 -19.42 -10.12 20.44
CA LYS D 152 -20.02 -11.43 20.56
C LYS D 152 -21.24 -11.32 21.46
N LEU D 153 -22.03 -12.38 21.47
CA LEU D 153 -23.22 -12.46 22.32
C LEU D 153 -23.65 -13.90 22.49
N LEU D 154 -23.81 -14.30 23.75
CA LEU D 154 -24.24 -15.64 24.12
C LEU D 154 -25.49 -15.53 24.97
N ARG D 155 -26.60 -16.04 24.46
CA ARG D 155 -27.85 -16.05 25.21
C ARG D 155 -28.22 -17.49 25.53
N ILE D 156 -28.63 -17.75 26.76
CA ILE D 156 -29.01 -19.09 27.19
C ILE D 156 -30.46 -19.07 27.63
N THR D 157 -31.25 -20.01 27.12
CA THR D 157 -32.61 -20.21 27.57
C THR D 157 -32.61 -21.32 28.61
N GLU D 158 -33.62 -21.30 29.50
CA GLU D 158 -33.68 -22.30 30.55
C GLU D 158 -33.71 -23.72 29.99
N ASP D 159 -34.22 -23.87 28.77
CA ASP D 159 -34.26 -25.18 28.11
C ASP D 159 -32.87 -25.71 27.81
N GLY D 160 -31.84 -24.85 27.83
CA GLY D 160 -30.51 -25.26 27.43
C GLY D 160 -30.11 -24.83 26.03
N THR D 161 -30.96 -24.07 25.33
CA THR D 161 -30.63 -23.60 23.99
C THR D 161 -29.75 -22.36 24.08
N LEU D 162 -28.72 -22.33 23.25
CA LEU D 162 -27.76 -21.23 23.22
C LEU D 162 -27.83 -20.50 21.88
N LEU D 163 -28.00 -19.19 21.95
CA LEU D 163 -27.90 -18.32 20.78
C LEU D 163 -26.57 -17.58 20.87
N TYR D 164 -25.75 -17.70 19.83
CA TYR D 164 -24.38 -17.21 19.87
C TYR D 164 -24.14 -16.41 18.59
N THR D 165 -24.05 -15.09 18.74
CA THR D 165 -23.88 -14.17 17.62
C THR D 165 -22.54 -13.46 17.74
N MET D 166 -21.93 -13.17 16.58
CA MET D 166 -20.69 -12.42 16.52
C MET D 166 -20.69 -11.58 15.26
N ARG D 167 -20.09 -10.40 15.35
CA ARG D 167 -19.98 -9.50 14.21
C ARG D 167 -18.63 -9.71 13.55
N LEU D 168 -18.66 -10.05 12.27
CA LEU D 168 -17.47 -10.44 11.53
C LEU D 168 -17.35 -9.62 10.26
N THR D 169 -16.11 -9.39 9.84
CA THR D 169 -15.81 -8.93 8.50
C THR D 169 -14.99 -10.02 7.83
N VAL D 170 -15.50 -10.53 6.71
CA VAL D 170 -14.91 -11.70 6.06
C VAL D 170 -14.48 -11.32 4.66
N ARG D 171 -13.22 -11.58 4.33
CA ARG D 171 -12.77 -11.62 2.95
C ARG D 171 -12.82 -13.06 2.48
N ALA D 172 -13.47 -13.30 1.35
CA ALA D 172 -13.69 -14.64 0.84
C ALA D 172 -13.20 -14.75 -0.60
N GLU D 173 -12.75 -15.94 -0.98
CA GLU D 173 -12.32 -16.17 -2.35
C GLU D 173 -13.55 -16.32 -3.24
N CYS D 174 -13.59 -15.54 -4.31
CA CYS D 174 -14.65 -15.60 -5.31
C CYS D 174 -13.99 -15.73 -6.67
N PRO D 175 -13.65 -16.96 -7.09
CA PRO D 175 -13.08 -17.13 -8.43
C PRO D 175 -14.06 -16.62 -9.48
N MET D 176 -13.51 -15.90 -10.46
CA MET D 176 -14.31 -15.25 -11.48
C MET D 176 -13.90 -15.71 -12.87
N HIS D 177 -14.90 -15.95 -13.71
CA HIS D 177 -14.69 -16.23 -15.12
C HIS D 177 -15.00 -14.92 -15.83
N LEU D 178 -13.94 -14.18 -16.18
CA LEU D 178 -14.05 -12.82 -16.70
C LEU D 178 -14.06 -12.79 -18.21
N GLU D 179 -14.53 -13.84 -18.88
CA GLU D 179 -14.55 -13.83 -20.33
C GLU D 179 -15.59 -12.87 -20.89
N ASP D 180 -16.67 -12.61 -20.14
CA ASP D 180 -17.69 -11.68 -20.58
C ASP D 180 -17.48 -10.26 -20.04
N PHE D 181 -16.39 -10.02 -19.31
CA PHE D 181 -16.08 -8.72 -18.71
C PHE D 181 -16.08 -7.62 -19.76
N PRO D 182 -16.69 -6.46 -19.48
CA PRO D 182 -17.29 -6.01 -18.23
C PRO D 182 -18.77 -6.35 -18.13
N MET D 183 -19.28 -7.19 -19.02
CA MET D 183 -20.70 -7.57 -19.04
C MET D 183 -20.89 -8.94 -18.41
N ASP D 184 -20.09 -9.22 -17.40
CA ASP D 184 -20.02 -10.52 -16.73
C ASP D 184 -20.82 -10.51 -15.44
N ALA D 185 -21.31 -11.69 -15.07
CA ALA D 185 -22.00 -11.89 -13.81
C ALA D 185 -21.33 -13.04 -13.07
N HIS D 186 -21.31 -12.95 -11.74
CA HIS D 186 -20.65 -13.93 -10.92
C HIS D 186 -21.55 -14.32 -9.75
N ALA D 187 -21.37 -15.55 -9.27
CA ALA D 187 -22.03 -16.02 -8.07
C ALA D 187 -20.92 -16.26 -7.04
N CYS D 188 -20.66 -15.26 -6.22
CA CYS D 188 -19.62 -15.35 -5.21
C CYS D 188 -20.09 -16.23 -4.06
N PRO D 189 -19.37 -17.29 -3.71
CA PRO D 189 -19.84 -18.21 -2.69
C PRO D 189 -19.37 -17.81 -1.30
N LEU D 190 -19.98 -18.45 -0.30
CA LEU D 190 -19.58 -18.27 1.09
C LEU D 190 -19.91 -19.59 1.81
N LYS D 191 -18.89 -20.40 2.01
CA LYS D 191 -19.05 -21.73 2.58
C LYS D 191 -18.46 -21.73 3.99
N PHE D 192 -19.12 -22.45 4.90
CA PHE D 192 -18.58 -22.61 6.23
C PHE D 192 -18.98 -23.96 6.81
N GLY D 193 -18.27 -24.36 7.85
CA GLY D 193 -18.52 -25.63 8.49
C GLY D 193 -17.57 -25.81 9.65
N SER D 194 -17.61 -26.99 10.25
CA SER D 194 -16.70 -27.27 11.36
C SER D 194 -15.33 -27.66 10.82
N TYR D 195 -14.29 -27.11 11.45
CA TYR D 195 -12.93 -27.38 11.01
C TYR D 195 -12.47 -28.77 11.43
N ALA D 196 -12.86 -29.21 12.62
CA ALA D 196 -12.31 -30.43 13.21
C ALA D 196 -13.32 -31.54 13.41
N TYR D 197 -14.61 -31.23 13.40
CA TYR D 197 -15.63 -32.23 13.71
C TYR D 197 -16.27 -32.73 12.42
N THR D 198 -16.30 -34.05 12.25
CA THR D 198 -16.92 -34.66 11.08
C THR D 198 -18.44 -34.72 11.25
N ARG D 199 -19.13 -35.05 10.16
CA ARG D 199 -20.58 -35.05 10.19
C ARG D 199 -21.14 -36.06 11.17
N ALA D 200 -20.34 -37.04 11.60
CA ALA D 200 -20.76 -37.95 12.66
C ALA D 200 -20.76 -37.28 14.03
N GLU D 201 -20.23 -36.07 14.14
CA GLU D 201 -20.13 -35.37 15.41
C GLU D 201 -20.89 -34.05 15.42
N VAL D 202 -20.72 -33.21 14.41
CA VAL D 202 -21.39 -31.92 14.34
C VAL D 202 -22.03 -31.78 12.96
N VAL D 203 -23.32 -31.44 12.94
CA VAL D 203 -24.06 -31.21 11.71
C VAL D 203 -24.67 -29.81 11.78
N TYR D 204 -24.52 -29.05 10.69
CA TYR D 204 -25.07 -27.71 10.61
C TYR D 204 -26.36 -27.71 9.80
N GLU D 205 -27.32 -26.92 10.25
CA GLU D 205 -28.57 -26.70 9.54
C GLU D 205 -28.96 -25.23 9.64
N TRP D 206 -29.73 -24.76 8.67
CA TRP D 206 -30.26 -23.41 8.72
C TRP D 206 -31.43 -23.34 9.70
N THR D 207 -31.52 -22.21 10.43
CA THR D 207 -32.53 -22.09 11.48
C THR D 207 -33.94 -22.19 10.91
N ARG D 208 -34.19 -21.49 9.80
CA ARG D 208 -35.49 -21.52 9.14
C ARG D 208 -35.32 -21.86 7.67
N GLU D 209 -36.36 -21.68 6.87
CA GLU D 209 -36.34 -21.96 5.44
C GLU D 209 -35.08 -21.39 4.81
N PRO D 210 -34.23 -22.24 4.19
CA PRO D 210 -32.92 -21.77 3.67
C PRO D 210 -32.95 -20.42 2.98
N ALA D 211 -34.01 -20.13 2.24
CA ALA D 211 -34.13 -18.83 1.57
C ALA D 211 -34.17 -17.70 2.58
N ARG D 212 -34.90 -17.90 3.69
CA ARG D 212 -35.08 -16.87 4.71
C ARG D 212 -34.03 -16.91 5.80
N SER D 213 -33.07 -17.83 5.73
CA SER D 213 -32.06 -17.93 6.77
C SER D 213 -30.92 -16.94 6.58
N VAL D 214 -30.67 -16.50 5.34
CA VAL D 214 -29.69 -15.46 5.05
C VAL D 214 -30.46 -14.21 4.70
N VAL D 215 -30.23 -13.14 5.47
CA VAL D 215 -30.96 -11.89 5.33
C VAL D 215 -29.96 -10.77 5.10
N VAL D 216 -30.21 -9.93 4.10
CA VAL D 216 -29.34 -8.81 3.77
C VAL D 216 -30.07 -7.53 4.15
N ALA D 217 -29.42 -6.72 4.99
CA ALA D 217 -30.01 -5.45 5.42
C ALA D 217 -30.29 -4.55 4.23
N GLU D 218 -31.38 -3.78 4.32
CA GLU D 218 -31.82 -2.96 3.20
C GLU D 218 -30.73 -1.97 2.79
N ASP D 219 -30.05 -1.37 3.76
CA ASP D 219 -28.96 -0.44 3.50
C ASP D 219 -27.61 -1.14 3.45
N GLY D 220 -27.62 -2.47 3.36
CA GLY D 220 -26.45 -3.32 3.44
C GLY D 220 -25.62 -3.44 2.18
N SER D 221 -26.06 -2.83 1.08
CA SER D 221 -25.31 -2.94 -0.17
C SER D 221 -24.18 -1.93 -0.17
N ARG D 222 -22.94 -2.41 -0.04
CA ARG D 222 -21.75 -1.57 -0.07
C ARG D 222 -20.97 -1.81 -1.34
N LEU D 223 -21.68 -1.94 -2.46
CA LEU D 223 -21.07 -2.24 -3.74
C LEU D 223 -21.01 -0.98 -4.58
N ASN D 224 -19.88 -0.80 -5.27
CA ASN D 224 -19.75 0.33 -6.17
C ASN D 224 -20.10 -0.05 -7.60
N GLN D 225 -19.52 -1.15 -8.09
CA GLN D 225 -19.65 -1.55 -9.49
C GLN D 225 -20.51 -2.79 -9.68
N TYR D 226 -21.23 -3.24 -8.66
CA TYR D 226 -22.05 -4.43 -8.79
C TYR D 226 -23.45 -4.19 -8.26
N ASP D 227 -24.37 -5.02 -8.72
CA ASP D 227 -25.73 -5.13 -8.17
C ASP D 227 -25.93 -6.52 -7.60
N LEU D 228 -26.32 -6.59 -6.33
CA LEU D 228 -26.63 -7.86 -5.68
C LEU D 228 -27.99 -8.32 -6.16
N LEU D 229 -28.01 -9.17 -7.19
CA LEU D 229 -29.28 -9.64 -7.76
C LEU D 229 -30.07 -10.46 -6.75
N GLY D 230 -29.39 -11.35 -6.03
CA GLY D 230 -30.09 -12.24 -5.12
C GLY D 230 -29.14 -13.27 -4.55
N GLN D 231 -29.71 -14.33 -3.99
CA GLN D 231 -28.91 -15.34 -3.32
C GLN D 231 -29.61 -16.69 -3.37
N THR D 232 -28.80 -17.74 -3.40
CA THR D 232 -29.27 -19.12 -3.30
C THR D 232 -28.54 -19.78 -2.14
N VAL D 233 -29.28 -20.44 -1.28
CA VAL D 233 -28.74 -21.05 -0.06
C VAL D 233 -28.85 -22.56 -0.17
N ASP D 234 -27.73 -23.25 0.03
CA ASP D 234 -27.66 -24.70 -0.14
C ASP D 234 -26.86 -25.29 1.01
N SER D 235 -26.87 -26.62 1.11
CA SER D 235 -26.04 -27.34 2.04
C SER D 235 -25.65 -28.69 1.45
N GLY D 236 -24.51 -29.22 1.88
CA GLY D 236 -24.05 -30.48 1.32
C GLY D 236 -22.90 -31.05 2.12
N ILE D 237 -22.29 -32.08 1.56
CA ILE D 237 -21.17 -32.79 2.19
C ILE D 237 -19.93 -32.63 1.32
N VAL D 238 -18.80 -32.30 1.96
CA VAL D 238 -17.50 -32.23 1.30
C VAL D 238 -16.57 -33.20 1.99
N GLN D 239 -15.88 -34.01 1.20
CA GLN D 239 -14.97 -35.03 1.71
C GLN D 239 -13.53 -34.57 1.56
N SER D 240 -12.75 -34.72 2.62
CA SER D 240 -11.33 -34.36 2.58
C SER D 240 -10.48 -35.48 3.18
N SER D 241 -9.19 -35.21 3.37
CA SER D 241 -8.28 -36.25 3.85
C SER D 241 -8.56 -36.66 5.28
N THR D 242 -9.25 -35.83 6.06
CA THR D 242 -9.50 -36.11 7.47
C THR D 242 -10.87 -36.70 7.74
N GLY D 243 -11.80 -36.59 6.80
CA GLY D 243 -13.12 -37.16 6.98
C GLY D 243 -14.15 -36.37 6.18
N GLU D 244 -15.40 -36.75 6.36
CA GLU D 244 -16.53 -36.08 5.73
C GLU D 244 -17.04 -34.98 6.65
N TYR D 245 -17.26 -33.80 6.09
CA TYR D 245 -17.71 -32.65 6.85
C TYR D 245 -18.95 -32.05 6.19
N VAL D 246 -19.83 -31.48 7.03
CA VAL D 246 -20.99 -30.76 6.54
C VAL D 246 -20.56 -29.36 6.13
N VAL D 247 -21.11 -28.87 5.02
CA VAL D 247 -20.80 -27.53 4.51
C VAL D 247 -22.12 -26.81 4.25
N MET D 248 -22.23 -25.60 4.78
CA MET D 248 -23.32 -24.69 4.46
C MET D 248 -22.80 -23.67 3.45
N THR D 249 -23.54 -23.48 2.37
CA THR D 249 -23.08 -22.64 1.27
C THR D 249 -24.12 -21.58 0.96
N THR D 250 -23.65 -20.38 0.68
CA THR D 250 -24.48 -19.28 0.24
C THR D 250 -23.81 -18.63 -0.97
N HIS D 251 -24.57 -18.45 -2.04
CA HIS D 251 -24.08 -17.83 -3.25
C HIS D 251 -24.78 -16.49 -3.44
N PHE D 252 -23.99 -15.45 -3.62
CA PHE D 252 -24.49 -14.11 -3.93
C PHE D 252 -24.29 -13.86 -5.42
N HIS D 253 -25.38 -13.60 -6.14
CA HIS D 253 -25.32 -13.41 -7.58
C HIS D 253 -25.12 -11.93 -7.85
N LEU D 254 -23.98 -11.61 -8.43
CA LEU D 254 -23.58 -10.24 -8.71
C LEU D 254 -23.61 -9.98 -10.21
N LYS D 255 -23.98 -8.76 -10.58
CA LYS D 255 -23.98 -8.33 -11.96
C LYS D 255 -23.21 -7.02 -12.02
N ARG D 256 -22.21 -6.96 -12.90
CA ARG D 256 -21.34 -5.79 -12.97
C ARG D 256 -22.02 -4.60 -13.61
N LYS D 257 -21.91 -3.45 -12.97
CA LYS D 257 -22.37 -2.19 -13.54
C LYS D 257 -21.41 -1.77 -14.64
N ILE D 258 -21.95 -1.41 -15.81
CA ILE D 258 -21.14 -1.16 -16.99
C ILE D 258 -20.92 0.32 -17.24
N GLY D 259 -21.66 1.20 -16.57
CA GLY D 259 -21.54 2.63 -16.83
C GLY D 259 -20.14 3.16 -16.68
N TYR D 260 -19.34 2.56 -15.79
CA TYR D 260 -17.97 3.03 -15.61
C TYR D 260 -17.14 2.79 -16.85
N PHE D 261 -17.18 1.56 -17.38
CA PHE D 261 -16.35 1.23 -18.51
C PHE D 261 -16.88 1.82 -19.81
N VAL D 262 -18.15 2.20 -19.84
CA VAL D 262 -18.69 2.89 -21.01
C VAL D 262 -18.10 4.28 -21.13
N ILE D 263 -17.99 4.99 -20.00
CA ILE D 263 -17.50 6.36 -20.05
C ILE D 263 -15.99 6.44 -19.94
N GLN D 264 -15.33 5.44 -19.36
CA GLN D 264 -13.89 5.47 -19.25
C GLN D 264 -13.20 4.81 -20.43
N THR D 265 -13.77 3.71 -20.94
CA THR D 265 -13.12 2.91 -21.97
C THR D 265 -13.91 2.91 -23.28
N TYR D 266 -15.19 2.55 -23.25
CA TYR D 266 -15.91 2.33 -24.51
C TYR D 266 -16.07 3.63 -25.30
N LEU D 267 -16.56 4.68 -24.65
CA LEU D 267 -16.78 5.93 -25.37
C LEU D 267 -15.47 6.54 -25.89
N PRO D 268 -14.39 6.64 -25.10
CA PRO D 268 -13.14 7.13 -25.70
C PRO D 268 -12.66 6.28 -26.87
N CYS D 269 -12.81 4.95 -26.79
CA CYS D 269 -12.43 4.12 -27.92
C CYS D 269 -13.33 4.38 -29.12
N ILE D 270 -14.65 4.49 -28.89
CA ILE D 270 -15.59 4.73 -29.98
C ILE D 270 -15.35 6.10 -30.59
N MET D 271 -15.09 7.10 -29.74
CA MET D 271 -14.90 8.45 -30.25
C MET D 271 -13.56 8.62 -30.94
N THR D 272 -12.56 7.81 -30.56
CA THR D 272 -11.28 7.83 -31.26
C THR D 272 -11.38 7.14 -32.61
N VAL D 273 -12.15 6.05 -32.70
CA VAL D 273 -12.38 5.40 -33.98
C VAL D 273 -13.13 6.32 -34.93
N ILE D 274 -14.13 7.04 -34.42
CA ILE D 274 -14.82 8.02 -35.26
C ILE D 274 -13.84 9.09 -35.73
N LEU D 275 -12.95 9.53 -34.85
CA LEU D 275 -11.98 10.56 -35.22
C LEU D 275 -11.05 10.07 -36.31
N SER D 276 -10.62 8.81 -36.22
CA SER D 276 -9.76 8.23 -37.24
C SER D 276 -10.44 8.18 -38.59
N GLN D 277 -11.77 8.14 -38.59
CA GLN D 277 -12.53 8.10 -39.84
C GLN D 277 -12.80 9.49 -40.38
N VAL D 278 -12.78 10.51 -39.51
CA VAL D 278 -12.88 11.89 -39.97
C VAL D 278 -11.75 12.22 -40.95
N SER D 279 -10.64 11.46 -40.88
CA SER D 279 -9.53 11.68 -41.79
C SER D 279 -9.94 11.41 -43.24
N PHE D 280 -10.88 10.49 -43.44
CA PHE D 280 -11.34 10.17 -44.79
C PHE D 280 -11.92 11.37 -45.52
N TRP D 281 -12.39 12.39 -44.80
CA TRP D 281 -13.03 13.54 -45.41
C TRP D 281 -12.07 14.68 -45.70
N LEU D 282 -10.80 14.57 -45.28
CA LEU D 282 -9.78 15.53 -45.69
C LEU D 282 -9.33 15.26 -47.11
N ASN D 283 -8.80 16.31 -47.75
CA ASN D 283 -8.31 16.17 -49.13
C ASN D 283 -7.04 15.34 -49.16
N ARG D 284 -6.86 14.61 -50.26
CA ARG D 284 -5.74 13.68 -50.34
C ARG D 284 -4.39 14.36 -50.45
N GLU D 285 -4.36 15.67 -50.71
CA GLU D 285 -3.10 16.39 -50.86
C GLU D 285 -2.52 16.86 -49.54
N SER D 286 -3.28 16.80 -48.45
CA SER D 286 -2.77 17.21 -47.13
C SER D 286 -2.13 16.01 -46.45
N VAL D 287 -0.96 15.62 -46.98
CA VAL D 287 -0.27 14.44 -46.44
C VAL D 287 0.17 14.64 -45.00
N PRO D 288 0.82 15.74 -44.62
CA PRO D 288 1.21 15.88 -43.19
C PRO D 288 0.02 15.84 -42.25
N ALA D 289 -1.10 16.47 -42.61
CA ALA D 289 -2.24 16.52 -41.71
C ALA D 289 -2.86 15.15 -41.52
N ARG D 290 -3.04 14.40 -42.62
CA ARG D 290 -3.65 13.08 -42.53
C ARG D 290 -2.71 12.03 -41.96
N THR D 291 -1.39 12.25 -42.06
CA THR D 291 -0.45 11.37 -41.37
C THR D 291 -0.40 11.67 -39.88
N VAL D 292 -0.41 12.94 -39.49
CA VAL D 292 -0.49 13.29 -38.08
C VAL D 292 -1.82 12.82 -37.49
N PHE D 293 -2.91 13.02 -38.23
CA PHE D 293 -4.23 12.61 -37.77
C PHE D 293 -4.27 11.11 -37.49
N GLY D 294 -3.85 10.31 -38.47
CA GLY D 294 -3.93 8.86 -38.34
C GLY D 294 -3.00 8.30 -37.28
N VAL D 295 -1.80 8.87 -37.16
CA VAL D 295 -0.80 8.31 -36.27
C VAL D 295 -1.14 8.60 -34.82
N THR D 296 -1.70 9.78 -34.54
CA THR D 296 -2.03 10.12 -33.16
C THR D 296 -3.24 9.33 -32.66
N THR D 297 -4.13 8.93 -33.58
CA THR D 297 -5.22 8.04 -33.18
C THR D 297 -4.70 6.65 -32.83
N VAL D 298 -3.61 6.23 -33.46
CA VAL D 298 -2.96 4.97 -33.10
C VAL D 298 -2.37 5.07 -31.70
N LEU D 299 -1.74 6.20 -31.38
CA LEU D 299 -1.20 6.39 -30.04
C LEU D 299 -2.31 6.45 -29.01
N THR D 300 -3.43 7.09 -29.35
CA THR D 300 -4.57 7.12 -28.44
C THR D 300 -5.10 5.71 -28.17
N MET D 301 -5.20 4.88 -29.21
CA MET D 301 -5.61 3.49 -29.01
C MET D 301 -4.62 2.75 -28.13
N THR D 302 -3.33 2.98 -28.34
CA THR D 302 -2.32 2.31 -27.51
C THR D 302 -2.47 2.71 -26.05
N THR D 303 -2.67 4.00 -25.78
CA THR D 303 -2.89 4.46 -24.41
C THR D 303 -4.15 3.86 -23.79
N LEU D 304 -5.25 3.84 -24.55
CA LEU D 304 -6.48 3.26 -24.05
C LEU D 304 -6.34 1.76 -23.80
N SER D 305 -5.71 1.04 -24.74
CA SER D 305 -5.58 -0.40 -24.58
C SER D 305 -4.74 -0.77 -23.37
N ILE D 306 -3.64 -0.05 -23.15
CA ILE D 306 -2.75 -0.35 -22.03
C ILE D 306 -3.47 -0.15 -20.71
N SER D 307 -4.16 0.98 -20.56
CA SER D 307 -4.81 1.29 -19.29
C SER D 307 -6.02 0.41 -19.02
N ALA D 308 -6.79 0.05 -20.05
CA ALA D 308 -8.00 -0.74 -19.81
C ALA D 308 -7.68 -2.10 -19.19
N ARG D 309 -6.52 -2.66 -19.52
CA ARG D 309 -6.11 -3.96 -19.00
C ARG D 309 -5.40 -3.87 -17.65
N ASN D 310 -4.96 -2.68 -17.23
CA ASN D 310 -4.36 -2.53 -15.91
C ASN D 310 -5.36 -2.80 -14.80
N SER D 311 -6.60 -2.32 -14.94
CA SER D 311 -7.59 -2.63 -13.91
C SER D 311 -7.86 -4.13 -13.83
N LEU D 312 -7.96 -4.77 -14.98
CA LEU D 312 -8.19 -6.21 -15.07
C LEU D 312 -7.06 -6.99 -14.42
N PRO D 313 -7.38 -8.10 -13.77
CA PRO D 313 -6.35 -9.01 -13.29
C PRO D 313 -5.59 -9.60 -14.48
N LYS D 314 -4.32 -9.94 -14.22
CA LYS D 314 -3.43 -10.42 -15.27
C LYS D 314 -3.84 -11.82 -15.71
N VAL D 315 -4.96 -11.93 -16.42
CA VAL D 315 -5.41 -13.20 -16.96
C VAL D 315 -5.02 -13.31 -18.43
N ALA D 316 -4.75 -14.54 -18.86
CA ALA D 316 -4.19 -14.83 -20.17
C ALA D 316 -5.23 -15.09 -21.26
N TYR D 317 -6.51 -14.96 -20.97
CA TYR D 317 -7.51 -15.15 -22.01
C TYR D 317 -8.14 -13.81 -22.38
N ALA D 318 -8.94 -13.84 -23.43
CA ALA D 318 -9.51 -12.64 -24.02
C ALA D 318 -10.91 -12.44 -23.47
N THR D 319 -11.23 -11.20 -23.11
CA THR D 319 -12.51 -10.88 -22.51
C THR D 319 -13.33 -10.07 -23.51
N ALA D 320 -14.51 -9.62 -23.06
CA ALA D 320 -15.37 -8.91 -23.99
C ALA D 320 -14.84 -7.51 -24.27
N MET D 321 -14.10 -6.92 -23.34
CA MET D 321 -13.49 -5.62 -23.56
C MET D 321 -12.25 -5.71 -24.44
N ASP D 322 -11.48 -6.79 -24.34
CA ASP D 322 -10.33 -6.99 -25.20
C ASP D 322 -10.70 -7.09 -26.67
N TRP D 323 -11.76 -7.84 -27.00
CA TRP D 323 -12.15 -7.98 -28.39
C TRP D 323 -12.62 -6.66 -28.97
N PHE D 324 -13.36 -5.88 -28.18
CA PHE D 324 -13.81 -4.57 -28.64
C PHE D 324 -12.62 -3.66 -28.87
N ILE D 325 -11.63 -3.69 -27.98
CA ILE D 325 -10.45 -2.85 -28.15
C ILE D 325 -9.61 -3.33 -29.31
N ALA D 326 -9.50 -4.66 -29.50
CA ALA D 326 -8.73 -5.18 -30.61
C ALA D 326 -9.35 -4.76 -31.95
N VAL D 327 -10.68 -4.76 -32.03
CA VAL D 327 -11.35 -4.34 -33.26
C VAL D 327 -11.15 -2.85 -33.48
N CYS D 328 -11.28 -2.06 -32.41
CA CYS D 328 -11.03 -0.62 -32.52
C CYS D 328 -9.59 -0.35 -32.93
N TYR D 329 -8.64 -1.13 -32.39
CA TYR D 329 -7.27 -1.03 -32.84
C TYR D 329 -7.14 -1.34 -34.33
N ALA D 330 -7.84 -2.37 -34.80
CA ALA D 330 -7.75 -2.73 -36.21
C ALA D 330 -8.39 -1.67 -37.10
N PHE D 331 -9.49 -1.05 -36.63
CA PHE D 331 -10.11 0.01 -37.41
C PHE D 331 -9.21 1.23 -37.49
N VAL D 332 -8.58 1.60 -36.38
CA VAL D 332 -7.68 2.75 -36.40
C VAL D 332 -6.43 2.44 -37.19
N PHE D 333 -5.89 1.22 -37.05
CA PHE D 333 -4.74 0.81 -37.84
C PHE D 333 -5.07 0.81 -39.33
N SER D 334 -6.24 0.28 -39.70
CA SER D 334 -6.62 0.21 -41.10
C SER D 334 -6.84 1.59 -41.70
N ALA D 335 -7.34 2.54 -40.91
CA ALA D 335 -7.57 3.88 -41.44
C ALA D 335 -6.25 4.53 -41.86
N LEU D 336 -5.18 4.31 -41.08
CA LEU D 336 -3.88 4.84 -41.47
C LEU D 336 -3.29 4.06 -42.64
N ILE D 337 -3.59 2.77 -42.74
CA ILE D 337 -3.19 2.00 -43.91
C ILE D 337 -4.00 2.44 -45.13
N GLU D 338 -5.25 2.85 -44.93
CA GLU D 338 -6.06 3.34 -46.04
C GLU D 338 -5.42 4.56 -46.67
N PHE D 339 -4.96 5.51 -45.85
CA PHE D 339 -4.36 6.72 -46.39
C PHE D 339 -3.02 6.41 -47.07
N ALA D 340 -2.28 5.44 -46.54
CA ALA D 340 -1.02 5.03 -47.17
C ALA D 340 -1.26 4.55 -48.60
N THR D 341 -2.38 3.87 -48.83
CA THR D 341 -2.72 3.41 -50.16
C THR D 341 -3.19 4.57 -51.03
N VAL D 342 -3.97 5.48 -50.45
CA VAL D 342 -4.41 6.67 -51.19
C VAL D 342 -3.20 7.49 -51.63
N ASN D 343 -2.26 7.72 -50.72
CA ASN D 343 -1.10 8.55 -51.05
C ASN D 343 -0.24 7.91 -52.14
N TYR D 344 -0.23 6.58 -52.21
CA TYR D 344 0.59 5.91 -53.23
C TYR D 344 0.11 6.24 -54.64
N PHE D 345 -1.18 6.53 -54.81
CA PHE D 345 -1.76 6.85 -56.11
C PHE D 345 -2.00 8.34 -56.28
N THR D 346 -1.48 9.17 -55.39
CA THR D 346 -1.54 10.62 -55.58
C THR D 346 -0.42 11.05 -56.51
N LYS D 347 -0.76 11.92 -57.47
CA LYS D 347 0.18 12.34 -58.50
C LYS D 347 0.71 13.75 -58.24
N ARG D 348 -0.18 14.72 -58.08
CA ARG D 348 0.22 16.12 -57.96
C ARG D 348 0.32 16.49 -56.48
N GLY D 349 1.40 17.19 -56.13
CA GLY D 349 1.61 17.59 -54.75
C GLY D 349 0.87 18.83 -54.31
N TYR D 350 0.09 19.44 -55.20
CA TYR D 350 -0.67 20.63 -54.89
C TYR D 350 -2.16 20.34 -54.92
N ALA D 351 -2.91 20.96 -54.01
CA ALA D 351 -4.35 20.76 -53.93
C ALA D 351 -5.07 21.69 -54.88
N TRP D 352 -6.39 21.51 -54.96
CA TRP D 352 -7.23 22.36 -55.79
C TRP D 352 -7.10 23.83 -55.36
N ASP D 353 -6.90 24.70 -56.35
CA ASP D 353 -6.60 26.10 -56.07
C ASP D 353 -7.82 26.91 -55.63
N GLY D 354 -9.03 26.40 -55.86
CA GLY D 354 -10.23 27.09 -55.44
C GLY D 354 -10.84 28.01 -56.48
N LYS D 355 -10.14 28.29 -57.57
CA LYS D 355 -10.65 29.15 -58.62
C LYS D 355 -11.21 28.35 -59.81
N SER D 356 -10.39 27.49 -60.39
CA SER D 356 -10.81 26.70 -61.54
C SER D 356 -11.75 25.56 -61.12
N LYS D 419 -3.34 23.46 -66.34
CA LYS D 419 -3.12 23.01 -64.96
C LYS D 419 -4.20 22.03 -64.53
N THR D 420 -3.79 20.84 -64.13
CA THR D 420 -4.70 19.79 -63.67
C THR D 420 -4.56 19.60 -62.17
N PHE D 421 -5.58 18.97 -61.59
CA PHE D 421 -5.63 18.75 -60.15
C PHE D 421 -6.05 17.31 -59.89
N ASN D 422 -5.68 16.81 -58.71
CA ASN D 422 -6.06 15.45 -58.35
C ASN D 422 -7.58 15.34 -58.20
N SER D 423 -8.09 14.14 -58.49
CA SER D 423 -9.50 13.84 -58.28
C SER D 423 -9.69 13.22 -56.90
N VAL D 424 -10.90 13.39 -56.35
CA VAL D 424 -11.20 12.80 -55.06
C VAL D 424 -11.04 11.29 -55.15
N SER D 425 -10.25 10.73 -54.24
CA SER D 425 -9.91 9.31 -54.30
C SER D 425 -11.17 8.44 -54.24
N LYS D 426 -11.25 7.46 -55.13
CA LYS D 426 -12.34 6.50 -55.05
C LYS D 426 -12.21 5.64 -53.80
N ILE D 427 -10.99 5.44 -53.32
CA ILE D 427 -10.78 4.76 -52.05
C ILE D 427 -11.40 5.56 -50.91
N ASP D 428 -11.24 6.88 -50.94
CA ASP D 428 -11.82 7.74 -49.92
C ASP D 428 -13.35 7.69 -49.97
N ARG D 429 -13.92 7.82 -51.17
CA ARG D 429 -15.38 7.81 -51.30
C ARG D 429 -15.99 6.54 -50.73
N LEU D 430 -15.36 5.39 -51.00
CA LEU D 430 -15.87 4.13 -50.45
C LEU D 430 -15.57 4.00 -48.96
N SER D 431 -14.38 4.43 -48.53
CA SER D 431 -14.01 4.32 -47.12
C SER D 431 -14.87 5.21 -46.22
N ARG D 432 -15.44 6.29 -46.76
CA ARG D 432 -16.34 7.11 -45.98
C ARG D 432 -17.63 6.38 -45.62
N ILE D 433 -17.95 5.31 -46.35
CA ILE D 433 -19.16 4.53 -46.11
C ILE D 433 -18.84 3.19 -45.47
N ALA D 434 -17.85 2.47 -46.00
CA ALA D 434 -17.56 1.13 -45.50
C ALA D 434 -17.11 1.16 -44.04
N PHE D 435 -16.20 2.09 -43.69
CA PHE D 435 -15.68 2.10 -42.34
C PHE D 435 -16.76 2.43 -41.31
N PRO D 436 -17.55 3.50 -41.45
CA PRO D 436 -18.66 3.69 -40.48
C PRO D 436 -19.64 2.54 -40.45
N LEU D 437 -19.96 1.95 -41.61
CA LEU D 437 -20.93 0.86 -41.65
C LEU D 437 -20.39 -0.40 -40.97
N LEU D 438 -19.15 -0.76 -41.28
CA LEU D 438 -18.57 -1.97 -40.68
C LEU D 438 -18.45 -1.83 -39.18
N PHE D 439 -18.03 -0.66 -38.70
CA PHE D 439 -18.00 -0.42 -37.25
C PHE D 439 -19.41 -0.44 -36.67
N GLY D 440 -20.38 0.15 -37.38
CA GLY D 440 -21.75 0.08 -36.92
C GLY D 440 -22.26 -1.35 -36.83
N ILE D 441 -21.96 -2.16 -37.84
CA ILE D 441 -22.38 -3.57 -37.82
C ILE D 441 -21.71 -4.29 -36.66
N PHE D 442 -20.40 -4.08 -36.49
CA PHE D 442 -19.67 -4.74 -35.41
C PHE D 442 -20.27 -4.41 -34.06
N ASN D 443 -20.68 -3.16 -33.85
CA ASN D 443 -21.25 -2.77 -32.57
C ASN D 443 -22.56 -3.50 -32.30
N LEU D 444 -23.43 -3.60 -33.30
CA LEU D 444 -24.69 -4.31 -33.12
C LEU D 444 -24.44 -5.78 -32.82
N VAL D 445 -23.54 -6.42 -33.56
CA VAL D 445 -23.22 -7.82 -33.31
C VAL D 445 -22.57 -7.98 -31.94
N TYR D 446 -21.71 -7.03 -31.56
CA TYR D 446 -21.01 -7.11 -30.28
C TYR D 446 -21.96 -6.92 -29.10
N TRP D 447 -22.78 -5.88 -29.15
CA TRP D 447 -23.63 -5.57 -28.00
C TRP D 447 -24.79 -6.55 -27.87
N ALA D 448 -25.41 -6.91 -28.99
CA ALA D 448 -26.49 -7.91 -28.93
C ALA D 448 -26.00 -9.25 -28.40
N THR D 449 -24.73 -9.58 -28.60
CA THR D 449 -24.21 -10.86 -28.13
C THR D 449 -24.07 -10.86 -26.61
N TYR D 450 -23.52 -9.79 -26.04
CA TYR D 450 -23.17 -9.79 -24.62
C TYR D 450 -24.28 -9.22 -23.75
N LEU D 451 -25.11 -8.33 -24.28
CA LEU D 451 -26.22 -7.78 -23.51
C LEU D 451 -27.42 -8.71 -23.58
N MET E 34 23.15 -12.96 45.79
CA MET E 34 22.08 -12.79 44.82
C MET E 34 20.70 -12.98 45.44
N SER E 35 20.59 -13.93 46.37
CA SER E 35 19.31 -14.12 47.03
C SER E 35 18.94 -12.92 47.89
N PHE E 36 19.94 -12.24 48.47
CA PHE E 36 19.66 -11.06 49.28
C PHE E 36 18.95 -10.01 48.44
N VAL E 37 19.44 -9.79 47.21
CA VAL E 37 18.78 -8.88 46.27
C VAL E 37 17.41 -9.43 45.87
N LYS E 38 17.33 -10.74 45.65
CA LYS E 38 16.04 -11.35 45.30
C LYS E 38 15.01 -11.14 46.41
N GLU E 39 15.41 -11.30 47.67
CA GLU E 39 14.48 -11.07 48.76
C GLU E 39 14.04 -9.63 48.80
N THR E 40 14.97 -8.69 48.57
CA THR E 40 14.63 -7.27 48.60
C THR E 40 13.57 -6.93 47.56
N VAL E 41 13.76 -7.39 46.32
CA VAL E 41 12.80 -7.08 45.27
C VAL E 41 11.44 -7.69 45.58
N ASP E 42 11.43 -8.91 46.14
CA ASP E 42 10.15 -9.54 46.49
C ASP E 42 9.41 -8.72 47.54
N LYS E 43 10.14 -8.17 48.52
CA LYS E 43 9.51 -7.38 49.56
C LYS E 43 8.81 -6.16 48.98
N LEU E 44 9.46 -5.47 48.04
CA LEU E 44 8.89 -4.25 47.49
C LEU E 44 7.55 -4.50 46.82
N LEU E 45 7.46 -5.57 46.01
CA LEU E 45 6.24 -5.87 45.27
C LEU E 45 5.22 -6.66 46.07
N LYS E 46 5.56 -7.09 47.29
CA LYS E 46 4.61 -7.80 48.14
C LYS E 46 3.64 -6.79 48.71
N GLY E 47 2.38 -6.89 48.31
CA GLY E 47 1.37 -5.92 48.73
C GLY E 47 1.40 -4.63 47.95
N TYR E 48 2.23 -4.53 46.92
CA TYR E 48 2.30 -3.33 46.11
C TYR E 48 1.00 -3.13 45.34
N ASP E 49 0.43 -1.93 45.42
CA ASP E 49 -0.82 -1.60 44.76
C ASP E 49 -0.50 -0.77 43.52
N ILE E 50 -0.72 -1.35 42.34
CA ILE E 50 -0.41 -0.66 41.10
C ILE E 50 -1.52 0.30 40.68
N ARG E 51 -2.71 0.16 41.27
CA ARG E 51 -3.83 1.04 40.97
C ARG E 51 -3.74 2.39 41.66
N LEU E 52 -2.80 2.57 42.59
CA LEU E 52 -2.66 3.81 43.33
C LEU E 52 -1.33 4.48 42.98
N ARG E 53 -1.40 5.76 42.62
CA ARG E 53 -0.19 6.51 42.30
C ARG E 53 0.62 6.73 43.57
N PRO E 54 1.91 7.04 43.44
CA PRO E 54 2.70 7.41 44.62
C PRO E 54 2.11 8.62 45.33
N ASP E 55 2.20 8.59 46.65
CA ASP E 55 1.66 9.66 47.51
C ASP E 55 0.18 9.93 47.19
N PHE E 56 -0.58 8.84 47.05
CA PHE E 56 -2.01 8.96 46.78
C PHE E 56 -2.69 9.81 47.84
N GLY E 57 -3.42 10.82 47.40
CA GLY E 57 -4.07 11.76 48.29
C GLY E 57 -3.15 12.82 48.84
N GLY E 58 -1.84 12.73 48.61
CA GLY E 58 -0.89 13.71 49.07
C GLY E 58 -0.54 14.69 47.96
N PRO E 59 0.64 15.30 48.06
CA PRO E 59 1.06 16.21 47.00
C PRO E 59 1.20 15.47 45.69
N PRO E 60 1.00 16.15 44.57
CA PRO E 60 1.12 15.48 43.27
C PRO E 60 2.52 14.94 43.05
N VAL E 61 2.60 13.78 42.39
CA VAL E 61 3.90 13.19 42.05
C VAL E 61 4.49 13.93 40.86
N CYS E 62 5.73 14.39 41.01
CA CYS E 62 6.43 15.11 39.96
C CYS E 62 7.18 14.11 39.08
N VAL E 63 6.89 14.14 37.79
CA VAL E 63 7.50 13.21 36.82
C VAL E 63 8.36 14.02 35.87
N GLY E 64 9.64 13.72 35.84
CA GLY E 64 10.58 14.39 34.94
C GLY E 64 10.90 13.53 33.72
N MET E 65 10.95 14.18 32.56
CA MET E 65 11.12 13.48 31.30
C MET E 65 12.27 14.08 30.52
N ASN E 66 13.05 13.22 29.88
CA ASN E 66 14.04 13.61 28.88
C ASN E 66 13.96 12.64 27.72
N ILE E 67 14.37 13.09 26.54
CA ILE E 67 14.24 12.30 25.33
C ILE E 67 15.56 12.30 24.57
N ASP E 68 15.95 11.13 24.08
CA ASP E 68 17.03 10.98 23.13
C ASP E 68 16.43 10.55 21.80
N ILE E 69 16.56 11.40 20.78
CA ILE E 69 15.96 11.16 19.49
C ILE E 69 16.92 10.32 18.65
N ALA E 70 16.51 9.09 18.32
CA ALA E 70 17.33 8.22 17.50
C ALA E 70 17.31 8.64 16.03
N SER E 71 16.15 9.03 15.51
CA SER E 71 16.03 9.43 14.12
C SER E 71 14.64 9.97 13.87
N ILE E 72 14.53 10.83 12.86
CA ILE E 72 13.26 11.22 12.26
C ILE E 72 13.23 10.63 10.86
N ASP E 73 12.26 9.73 10.61
CA ASP E 73 12.35 8.87 9.43
C ASP E 73 11.60 9.47 8.25
N MET E 74 10.30 9.72 8.42
CA MET E 74 9.45 10.25 7.35
C MET E 74 8.80 11.55 7.80
N VAL E 75 8.71 12.50 6.88
CA VAL E 75 7.96 13.74 7.08
C VAL E 75 7.12 13.92 5.83
N SER E 76 5.88 13.44 5.86
CA SER E 76 5.04 13.35 4.68
C SER E 76 4.00 14.47 4.66
N GLU E 77 3.96 15.22 3.57
CA GLU E 77 2.93 16.23 3.36
C GLU E 77 1.59 15.60 2.97
N VAL E 78 1.62 14.45 2.31
CA VAL E 78 0.39 13.79 1.89
C VAL E 78 -0.45 13.40 3.09
N ASN E 79 0.18 12.73 4.06
CA ASN E 79 -0.51 12.31 5.28
C ASN E 79 -0.47 13.37 6.37
N MET E 80 0.30 14.44 6.18
CA MET E 80 0.44 15.52 7.16
C MET E 80 0.74 14.95 8.54
N ASP E 81 1.89 14.27 8.60
CA ASP E 81 2.40 13.69 9.83
C ASP E 81 3.91 13.52 9.68
N TYR E 82 4.55 12.98 10.71
CA TYR E 82 5.96 12.65 10.65
C TYR E 82 6.22 11.48 11.57
N THR E 83 7.27 10.73 11.26
CA THR E 83 7.68 9.59 12.07
C THR E 83 8.89 9.96 12.92
N LEU E 84 8.93 9.42 14.13
CA LEU E 84 9.93 9.80 15.12
C LEU E 84 10.32 8.56 15.90
N THR E 85 11.61 8.23 15.91
CA THR E 85 12.13 7.15 16.75
C THR E 85 12.97 7.79 17.84
N MET E 86 12.60 7.52 19.10
CA MET E 86 13.21 8.21 20.22
C MET E 86 13.37 7.24 21.38
N TYR E 87 14.30 7.56 22.27
CA TYR E 87 14.40 6.94 23.58
C TYR E 87 13.71 7.85 24.58
N PHE E 88 12.66 7.35 25.22
CA PHE E 88 11.78 8.17 26.05
C PHE E 88 11.95 7.73 27.49
N GLN E 89 12.48 8.62 28.32
CA GLN E 89 12.77 8.33 29.72
C GLN E 89 11.86 9.14 30.62
N GLN E 90 11.40 8.51 31.70
CA GLN E 90 10.58 9.17 32.71
C GLN E 90 11.20 8.92 34.07
N TYR E 91 11.27 9.97 34.88
CA TYR E 91 11.80 9.91 36.23
C TYR E 91 10.75 10.36 37.22
N TRP E 92 10.56 9.59 38.28
CA TRP E 92 9.69 9.98 39.38
C TRP E 92 10.15 9.24 40.63
N ARG E 93 9.73 9.74 41.78
CA ARG E 93 10.10 9.16 43.06
C ARG E 93 8.91 8.39 43.63
N ASP E 94 9.14 7.12 43.94
CA ASP E 94 8.12 6.25 44.54
C ASP E 94 8.69 5.70 45.84
N LYS E 95 8.19 6.21 46.97
CA LYS E 95 8.71 5.78 48.26
C LYS E 95 8.49 4.29 48.49
N ARG E 96 7.41 3.73 47.93
CA ARG E 96 7.14 2.30 48.06
C ARG E 96 8.25 1.44 47.47
N LEU E 97 9.08 2.00 46.59
CA LEU E 97 10.15 1.26 45.94
C LEU E 97 11.52 1.60 46.48
N ALA E 98 11.60 2.26 47.63
CA ALA E 98 12.89 2.51 48.25
C ALA E 98 13.47 1.23 48.84
N TYR E 99 14.78 1.06 48.71
CA TYR E 99 15.45 -0.10 49.26
C TYR E 99 16.80 0.31 49.84
N SER E 100 17.27 -0.46 50.81
CA SER E 100 18.51 -0.18 51.50
C SER E 100 19.32 -1.45 51.65
N GLY E 101 20.63 -1.29 51.86
CA GLY E 101 21.54 -2.41 51.97
C GLY E 101 22.14 -2.89 50.68
N ILE E 102 21.70 -2.36 49.54
CA ILE E 102 22.23 -2.71 48.24
C ILE E 102 22.85 -1.47 47.63
N PRO E 103 24.18 -1.33 47.68
CA PRO E 103 24.87 -0.14 47.15
C PRO E 103 24.99 -0.14 45.63
N LEU E 104 23.88 -0.42 44.95
CA LEU E 104 23.85 -0.48 43.50
C LEU E 104 22.47 -0.06 43.01
N ASN E 105 22.42 0.47 41.80
CA ASN E 105 21.16 0.70 41.13
C ASN E 105 20.70 -0.59 40.45
N LEU E 106 19.47 -1.00 40.75
CA LEU E 106 18.98 -2.31 40.28
C LEU E 106 18.33 -2.11 38.92
N THR E 107 19.03 -2.49 37.87
CA THR E 107 18.43 -2.64 36.55
C THR E 107 17.73 -3.98 36.47
N LEU E 108 16.43 -3.98 36.21
CA LEU E 108 15.63 -5.19 36.26
C LEU E 108 15.10 -5.54 34.87
N ASP E 109 14.75 -6.81 34.71
CA ASP E 109 14.11 -7.30 33.50
C ASP E 109 12.87 -6.47 33.20
N ASN E 110 12.72 -6.07 31.94
CA ASN E 110 11.65 -5.14 31.56
C ASN E 110 10.26 -5.66 31.90
N ARG E 111 10.11 -6.98 32.07
CA ARG E 111 8.84 -7.57 32.41
C ARG E 111 8.38 -7.19 33.82
N VAL E 112 9.25 -6.59 34.64
CA VAL E 112 8.85 -6.12 35.95
C VAL E 112 8.01 -4.86 35.87
N ALA E 113 8.04 -4.16 34.73
CA ALA E 113 7.24 -2.94 34.59
C ALA E 113 5.76 -3.21 34.75
N ASP E 114 5.30 -4.43 34.43
CA ASP E 114 3.91 -4.77 34.61
C ASP E 114 3.52 -4.86 36.07
N GLN E 115 4.49 -4.87 36.98
CA GLN E 115 4.26 -5.02 38.41
C GLN E 115 4.53 -3.72 39.16
N LEU E 116 4.53 -2.59 38.46
CA LEU E 116 4.82 -1.30 39.04
C LEU E 116 3.80 -0.28 38.55
N TRP E 117 3.65 0.80 39.30
CA TRP E 117 2.88 1.94 38.82
C TRP E 117 3.73 2.76 37.88
N VAL E 118 3.20 3.07 36.71
CA VAL E 118 3.88 3.94 35.76
C VAL E 118 2.93 5.05 35.35
N PRO E 119 3.44 6.24 35.01
CA PRO E 119 2.54 7.32 34.60
C PRO E 119 1.72 6.92 33.37
N ASP E 120 0.48 7.41 33.33
CA ASP E 120 -0.37 7.16 32.18
C ASP E 120 -0.07 8.17 31.08
N THR E 121 1.21 8.27 30.72
CA THR E 121 1.66 9.21 29.71
C THR E 121 1.26 8.75 28.32
N TYR E 122 0.86 9.70 27.48
CA TYR E 122 0.53 9.41 26.09
C TYR E 122 0.87 10.65 25.27
N PHE E 123 0.90 10.46 23.95
CA PHE E 123 1.24 11.53 23.01
C PHE E 123 -0.04 12.04 22.39
N LEU E 124 -0.41 13.27 22.74
CA LEU E 124 -1.76 13.77 22.43
C LEU E 124 -2.00 13.88 20.94
N ASN E 125 -0.95 14.10 20.15
CA ASN E 125 -1.10 14.31 18.70
C ASN E 125 -0.60 13.15 17.87
N ASP E 126 -0.25 12.02 18.49
CA ASP E 126 0.23 10.88 17.71
C ASP E 126 -0.91 10.20 16.96
N LYS E 127 -0.61 9.72 15.75
CA LYS E 127 -1.60 8.98 14.96
C LYS E 127 -1.50 7.49 15.23
N LYS E 128 -0.28 6.96 15.22
CA LYS E 128 -0.04 5.55 15.48
C LYS E 128 1.38 5.40 16.01
N SER E 129 1.55 4.62 17.06
CA SER E 129 2.86 4.45 17.68
C SER E 129 2.95 3.05 18.28
N PHE E 130 4.19 2.61 18.48
CA PHE E 130 4.42 1.30 19.06
C PHE E 130 5.75 1.29 19.80
N VAL E 131 5.88 0.35 20.72
CA VAL E 131 7.13 0.09 21.43
C VAL E 131 7.79 -1.13 20.80
N HIS E 132 9.06 -0.99 20.41
CA HIS E 132 9.74 -2.04 19.68
C HIS E 132 9.88 -3.28 20.56
N GLY E 133 9.86 -4.46 19.92
CA GLY E 133 9.76 -5.69 20.68
C GLY E 133 10.66 -6.82 20.21
N VAL E 134 11.79 -6.48 19.59
CA VAL E 134 12.80 -7.46 19.19
C VAL E 134 14.13 -7.00 19.78
N THR E 135 14.85 -7.92 20.42
CA THR E 135 14.45 -9.32 20.61
C THR E 135 13.40 -9.44 21.71
N VAL E 136 13.40 -8.47 22.62
CA VAL E 136 12.38 -8.34 23.65
C VAL E 136 11.83 -6.92 23.56
N LYS E 137 10.79 -6.66 24.35
CA LYS E 137 10.24 -5.31 24.41
C LYS E 137 11.31 -4.32 24.85
N ASN E 138 11.49 -3.26 24.06
CA ASN E 138 12.52 -2.26 24.32
C ASN E 138 12.02 -1.34 25.43
N ARG E 139 12.10 -1.88 26.65
CA ARG E 139 11.60 -1.23 27.86
C ARG E 139 12.64 -1.38 28.95
N MET E 140 12.81 -0.34 29.76
CA MET E 140 13.82 -0.34 30.81
C MET E 140 13.22 0.13 32.11
N ILE E 141 13.55 -0.58 33.19
CA ILE E 141 13.20 -0.18 34.55
C ILE E 141 14.46 -0.21 35.38
N ARG E 142 14.87 0.93 35.90
CA ARG E 142 16.04 1.05 36.75
C ARG E 142 15.65 1.74 38.04
N LEU E 143 15.90 1.09 39.17
CA LEU E 143 15.58 1.65 40.47
C LEU E 143 16.82 2.27 41.10
N HIS E 144 16.59 3.18 42.03
CA HIS E 144 17.66 3.82 42.80
C HIS E 144 17.32 3.71 44.28
N PRO E 145 18.33 3.76 45.16
CA PRO E 145 18.07 3.48 46.58
C PRO E 145 17.00 4.37 47.20
N ASP E 146 16.98 5.66 46.84
CA ASP E 146 16.05 6.60 47.45
C ASP E 146 14.61 6.38 47.00
N GLY E 147 14.37 5.57 45.98
CA GLY E 147 13.04 5.35 45.44
C GLY E 147 12.84 5.92 44.05
N THR E 148 13.85 6.55 43.47
CA THR E 148 13.74 7.09 42.13
C THR E 148 13.58 5.95 41.13
N VAL E 149 12.68 6.13 40.17
CA VAL E 149 12.41 5.13 39.14
C VAL E 149 12.77 5.73 37.79
N LEU E 150 13.56 5.01 37.02
CA LEU E 150 13.89 5.38 35.65
C LEU E 150 13.18 4.42 34.71
N TYR E 151 12.25 4.94 33.92
CA TYR E 151 11.41 4.15 33.02
C TYR E 151 11.67 4.62 31.60
N GLY E 152 12.38 3.80 30.84
CA GLY E 152 12.77 4.15 29.47
C GLY E 152 12.08 3.25 28.47
N LEU E 153 11.67 3.84 27.35
CA LEU E 153 11.05 3.12 26.26
C LEU E 153 11.68 3.56 24.95
N ARG E 154 11.75 2.64 23.99
CA ARG E 154 12.10 2.98 22.62
C ARG E 154 10.82 2.96 21.81
N ILE E 155 10.45 4.12 21.26
CA ILE E 155 9.16 4.33 20.65
C ILE E 155 9.35 4.87 19.25
N THR E 156 8.66 4.30 18.28
CA THR E 156 8.49 4.90 16.98
C THR E 156 7.05 5.40 16.91
N THR E 157 6.88 6.72 16.75
CA THR E 157 5.56 7.32 16.77
C THR E 157 5.35 8.17 15.53
N THR E 158 4.21 7.96 14.88
CA THR E 158 3.77 8.86 13.82
C THR E 158 2.89 9.93 14.46
N ALA E 159 3.32 11.17 14.38
CA ALA E 159 2.66 12.28 15.06
C ALA E 159 2.05 13.22 14.02
N ALA E 160 0.88 13.75 14.33
CA ALA E 160 0.21 14.67 13.41
C ALA E 160 0.91 16.03 13.43
N CYS E 161 1.27 16.51 12.25
CA CYS E 161 1.84 17.84 12.07
C CYS E 161 1.05 18.54 10.96
N MET E 162 0.12 19.41 11.36
CA MET E 162 -0.65 20.16 10.39
C MET E 162 0.27 21.19 9.74
N MET E 163 0.56 21.02 8.45
CA MET E 163 1.54 21.83 7.77
C MET E 163 0.88 22.95 6.97
N ASP E 164 1.52 24.12 6.96
CA ASP E 164 1.07 25.26 6.18
C ASP E 164 1.86 25.25 4.88
N LEU E 165 1.19 24.95 3.78
CA LEU E 165 1.82 24.76 2.48
C LEU E 165 1.54 25.89 1.51
N ARG E 166 1.23 27.08 2.01
CA ARG E 166 1.07 28.23 1.13
C ARG E 166 2.39 28.57 0.43
N ARG E 167 3.51 28.52 1.16
CA ARG E 167 4.79 28.89 0.59
C ARG E 167 5.57 27.69 0.07
N TYR E 168 4.95 26.52 0.02
CA TYR E 168 5.62 25.31 -0.46
C TYR E 168 6.08 25.51 -1.90
N PRO E 169 7.28 25.05 -2.26
CA PRO E 169 8.24 24.30 -1.43
C PRO E 169 9.23 25.20 -0.70
N LEU E 170 8.99 26.51 -0.67
CA LEU E 170 9.81 27.45 0.09
C LEU E 170 9.28 27.64 1.51
N ASP E 171 8.62 26.62 2.04
CA ASP E 171 7.86 26.72 3.28
C ASP E 171 8.72 26.34 4.48
N GLU E 172 8.32 26.86 5.63
CA GLU E 172 8.92 26.50 6.91
C GLU E 172 7.83 25.98 7.81
N GLN E 173 8.05 24.80 8.39
CA GLN E 173 7.06 24.13 9.21
C GLN E 173 7.48 24.11 10.67
N ASN E 174 6.49 23.83 11.52
CA ASN E 174 6.70 23.70 12.96
C ASN E 174 5.89 22.50 13.41
N CYS E 175 6.58 21.40 13.70
CA CYS E 175 5.95 20.16 14.13
C CYS E 175 6.21 19.94 15.62
N THR E 176 5.16 19.54 16.33
CA THR E 176 5.20 19.41 17.77
C THR E 176 4.96 17.97 18.20
N LEU E 177 5.28 17.71 19.46
CA LEU E 177 4.94 16.44 20.13
C LEU E 177 4.41 16.78 21.51
N GLU E 178 3.11 16.56 21.71
CA GLU E 178 2.44 16.93 22.94
C GLU E 178 2.42 15.73 23.88
N ILE E 179 2.94 15.92 25.09
CA ILE E 179 3.03 14.86 26.09
C ILE E 179 2.15 15.24 27.26
N GLU E 180 1.11 14.43 27.51
CA GLU E 180 0.11 14.76 28.51
C GLU E 180 -0.27 13.50 29.28
N SER E 181 -0.77 13.70 30.49
CA SER E 181 -1.31 12.60 31.28
C SER E 181 -2.77 12.35 30.89
N TYR E 182 -3.13 11.07 30.72
CA TYR E 182 -4.46 10.76 30.22
C TYR E 182 -5.52 10.86 31.29
N GLY E 183 -5.28 10.27 32.46
CA GLY E 183 -6.32 10.19 33.47
C GLY E 183 -6.11 11.14 34.63
N TYR E 184 -4.86 11.38 35.01
CA TYR E 184 -4.56 12.15 36.21
C TYR E 184 -4.49 13.62 35.88
N THR E 185 -5.09 14.45 36.74
CA THR E 185 -5.04 15.88 36.60
C THR E 185 -3.79 16.45 37.26
N THR E 186 -3.64 17.78 37.20
CA THR E 186 -2.49 18.42 37.82
C THR E 186 -2.51 18.33 39.34
N ASP E 187 -3.64 17.96 39.93
CA ASP E 187 -3.68 17.70 41.37
C ASP E 187 -2.99 16.39 41.72
N ASP E 188 -2.79 15.50 40.76
CA ASP E 188 -2.20 14.20 40.99
C ASP E 188 -0.82 14.04 40.40
N ILE E 189 -0.56 14.57 39.21
CA ILE E 189 0.70 14.36 38.52
C ILE E 189 1.14 15.66 37.87
N GLU E 190 2.43 15.96 37.96
CA GLU E 190 3.02 17.14 37.32
C GLU E 190 4.21 16.71 36.48
N PHE E 191 4.37 17.33 35.32
CA PHE E 191 5.47 17.02 34.42
C PHE E 191 6.49 18.15 34.44
N TYR E 192 7.75 17.80 34.16
CA TYR E 192 8.79 18.79 33.92
C TYR E 192 9.88 18.17 33.05
N TRP E 193 10.55 19.01 32.26
CA TRP E 193 11.72 18.56 31.52
C TRP E 193 12.91 18.41 32.45
N ARG E 194 13.46 17.21 32.51
CA ARG E 194 14.58 16.91 33.39
C ARG E 194 15.88 17.36 32.74
N GLY E 195 16.55 18.34 33.35
CA GLY E 195 17.72 18.94 32.77
C GLY E 195 17.48 20.21 31.98
N GLY E 196 16.31 20.83 32.10
CA GLY E 196 16.06 22.07 31.39
C GLY E 196 16.09 21.90 29.88
N ASP E 197 16.76 22.85 29.22
CA ASP E 197 16.83 22.86 27.77
C ASP E 197 17.76 21.78 27.20
N LYS E 198 18.47 21.06 28.07
CA LYS E 198 19.26 19.90 27.68
C LYS E 198 18.49 18.59 27.78
N ALA E 199 17.18 18.66 28.07
CA ALA E 199 16.39 17.45 28.24
C ALA E 199 16.20 16.68 26.94
N VAL E 200 16.44 17.29 25.79
CA VAL E 200 16.32 16.60 24.51
C VAL E 200 17.67 16.65 23.82
N THR E 201 18.19 15.49 23.45
CA THR E 201 19.48 15.38 22.81
C THR E 201 19.36 14.58 21.51
N GLY E 202 20.36 14.72 20.66
CA GLY E 202 20.41 14.02 19.39
C GLY E 202 19.87 14.82 18.23
N VAL E 203 19.29 16.00 18.48
CA VAL E 203 18.70 16.79 17.41
C VAL E 203 19.78 17.25 16.42
N GLU E 204 20.94 17.66 16.92
CA GLU E 204 22.01 18.11 16.03
C GLU E 204 22.48 17.03 15.08
N ARG E 205 22.39 15.75 15.49
CA ARG E 205 22.85 14.67 14.65
C ARG E 205 21.84 14.26 13.58
N ILE E 206 20.58 14.68 13.72
CA ILE E 206 19.54 14.27 12.79
C ILE E 206 19.84 14.81 11.40
N GLU E 207 19.67 13.95 10.39
CA GLU E 207 19.79 14.35 9.00
C GLU E 207 18.49 13.98 8.28
N LEU E 208 17.86 14.97 7.66
CA LEU E 208 16.64 14.73 6.91
C LEU E 208 16.88 14.98 5.42
N PRO E 209 16.39 14.09 4.55
CA PRO E 209 16.65 14.27 3.12
C PRO E 209 16.01 15.51 2.53
N GLN E 210 15.03 16.10 3.22
CA GLN E 210 14.27 17.20 2.66
C GLN E 210 14.14 18.41 3.58
N PHE E 211 14.54 18.31 4.84
CA PHE E 211 14.43 19.41 5.79
C PHE E 211 15.74 19.60 6.54
N SER E 212 15.86 20.75 7.21
CA SER E 212 16.92 21.00 8.16
C SER E 212 16.29 21.48 9.47
N ILE E 213 16.79 20.95 10.58
CA ILE E 213 16.26 21.31 11.90
C ILE E 213 16.83 22.68 12.27
N VAL E 214 16.04 23.74 12.07
CA VAL E 214 16.54 25.08 12.39
C VAL E 214 16.66 25.26 13.89
N GLU E 215 15.68 24.79 14.65
CA GLU E 215 15.62 25.04 16.08
C GLU E 215 14.70 24.01 16.72
N HIS E 216 14.82 23.85 18.03
CA HIS E 216 13.87 23.10 18.82
C HIS E 216 13.69 23.78 20.17
N ARG E 217 12.47 23.65 20.72
CA ARG E 217 12.11 24.30 21.98
C ARG E 217 11.43 23.32 22.90
N LEU E 218 11.59 23.54 24.20
CA LEU E 218 10.91 22.79 25.23
C LEU E 218 9.96 23.72 25.98
N VAL E 219 8.69 23.34 26.05
CA VAL E 219 7.68 24.13 26.75
C VAL E 219 7.02 23.26 27.80
N SER E 220 6.57 23.89 28.88
CA SER E 220 5.85 23.23 29.97
C SER E 220 4.69 24.12 30.36
N ARG E 221 3.49 23.54 30.44
CA ARG E 221 2.29 24.33 30.71
C ARG E 221 1.19 23.40 31.21
N ASN E 222 0.03 23.99 31.47
CA ASN E 222 -1.16 23.26 31.90
C ASN E 222 -2.29 23.51 30.91
N VAL E 223 -3.02 22.46 30.58
CA VAL E 223 -4.17 22.54 29.68
C VAL E 223 -5.43 22.20 30.47
N VAL E 224 -6.47 23.00 30.30
CA VAL E 224 -7.71 22.89 31.07
C VAL E 224 -8.79 22.32 30.17
N PHE E 225 -9.41 21.22 30.61
CA PHE E 225 -10.50 20.58 29.87
C PHE E 225 -11.79 20.62 30.68
N ALA E 226 -12.82 19.93 30.20
CA ALA E 226 -14.05 19.80 30.98
C ALA E 226 -13.85 18.98 32.24
N THR E 227 -12.93 18.01 32.21
CA THR E 227 -12.68 17.12 33.34
C THR E 227 -11.58 17.64 34.26
N GLY E 228 -11.03 18.81 33.99
CA GLY E 228 -10.03 19.42 34.85
C GLY E 228 -8.75 19.72 34.08
N ALA E 229 -7.83 20.36 34.79
CA ALA E 229 -6.55 20.75 34.20
C ALA E 229 -5.60 19.56 34.16
N TYR E 230 -4.77 19.53 33.12
CA TYR E 230 -3.83 18.43 32.90
C TYR E 230 -2.45 18.97 32.60
N PRO E 231 -1.40 18.27 33.05
CA PRO E 231 -0.04 18.72 32.75
C PRO E 231 0.31 18.43 31.31
N ARG E 232 1.05 19.35 30.69
CA ARG E 232 1.43 19.25 29.29
C ARG E 232 2.92 19.53 29.15
N LEU E 233 3.60 18.69 28.38
CA LEU E 233 4.94 18.96 27.89
C LEU E 233 4.93 18.95 26.38
N SER E 234 5.50 19.97 25.76
CA SER E 234 5.55 20.08 24.32
C SER E 234 7.01 20.09 23.87
N LEU E 235 7.31 19.32 22.84
CA LEU E 235 8.56 19.39 22.11
C LEU E 235 8.23 19.77 20.68
N SER E 236 8.88 20.81 20.17
CA SER E 236 8.59 21.31 18.84
C SER E 236 9.89 21.53 18.08
N PHE E 237 9.83 21.30 16.77
CA PHE E 237 10.93 21.55 15.86
C PHE E 237 10.48 22.58 14.84
N ARG E 238 11.43 23.34 14.32
CA ARG E 238 11.17 24.22 13.18
C ARG E 238 11.93 23.64 11.99
N LEU E 239 11.20 23.37 10.92
CA LEU E 239 11.75 22.72 9.73
C LEU E 239 11.76 23.71 8.57
N LYS E 240 12.91 23.86 7.93
CA LYS E 240 13.04 24.66 6.73
C LYS E 240 13.31 23.70 5.58
N ARG E 241 12.49 23.79 4.54
CA ARG E 241 12.60 22.86 3.42
C ARG E 241 13.77 23.18 2.52
N ASN E 242 14.38 22.13 1.99
CA ASN E 242 15.48 22.20 1.05
C ASN E 242 14.94 22.56 -0.33
N ILE E 243 15.41 23.67 -0.89
CA ILE E 243 14.86 24.19 -2.14
C ILE E 243 15.64 23.67 -3.35
N GLY E 244 16.88 23.23 -3.16
CA GLY E 244 17.70 22.84 -4.30
C GLY E 244 17.05 21.74 -5.11
N TYR E 245 16.42 20.77 -4.44
CA TYR E 245 15.80 19.65 -5.15
C TYR E 245 14.68 20.11 -6.06
N PHE E 246 13.84 21.03 -5.58
CA PHE E 246 12.70 21.48 -6.36
C PHE E 246 13.14 22.26 -7.59
N ILE E 247 14.31 22.89 -7.52
CA ILE E 247 14.83 23.64 -8.67
C ILE E 247 15.07 22.72 -9.85
N LEU E 248 15.72 21.58 -9.62
CA LEU E 248 15.99 20.65 -10.71
C LEU E 248 14.72 19.94 -11.14
N GLN E 249 13.85 19.59 -10.20
CA GLN E 249 12.70 18.75 -10.53
C GLN E 249 11.55 19.56 -11.10
N THR E 250 11.19 20.66 -10.42
CA THR E 250 9.97 21.40 -10.72
C THR E 250 10.23 22.69 -11.49
N TYR E 251 11.10 23.56 -10.98
CA TYR E 251 11.28 24.88 -11.56
C TYR E 251 12.03 24.82 -12.89
N MET E 252 13.12 24.06 -12.96
CA MET E 252 13.94 24.08 -14.18
C MET E 252 13.18 23.60 -15.41
N PRO E 253 12.49 22.46 -15.41
CA PRO E 253 11.76 22.08 -16.64
C PRO E 253 10.74 23.11 -17.08
N SER E 254 10.03 23.73 -16.12
CA SER E 254 9.07 24.76 -16.48
C SER E 254 9.76 25.98 -17.08
N ILE E 255 10.91 26.36 -16.54
CA ILE E 255 11.63 27.53 -17.07
C ILE E 255 12.06 27.27 -18.51
N LEU E 256 12.63 26.09 -18.77
CA LEU E 256 13.13 25.81 -20.11
C LEU E 256 12.01 25.76 -21.14
N ILE E 257 10.89 25.10 -20.80
CA ILE E 257 9.76 25.06 -21.72
C ILE E 257 9.24 26.46 -21.99
N THR E 258 9.24 27.32 -20.97
CA THR E 258 8.80 28.69 -21.17
C THR E 258 9.71 29.42 -22.15
N ILE E 259 11.03 29.24 -22.00
CA ILE E 259 11.95 29.85 -22.95
C ILE E 259 11.76 29.24 -24.34
N LEU E 260 11.44 27.95 -24.39
CA LEU E 260 11.20 27.30 -25.68
C LEU E 260 10.02 27.93 -26.39
N SER E 261 8.95 28.25 -25.65
CA SER E 261 7.77 28.84 -26.27
C SER E 261 8.07 30.17 -26.94
N TRP E 262 9.15 30.85 -26.54
CA TRP E 262 9.52 32.10 -27.19
C TRP E 262 10.26 31.87 -28.50
N VAL E 263 10.71 30.64 -28.77
CA VAL E 263 11.30 30.34 -30.07
C VAL E 263 10.31 30.62 -31.19
N SER E 264 9.02 30.57 -30.90
CA SER E 264 7.99 30.85 -31.89
C SER E 264 8.05 32.26 -32.41
N PHE E 265 8.44 33.22 -31.57
CA PHE E 265 8.49 34.62 -31.96
C PHE E 265 9.60 34.91 -32.96
N TRP E 266 10.56 34.00 -33.13
CA TRP E 266 11.67 34.16 -34.04
C TRP E 266 11.51 33.33 -35.30
N ILE E 267 10.33 32.77 -35.54
CA ILE E 267 10.04 32.01 -36.74
C ILE E 267 9.10 32.84 -37.61
N ASN E 268 9.20 32.66 -38.92
CA ASN E 268 8.40 33.44 -39.87
C ASN E 268 6.92 33.29 -39.59
N TYR E 269 6.18 34.38 -39.79
CA TYR E 269 4.73 34.38 -39.56
C TYR E 269 4.02 33.34 -40.43
N ASP E 270 4.60 33.01 -41.59
CA ASP E 270 3.96 32.12 -42.54
C ASP E 270 4.20 30.64 -42.23
N ALA E 271 5.09 30.32 -41.29
CA ALA E 271 5.34 28.94 -40.91
C ALA E 271 4.30 28.46 -39.89
N SER E 272 3.04 28.43 -40.35
CA SER E 272 1.94 28.11 -39.45
C SER E 272 2.09 26.73 -38.83
N ALA E 273 2.49 25.74 -39.64
CA ALA E 273 2.64 24.38 -39.12
C ALA E 273 3.72 24.31 -38.06
N ALA E 274 4.86 24.96 -38.31
CA ALA E 274 5.97 24.92 -37.37
C ALA E 274 5.64 25.64 -36.06
N ARG E 275 5.00 26.81 -36.15
CA ARG E 275 4.76 27.61 -34.96
C ARG E 275 3.61 27.05 -34.12
N VAL E 276 2.61 26.47 -34.77
CA VAL E 276 1.53 25.82 -34.03
C VAL E 276 2.04 24.54 -33.38
N ALA E 277 2.85 23.76 -34.10
CA ALA E 277 3.37 22.51 -33.55
C ALA E 277 4.23 22.79 -32.33
N LEU E 278 5.09 23.80 -32.40
CA LEU E 278 5.89 24.18 -31.25
C LEU E 278 4.99 24.70 -30.14
N GLY E 279 4.01 25.53 -30.49
CA GLY E 279 3.13 26.12 -29.49
C GLY E 279 2.25 25.11 -28.78
N ILE E 280 1.64 24.20 -29.55
CA ILE E 280 0.70 23.27 -28.93
C ILE E 280 1.43 22.15 -28.19
N THR E 281 2.65 21.80 -28.61
CA THR E 281 3.38 20.75 -27.94
C THR E 281 3.99 21.21 -26.61
N THR E 282 4.37 22.48 -26.50
CA THR E 282 4.79 23.05 -25.23
C THR E 282 3.65 23.22 -24.25
N VAL E 283 2.44 23.55 -24.72
CA VAL E 283 1.26 23.56 -23.86
C VAL E 283 1.02 22.15 -23.35
N LEU E 284 1.14 21.17 -24.26
CA LEU E 284 1.03 19.77 -23.85
C LEU E 284 2.15 19.42 -22.86
N THR E 285 3.36 19.92 -23.11
CA THR E 285 4.48 19.64 -22.24
C THR E 285 4.26 20.23 -20.85
N MET E 286 3.71 21.45 -20.79
CA MET E 286 3.45 22.06 -19.50
C MET E 286 2.42 21.26 -18.70
N THR E 287 1.38 20.76 -19.37
CA THR E 287 0.43 19.90 -18.68
C THR E 287 1.14 18.62 -18.22
N THR E 288 1.99 18.06 -19.08
CA THR E 288 2.77 16.88 -18.72
C THR E 288 3.59 17.14 -17.47
N ILE E 289 4.29 18.29 -17.44
CA ILE E 289 5.09 18.65 -16.27
C ILE E 289 4.20 18.77 -15.04
N ASN E 290 3.04 19.41 -15.18
CA ASN E 290 2.22 19.67 -14.00
C ASN E 290 1.60 18.38 -13.48
N THR E 291 1.22 17.48 -14.38
CA THR E 291 0.47 16.29 -13.97
C THR E 291 1.35 15.37 -13.13
N HIS E 292 2.47 14.93 -13.70
CA HIS E 292 3.33 13.97 -13.03
C HIS E 292 4.07 14.57 -11.85
N LEU E 293 3.97 15.89 -11.64
CA LEU E 293 4.36 16.51 -10.40
C LEU E 293 3.20 16.63 -9.41
N ARG E 294 1.99 16.92 -9.89
CA ARG E 294 0.88 17.21 -8.99
C ARG E 294 0.48 16.01 -8.13
N GLU E 295 0.90 14.81 -8.50
CA GLU E 295 0.65 13.64 -7.67
C GLU E 295 1.58 13.57 -6.46
N THR E 296 2.52 14.50 -6.32
CA THR E 296 3.37 14.58 -5.14
C THR E 296 2.70 15.30 -3.98
N LEU E 297 1.54 15.92 -4.19
CA LEU E 297 0.88 16.64 -3.12
C LEU E 297 -0.58 16.21 -2.96
N PRO E 298 -1.07 16.14 -1.73
CA PRO E 298 -2.46 15.79 -1.50
C PRO E 298 -3.40 16.85 -2.04
N LYS E 299 -4.71 16.57 -1.89
CA LYS E 299 -5.75 17.48 -2.36
C LYS E 299 -5.87 18.58 -1.32
N ILE E 300 -5.01 19.58 -1.44
CA ILE E 300 -5.01 20.75 -0.57
C ILE E 300 -5.51 21.97 -1.34
N PRO E 301 -6.76 22.38 -1.16
CA PRO E 301 -7.30 23.48 -1.98
C PRO E 301 -7.03 24.86 -1.38
N TYR E 302 -5.80 25.30 -1.56
CA TYR E 302 -5.46 26.72 -1.48
C TYR E 302 -4.16 26.96 -2.24
N VAL E 303 -3.96 28.23 -2.60
CA VAL E 303 -2.92 28.60 -3.55
C VAL E 303 -1.55 28.40 -2.91
N LYS E 304 -0.61 27.81 -3.65
CA LYS E 304 0.70 27.62 -3.07
C LYS E 304 1.75 28.27 -3.97
N ALA E 305 2.99 28.33 -3.46
CA ALA E 305 4.05 28.97 -4.24
C ALA E 305 4.36 28.19 -5.51
N ILE E 306 4.37 26.86 -5.44
CA ILE E 306 4.63 26.06 -6.63
C ILE E 306 3.52 26.26 -7.66
N ASP E 307 2.27 26.35 -7.20
CA ASP E 307 1.15 26.56 -8.11
C ASP E 307 1.26 27.88 -8.87
N MET E 308 1.62 28.96 -8.16
CA MET E 308 1.72 30.25 -8.84
C MET E 308 2.80 30.23 -9.92
N TYR E 309 3.94 29.60 -9.63
CA TYR E 309 5.02 29.60 -10.63
C TYR E 309 4.63 28.74 -11.82
N LEU E 310 4.10 27.54 -11.55
CA LEU E 310 3.71 26.65 -12.63
C LEU E 310 2.59 27.27 -13.47
N MET E 311 1.65 27.95 -12.82
CA MET E 311 0.58 28.61 -13.56
C MET E 311 1.07 29.88 -14.24
N GLY E 312 2.07 30.56 -13.68
CA GLY E 312 2.68 31.67 -14.38
C GLY E 312 3.31 31.24 -15.68
N CYS E 313 4.04 30.12 -15.66
CA CYS E 313 4.64 29.61 -16.88
C CYS E 313 3.58 29.03 -17.82
N PHE E 314 2.53 28.43 -17.27
CA PHE E 314 1.46 27.90 -18.11
C PHE E 314 0.75 29.02 -18.86
N VAL E 315 0.53 30.16 -18.20
CA VAL E 315 -0.11 31.29 -18.87
C VAL E 315 0.77 31.82 -19.99
N PHE E 316 2.09 31.81 -19.79
CA PHE E 316 3.00 32.34 -20.81
C PHE E 316 2.97 31.47 -22.06
N VAL E 317 3.08 30.15 -21.90
CA VAL E 317 3.02 29.28 -23.06
C VAL E 317 1.63 29.34 -23.70
N PHE E 318 0.59 29.49 -22.88
CA PHE E 318 -0.76 29.70 -23.41
C PHE E 318 -0.82 30.94 -24.28
N LEU E 319 -0.17 32.02 -23.84
CA LEU E 319 -0.21 33.28 -24.60
C LEU E 319 0.66 33.21 -25.84
N ALA E 320 1.78 32.47 -25.79
CA ALA E 320 2.65 32.36 -26.95
C ALA E 320 1.92 31.69 -28.12
N LEU E 321 1.12 30.67 -27.81
CA LEU E 321 0.31 30.04 -28.86
C LEU E 321 -0.87 30.93 -29.25
N LEU E 322 -1.46 31.63 -28.27
CA LEU E 322 -2.54 32.56 -28.57
C LEU E 322 -2.03 33.79 -29.30
N GLU E 323 -0.76 34.16 -29.11
CA GLU E 323 -0.22 35.33 -29.79
C GLU E 323 -0.17 35.11 -31.29
N TYR E 324 0.02 33.87 -31.74
CA TYR E 324 0.11 33.61 -33.18
C TYR E 324 -1.25 33.71 -33.86
N ALA E 325 -2.33 33.43 -33.11
CA ALA E 325 -3.67 33.63 -33.66
C ALA E 325 -3.86 35.06 -34.14
N PHE E 326 -3.43 36.04 -33.35
CA PHE E 326 -3.49 37.43 -33.79
C PHE E 326 -2.55 37.68 -34.96
N VAL E 327 -1.35 37.09 -34.92
CA VAL E 327 -0.38 37.30 -35.99
C VAL E 327 -0.91 36.78 -37.32
N ASN E 328 -1.39 35.54 -37.33
CA ASN E 328 -1.89 34.94 -38.57
C ASN E 328 -3.11 35.68 -39.09
N TYR E 329 -4.07 36.00 -38.21
CA TYR E 329 -5.28 36.66 -38.66
C TYR E 329 -5.00 38.06 -39.20
N ILE E 330 -4.17 38.84 -38.50
CA ILE E 330 -3.95 40.24 -38.87
C ILE E 330 -3.16 40.37 -40.17
N PHE E 331 -2.61 39.28 -40.69
CA PHE E 331 -2.04 39.26 -42.04
C PHE E 331 -3.04 38.76 -43.07
N PHE E 332 -3.50 37.52 -42.93
CA PHE E 332 -4.35 36.91 -43.94
C PHE E 332 -5.79 37.44 -43.89
N GLY E 333 -6.31 37.71 -42.70
CA GLY E 333 -7.66 38.24 -42.64
C GLY E 333 -7.80 39.71 -42.98
N ARG E 334 -6.69 40.44 -43.08
CA ARG E 334 -6.71 41.86 -43.42
C ARG E 334 -5.45 42.23 -44.20
N ASP E 444 3.75 45.79 -39.68
CA ASP E 444 2.54 45.55 -38.89
C ASP E 444 2.51 44.11 -38.37
N VAL E 445 2.66 43.16 -39.29
CA VAL E 445 2.75 41.76 -38.88
C VAL E 445 4.08 41.49 -38.20
N ASN E 446 5.18 42.00 -38.76
CA ASN E 446 6.48 41.79 -38.15
C ASN E 446 6.65 42.63 -36.88
N ALA E 447 5.95 43.76 -36.78
CA ALA E 447 6.04 44.58 -35.58
C ALA E 447 5.52 43.85 -34.34
N ILE E 448 4.40 43.14 -34.48
CA ILE E 448 3.83 42.43 -33.34
C ILE E 448 4.76 41.33 -32.87
N ASP E 449 5.33 40.56 -33.80
CA ASP E 449 6.29 39.54 -33.41
C ASP E 449 7.56 40.18 -32.82
N ARG E 450 8.00 41.29 -33.40
CA ARG E 450 9.22 41.94 -32.91
C ARG E 450 9.07 42.38 -31.46
N TRP E 451 7.93 42.97 -31.11
CA TRP E 451 7.70 43.41 -29.74
C TRP E 451 7.59 42.21 -28.79
N SER E 452 6.94 41.13 -29.25
CA SER E 452 6.82 39.95 -28.40
C SER E 452 8.18 39.36 -28.06
N ARG E 453 9.17 39.54 -28.95
CA ARG E 453 10.52 39.06 -28.69
C ARG E 453 11.15 39.75 -27.49
N ILE E 454 10.61 40.89 -27.08
CA ILE E 454 11.10 41.64 -25.92
C ILE E 454 10.13 41.55 -24.74
N VAL E 455 8.84 41.75 -24.99
CA VAL E 455 7.86 41.81 -23.91
C VAL E 455 7.81 40.48 -23.16
N PHE E 456 7.77 39.37 -23.89
CA PHE E 456 7.65 38.07 -23.23
C PHE E 456 8.88 37.75 -22.38
N PRO E 457 10.12 37.85 -22.88
CA PRO E 457 11.26 37.67 -21.97
C PRO E 457 11.26 38.66 -20.82
N PHE E 458 10.87 39.91 -21.07
CA PHE E 458 10.88 40.92 -20.02
C PHE E 458 9.80 40.64 -18.96
N THR E 459 8.58 40.33 -19.41
CA THR E 459 7.50 40.09 -18.46
C THR E 459 7.78 38.86 -17.60
N PHE E 460 8.41 37.83 -18.17
CA PHE E 460 8.71 36.63 -17.41
C PHE E 460 9.76 36.91 -16.34
N SER E 461 10.75 37.75 -16.66
CA SER E 461 11.73 38.16 -15.66
C SER E 461 11.08 39.00 -14.56
N LEU E 462 10.15 39.88 -14.94
CA LEU E 462 9.41 40.64 -13.93
C LEU E 462 8.61 39.73 -13.03
N PHE E 463 7.98 38.70 -13.60
CA PHE E 463 7.26 37.71 -12.80
C PHE E 463 8.20 36.97 -11.86
N ASN E 464 9.39 36.60 -12.35
CA ASN E 464 10.35 35.88 -11.51
C ASN E 464 10.85 36.77 -10.36
N LEU E 465 11.17 38.02 -10.65
CA LEU E 465 11.62 38.94 -9.61
C LEU E 465 10.58 39.05 -8.50
N VAL E 466 9.34 39.36 -8.87
CA VAL E 466 8.27 39.52 -7.87
C VAL E 466 8.07 38.21 -7.09
N TYR E 467 8.12 37.07 -7.78
CA TYR E 467 7.87 35.80 -7.12
C TYR E 467 8.94 35.50 -6.07
N TRP E 468 10.22 35.57 -6.46
CA TRP E 468 11.28 35.17 -5.54
C TRP E 468 11.38 36.14 -4.35
N LEU E 469 11.23 37.43 -4.60
CA LEU E 469 11.23 38.40 -3.50
C LEU E 469 10.09 38.13 -2.52
N TYR E 470 8.90 37.85 -3.04
CA TYR E 470 7.75 37.63 -2.17
C TYR E 470 7.93 36.39 -1.30
N TYR E 471 8.48 35.31 -1.86
CA TYR E 471 8.65 34.07 -1.14
C TYR E 471 10.03 33.89 -0.53
N VAL E 472 10.92 34.88 -0.66
CA VAL E 472 12.23 34.82 -0.03
C VAL E 472 12.56 36.17 0.58
#